data_8FOX
#
_entry.id   8FOX
#
_cell.length_a   63.450
_cell.length_b   251.130
_cell.length_c   68.010
_cell.angle_alpha   90.000
_cell.angle_beta   108.710
_cell.angle_gamma   90.000
#
_symmetry.space_group_name_H-M   'P 1 21 1'
#
loop_
_entity.id
_entity.type
_entity.pdbx_description
1 polymer 'Tryptophan 5-halogenase'
2 non-polymer 'SULFATE ION'
3 water water
#
_entity_poly.entity_id   1
_entity_poly.type   'polypeptide(L)'
_entity_poly.pdbx_seq_one_letter_code
;PMLKNVVVVGGGTAGWMTASYLTAAFGDRIGVTLVESKRVGSIGVGEATFSTVRHFFEYLGLEEKEWMPACNATYKLAIR
FENWREPGHHFYHPFERQRVVDGFPLTDWWLREPRSDRFDKDCFLVGTLCDDLKSPRQLNGELFEGGLGGRSAYRTTLAE
QTTQFPYAYHFDATLVANYLRDYAVARGVKHVLDDVQDVALDDRGWISHVVTGESGNLTGDLFIDCTGFRSLLLGKALAE
PFQSYQDSLPNDSAVALRVPQDMENRGLRPCTTATAQEAGWIWTIPLFDRIGTGYVYAGDYISPEEAERTLRAFVGPAAE
HADANHIKMRIGRSNRHWVNNCVAVGLSSGFVEPLESTGIFFIQHAIEQLVKHFPDERWDDGLRTAYNKLVNNVMDGVRE
FLVVHYYAAKRQDNQYWKDAKTRPLPDGLAERLERWQTRLPDNESVFPHYHGFESYSYVCMLLGLGGLDLKSSPALGLMD
AAPARHEFKLVGEQAAELARTLPTQYEYFAQLHRAR
;
_entity_poly.pdbx_strand_id   A,B,C,D
#
# COMPACT_ATOMS: atom_id res chain seq x y z
N PRO A 1 59.85 -42.09 5.74
CA PRO A 1 58.89 -41.42 4.86
C PRO A 1 58.74 -39.92 5.16
N MET A 2 59.24 -39.48 6.31
CA MET A 2 59.08 -38.10 6.74
C MET A 2 60.15 -37.21 6.12
N LEU A 3 59.79 -35.94 5.93
CA LEU A 3 60.77 -34.94 5.55
C LEU A 3 61.80 -34.77 6.67
N LYS A 4 63.00 -34.33 6.31
CA LYS A 4 64.06 -34.17 7.28
C LYS A 4 64.43 -32.73 7.60
N ASN A 5 64.22 -31.79 6.68
CA ASN A 5 64.71 -30.44 6.89
C ASN A 5 63.78 -29.41 6.28
N VAL A 6 63.46 -28.38 7.07
CA VAL A 6 62.71 -27.22 6.61
C VAL A 6 63.65 -26.03 6.61
N VAL A 7 63.56 -25.21 5.56
CA VAL A 7 64.33 -23.96 5.49
C VAL A 7 63.35 -22.81 5.40
N VAL A 8 63.37 -21.94 6.40
CA VAL A 8 62.56 -20.72 6.43
C VAL A 8 63.43 -19.58 5.91
N VAL A 9 62.97 -18.90 4.87
CA VAL A 9 63.73 -17.81 4.26
C VAL A 9 63.05 -16.50 4.65
N GLY A 10 63.70 -15.75 5.53
CA GLY A 10 63.16 -14.49 6.00
C GLY A 10 62.77 -14.61 7.47
N GLY A 11 62.98 -13.53 8.21
CA GLY A 11 62.63 -13.51 9.63
C GLY A 11 61.36 -12.75 9.91
N GLY A 12 61.44 -11.81 10.87
CA GLY A 12 60.25 -11.07 11.24
C GLY A 12 59.20 -11.98 11.87
N THR A 13 57.99 -11.43 11.98
CA THR A 13 56.90 -12.22 12.56
C THR A 13 56.59 -13.44 11.70
N ALA A 14 56.58 -13.28 10.37
CA ALA A 14 56.24 -14.41 9.50
C ALA A 14 57.23 -15.56 9.70
N GLY A 15 58.53 -15.27 9.62
CA GLY A 15 59.51 -16.33 9.71
C GLY A 15 59.59 -16.97 11.09
N TRP A 16 59.55 -16.14 12.14
CA TRP A 16 59.74 -16.69 13.48
C TRP A 16 58.46 -17.27 14.08
N MET A 17 57.28 -16.81 13.64
CA MET A 17 56.07 -17.54 13.97
C MET A 17 56.09 -18.92 13.34
N THR A 18 56.55 -19.01 12.08
CA THR A 18 56.65 -20.30 11.41
C THR A 18 57.62 -21.21 12.14
N ALA A 19 58.83 -20.72 12.42
CA ALA A 19 59.86 -21.55 13.04
C ALA A 19 59.46 -21.97 14.44
N SER A 20 58.91 -21.05 15.24
CA SER A 20 58.53 -21.39 16.61
C SER A 20 57.37 -22.37 16.63
N TYR A 21 56.40 -22.21 15.72
CA TYR A 21 55.28 -23.13 15.68
C TYR A 21 55.71 -24.52 15.25
N LEU A 22 56.64 -24.61 14.30
CA LEU A 22 57.14 -25.91 13.87
C LEU A 22 57.82 -26.65 15.02
N THR A 23 58.50 -25.93 15.91
CA THR A 23 59.14 -26.60 17.04
C THR A 23 58.12 -27.06 18.07
N ALA A 24 57.06 -26.27 18.26
CA ALA A 24 56.02 -26.69 19.20
C ALA A 24 55.25 -27.90 18.66
N ALA A 25 55.07 -27.98 17.35
CA ALA A 25 54.29 -29.07 16.76
C ALA A 25 55.12 -30.34 16.62
N PHE A 26 56.36 -30.21 16.13
CA PHE A 26 57.16 -31.37 15.75
C PHE A 26 58.37 -31.60 16.65
N GLY A 27 58.75 -30.63 17.47
CA GLY A 27 59.89 -30.84 18.36
C GLY A 27 61.17 -31.10 17.59
N ASP A 28 61.98 -32.02 18.09
CA ASP A 28 63.26 -32.36 17.47
C ASP A 28 63.11 -33.38 16.33
N ARG A 29 61.89 -33.73 15.94
CA ARG A 29 61.69 -34.78 14.95
C ARG A 29 61.93 -34.31 13.52
N ILE A 30 62.16 -33.01 13.31
CA ILE A 30 62.53 -32.48 11.99
C ILE A 30 63.44 -31.29 12.21
N GLY A 31 64.37 -31.09 11.28
CA GLY A 31 65.29 -29.97 11.36
C GLY A 31 64.69 -28.71 10.76
N VAL A 32 64.91 -27.58 11.44
CA VAL A 32 64.44 -26.28 10.99
C VAL A 32 65.61 -25.31 10.98
N THR A 33 65.81 -24.63 9.85
CA THR A 33 66.81 -23.59 9.71
C THR A 33 66.12 -22.32 9.20
N LEU A 34 66.46 -21.19 9.80
CA LEU A 34 65.93 -19.89 9.36
C LEU A 34 67.09 -18.99 8.96
N VAL A 35 67.00 -18.44 7.76
CA VAL A 35 67.99 -17.50 7.24
C VAL A 35 67.34 -16.14 7.10
N GLU A 36 67.99 -15.11 7.63
CA GLU A 36 67.46 -13.75 7.56
C GLU A 36 68.63 -12.77 7.56
N SER A 37 68.41 -11.61 6.94
CA SER A 37 69.43 -10.59 6.84
C SER A 37 69.79 -10.02 8.22
N GLY A 44 61.03 -0.90 15.95
CA GLY A 44 59.79 -1.53 16.34
C GLY A 44 58.58 -0.98 15.60
N VAL A 45 57.62 -1.86 15.30
CA VAL A 45 56.42 -1.50 14.56
C VAL A 45 55.22 -2.01 15.33
N GLY A 46 54.30 -1.11 15.69
CA GLY A 46 53.11 -1.52 16.41
C GLY A 46 52.13 -2.21 15.47
N GLU A 47 51.65 -3.38 15.89
CA GLU A 47 50.75 -4.18 15.07
C GLU A 47 49.56 -4.64 15.92
N ALA A 48 48.39 -4.70 15.30
CA ALA A 48 47.19 -5.26 15.91
C ALA A 48 46.96 -6.67 15.39
N THR A 49 46.14 -7.42 16.12
CA THR A 49 45.90 -8.83 15.82
C THR A 49 44.41 -9.13 15.87
N PHE A 50 44.08 -10.36 15.50
CA PHE A 50 42.71 -10.87 15.43
C PHE A 50 42.53 -11.99 16.46
N SER A 51 41.26 -12.30 16.75
CA SER A 51 40.83 -13.22 17.80
C SER A 51 41.65 -14.50 17.96
N THR A 52 42.04 -15.11 16.83
CA THR A 52 42.67 -16.42 16.89
C THR A 52 44.07 -16.39 17.49
N VAL A 53 44.67 -15.20 17.63
CA VAL A 53 46.06 -15.10 18.07
C VAL A 53 46.24 -15.62 19.49
N ARG A 54 45.18 -15.59 20.31
CA ARG A 54 45.25 -16.17 21.64
C ARG A 54 45.65 -17.64 21.58
N HIS A 55 45.18 -18.36 20.56
CA HIS A 55 45.49 -19.77 20.44
C HIS A 55 46.93 -20.02 19.98
N PHE A 56 47.54 -19.06 19.29
CA PHE A 56 48.93 -19.23 18.87
C PHE A 56 49.86 -19.28 20.07
N PHE A 57 49.74 -18.29 20.97
CA PHE A 57 50.61 -18.26 22.14
C PHE A 57 50.32 -19.46 23.05
N GLU A 58 49.06 -19.86 23.16
CA GLU A 58 48.70 -21.03 23.95
C GLU A 58 49.35 -22.29 23.38
N TYR A 59 49.41 -22.40 22.06
CA TYR A 59 50.03 -23.56 21.43
C TYR A 59 51.51 -23.65 21.78
N LEU A 60 52.19 -22.51 21.85
CA LEU A 60 53.60 -22.49 22.23
C LEU A 60 53.81 -22.63 23.73
N GLY A 61 52.74 -22.57 24.53
CA GLY A 61 52.87 -22.65 25.97
C GLY A 61 53.24 -21.34 26.64
N LEU A 62 52.95 -20.21 26.01
CA LEU A 62 53.33 -18.90 26.54
C LEU A 62 52.11 -18.24 27.19
N GLU A 63 52.25 -17.83 28.44
CA GLU A 63 51.22 -17.09 29.14
C GLU A 63 51.40 -15.58 28.88
N GLU A 64 50.27 -14.85 28.94
CA GLU A 64 50.32 -13.42 28.68
C GLU A 64 51.32 -12.70 29.58
N LYS A 65 51.39 -13.09 30.85
CA LYS A 65 52.33 -12.43 31.76
C LYS A 65 53.77 -12.68 31.38
N GLU A 66 54.04 -13.70 30.58
CA GLU A 66 55.43 -13.99 30.17
C GLU A 66 55.86 -13.12 29.00
N TRP A 67 55.01 -13.00 27.98
CA TRP A 67 55.44 -12.37 26.73
C TRP A 67 54.96 -10.94 26.55
N MET A 68 53.82 -10.57 27.14
CA MET A 68 53.31 -9.22 26.93
C MET A 68 54.25 -8.14 27.44
N PRO A 69 54.82 -8.22 28.65
CA PRO A 69 55.76 -7.17 29.09
C PRO A 69 56.97 -7.03 28.19
N ALA A 70 57.49 -8.14 27.67
CA ALA A 70 58.68 -8.11 26.82
C ALA A 70 58.40 -7.54 25.44
N CYS A 71 57.13 -7.45 25.03
CA CYS A 71 56.79 -7.04 23.67
C CYS A 71 55.99 -5.74 23.64
N ASN A 72 56.01 -4.97 24.73
CA ASN A 72 55.33 -3.67 24.81
C ASN A 72 53.84 -3.82 24.49
N ALA A 73 53.25 -4.94 24.89
CA ALA A 73 51.94 -5.33 24.41
C ALA A 73 50.82 -4.80 25.29
N THR A 74 49.65 -4.65 24.68
CA THR A 74 48.42 -4.29 25.38
C THR A 74 47.28 -5.16 24.85
N TYR A 75 46.13 -5.04 25.50
CA TYR A 75 44.96 -5.79 25.06
C TYR A 75 44.22 -5.04 23.95
N LYS A 76 43.63 -5.82 23.05
CA LYS A 76 42.75 -5.29 22.00
C LYS A 76 41.39 -5.96 22.17
N LEU A 77 40.42 -5.22 22.69
CA LEU A 77 39.08 -5.74 22.88
C LEU A 77 38.14 -5.40 21.72
N ALA A 78 38.53 -4.48 20.85
CA ALA A 78 37.64 -3.97 19.82
C ALA A 78 38.44 -3.11 18.85
N ILE A 79 37.78 -2.72 17.76
CA ILE A 79 38.22 -1.64 16.91
C ILE A 79 37.22 -0.50 17.04
N ARG A 80 37.73 0.71 17.28
CA ARG A 80 36.90 1.90 17.35
C ARG A 80 36.90 2.57 15.97
N PHE A 81 35.75 2.59 15.32
CA PHE A 81 35.62 3.15 13.98
C PHE A 81 35.10 4.58 14.07
N GLU A 82 35.90 5.54 13.58
CA GLU A 82 35.57 6.96 13.68
C GLU A 82 35.36 7.56 12.30
N ASN A 83 34.28 8.33 12.16
CA ASN A 83 33.98 9.14 10.99
C ASN A 83 33.74 8.33 9.72
N TRP A 84 33.32 7.07 9.85
CA TRP A 84 32.96 6.29 8.68
C TRP A 84 31.52 6.54 8.25
N ARG A 85 30.62 6.78 9.20
CA ARG A 85 29.24 7.09 8.89
C ARG A 85 29.02 8.58 8.69
N GLU A 86 29.55 9.40 9.59
CA GLU A 86 29.32 10.85 9.55
C GLU A 86 30.36 11.50 10.45
N PRO A 87 30.65 12.78 10.23
CA PRO A 87 31.68 13.47 11.03
C PRO A 87 31.30 13.51 12.51
N GLY A 88 32.27 13.16 13.35
CA GLY A 88 32.05 13.16 14.78
C GLY A 88 31.39 11.92 15.33
N HIS A 89 31.10 10.93 14.50
CA HIS A 89 30.44 9.71 14.92
C HIS A 89 31.47 8.60 15.07
N HIS A 90 31.30 7.79 16.11
CA HIS A 90 32.14 6.61 16.29
C HIS A 90 31.29 5.47 16.83
N PHE A 91 31.76 4.25 16.58
CA PHE A 91 31.17 3.04 17.13
C PHE A 91 32.28 2.02 17.30
N TYR A 92 32.00 1.01 18.12
CA TYR A 92 32.95 -0.06 18.37
C TYR A 92 32.56 -1.32 17.62
N HIS A 93 33.55 -1.96 17.01
CA HIS A 93 33.45 -3.33 16.53
C HIS A 93 34.10 -4.20 17.60
N PRO A 94 33.34 -4.76 18.52
CA PRO A 94 33.95 -5.50 19.64
C PRO A 94 34.20 -6.97 19.30
N PHE A 95 35.22 -7.52 19.95
CA PHE A 95 35.38 -8.96 20.03
C PHE A 95 34.40 -9.45 21.09
N GLU A 96 33.14 -9.56 20.69
CA GLU A 96 32.06 -9.91 21.61
C GLU A 96 30.98 -10.62 20.82
N ARG A 97 30.73 -11.88 21.15
CA ARG A 97 29.79 -12.69 20.39
C ARG A 97 28.35 -12.36 20.81
N GLN A 98 27.41 -12.81 19.97
CA GLN A 98 26.04 -12.31 20.05
C GLN A 98 25.31 -12.81 21.29
N ARG A 99 24.49 -11.92 21.86
CA ARG A 99 23.46 -12.34 22.80
C ARG A 99 22.20 -12.65 22.00
N VAL A 100 21.73 -13.89 22.09
CA VAL A 100 20.60 -14.36 21.30
C VAL A 100 19.44 -14.62 22.25
N VAL A 101 18.29 -14.01 21.96
CA VAL A 101 17.12 -14.08 22.82
C VAL A 101 15.98 -14.69 22.01
N ASP A 102 15.58 -15.91 22.39
CA ASP A 102 14.48 -16.63 21.72
C ASP A 102 14.75 -16.78 20.22
N GLY A 103 16.01 -16.99 19.86
CA GLY A 103 16.39 -17.23 18.49
C GLY A 103 16.74 -15.99 17.69
N PHE A 104 16.64 -14.80 18.28
CA PHE A 104 16.93 -13.56 17.58
C PHE A 104 18.03 -12.79 18.32
N PRO A 105 19.06 -12.33 17.62
CA PRO A 105 20.11 -11.56 18.29
C PRO A 105 19.56 -10.29 18.91
N LEU A 106 20.21 -9.85 19.99
CA LEU A 106 19.79 -8.62 20.67
C LEU A 106 19.85 -7.43 19.73
N THR A 107 20.77 -7.45 18.76
CA THR A 107 20.87 -6.37 17.78
C THR A 107 19.61 -6.30 16.91
N ASP A 108 18.96 -7.43 16.65
CA ASP A 108 17.71 -7.42 15.91
C ASP A 108 16.61 -6.73 16.71
N TRP A 109 16.51 -7.07 18.00
CA TRP A 109 15.59 -6.38 18.89
C TRP A 109 15.89 -4.89 18.96
N TRP A 110 17.16 -4.52 19.02
CA TRP A 110 17.54 -3.12 19.06
C TRP A 110 17.09 -2.40 17.80
N LEU A 111 17.30 -3.03 16.63
CA LEU A 111 16.94 -2.39 15.37
C LEU A 111 15.45 -2.11 15.28
N ARG A 112 14.62 -2.96 15.88
CA ARG A 112 13.18 -2.74 15.85
C ARG A 112 12.81 -1.51 16.67
N GLU A 113 13.37 -1.38 17.86
CA GLU A 113 13.07 -0.27 18.78
C GLU A 113 14.37 0.20 19.39
N PRO A 114 15.09 1.08 18.69
CA PRO A 114 16.39 1.55 19.19
C PRO A 114 16.24 2.26 20.53
N ARG A 115 17.06 1.84 21.50
CA ARG A 115 17.00 2.40 22.84
C ARG A 115 17.85 3.65 23.00
N SER A 116 18.74 3.93 22.07
CA SER A 116 19.55 5.14 22.10
C SER A 116 20.12 5.39 20.71
N ASP A 117 21.02 6.37 20.60
CA ASP A 117 21.71 6.64 19.35
C ASP A 117 22.79 5.61 19.06
N ARG A 118 23.21 4.83 20.05
CA ARG A 118 24.39 3.97 19.96
C ARG A 118 23.99 2.52 20.18
N PHE A 119 23.91 1.76 19.10
CA PHE A 119 23.62 0.33 19.21
C PHE A 119 24.70 -0.38 20.02
N ASP A 120 25.96 0.04 19.88
CA ASP A 120 27.05 -0.66 20.55
C ASP A 120 27.03 -0.42 22.06
N LYS A 121 26.47 0.70 22.50
CA LYS A 121 26.30 0.93 23.94
C LYS A 121 25.18 0.06 24.51
N ASP A 122 24.08 -0.08 23.78
CA ASP A 122 22.93 -0.81 24.29
C ASP A 122 23.11 -2.32 24.22
N CYS A 123 23.84 -2.82 23.23
CA CYS A 123 23.87 -4.25 22.98
C CYS A 123 25.14 -4.94 23.47
N PHE A 124 26.22 -4.21 23.71
CA PHE A 124 27.52 -4.80 24.02
C PHE A 124 28.07 -4.25 25.32
N LEU A 125 28.96 -5.03 25.94
CA LEU A 125 29.71 -4.57 27.11
C LEU A 125 31.04 -3.92 26.75
N VAL A 126 31.70 -4.41 25.69
CA VAL A 126 33.12 -4.15 25.50
C VAL A 126 33.38 -2.69 25.12
N GLY A 127 32.48 -2.06 24.37
CA GLY A 127 32.68 -0.67 24.01
C GLY A 127 32.84 0.24 25.21
N THR A 128 32.03 -0.01 26.24
CA THR A 128 32.14 0.77 27.48
C THR A 128 33.45 0.48 28.20
N LEU A 129 33.92 -0.77 28.16
CA LEU A 129 35.21 -1.10 28.75
C LEU A 129 36.34 -0.35 28.06
N CYS A 130 36.22 -0.17 26.74
CA CYS A 130 37.24 0.58 26.00
C CYS A 130 37.21 2.06 26.37
N ASP A 131 36.01 2.64 26.45
CA ASP A 131 35.89 4.04 26.86
C ASP A 131 36.51 4.30 28.22
N ASP A 132 36.45 3.32 29.13
CA ASP A 132 36.96 3.48 30.47
C ASP A 132 38.38 2.93 30.63
N LEU A 133 39.06 2.63 29.53
CA LEU A 133 40.47 2.22 29.53
C LEU A 133 40.71 0.95 30.33
N LYS A 134 39.72 0.06 30.36
CA LYS A 134 39.74 -1.08 31.27
C LYS A 134 40.64 -2.21 30.76
N SER A 135 41.26 -2.89 31.72
CA SER A 135 41.85 -4.20 31.45
C SER A 135 40.74 -5.25 31.44
N PRO A 136 40.86 -6.27 30.59
CA PRO A 136 39.89 -7.37 30.64
C PRO A 136 40.11 -8.31 31.81
N ARG A 137 41.27 -8.26 32.45
CA ARG A 137 41.57 -9.06 33.62
C ARG A 137 41.44 -8.23 34.88
N GLN A 138 40.83 -8.81 35.91
CA GLN A 138 40.77 -8.15 37.20
C GLN A 138 42.13 -8.22 37.88
N LEU A 139 42.28 -7.45 38.95
CA LEU A 139 43.54 -7.47 39.68
C LEU A 139 43.83 -8.84 40.27
N ASN A 140 42.81 -9.67 40.49
CA ASN A 140 43.02 -11.03 40.97
C ASN A 140 43.49 -11.98 39.89
N GLY A 141 43.75 -11.48 38.67
CA GLY A 141 44.28 -12.28 37.59
C GLY A 141 43.25 -12.92 36.69
N GLU A 142 41.97 -12.82 37.03
CA GLU A 142 40.91 -13.51 36.29
C GLU A 142 40.31 -12.59 35.22
N LEU A 143 39.99 -13.19 34.07
CA LEU A 143 39.19 -12.49 33.07
C LEU A 143 37.82 -12.16 33.65
N PHE A 144 37.25 -11.04 33.21
CA PHE A 144 36.02 -10.55 33.82
C PHE A 144 34.83 -11.45 33.54
N GLU A 145 34.88 -12.25 32.48
CA GLU A 145 33.77 -13.09 32.09
C GLU A 145 33.37 -14.08 33.18
N THR A 163 34.46 -18.83 25.15
CA THR A 163 34.30 -17.46 25.64
C THR A 163 33.36 -16.67 24.73
N GLN A 164 32.71 -15.66 25.30
CA GLN A 164 31.96 -14.69 24.51
C GLN A 164 32.84 -13.53 24.04
N PHE A 165 34.09 -13.46 24.52
CA PHE A 165 34.96 -12.31 24.27
C PHE A 165 36.27 -12.80 23.68
N PRO A 166 36.30 -13.13 22.38
CA PRO A 166 37.54 -13.61 21.73
C PRO A 166 38.47 -12.45 21.36
N TYR A 167 39.17 -11.93 22.38
CA TYR A 167 39.95 -10.71 22.22
C TYR A 167 41.30 -11.01 21.58
N ALA A 168 42.09 -9.95 21.37
CA ALA A 168 43.40 -10.06 20.74
C ALA A 168 44.33 -9.06 21.43
N TYR A 169 45.42 -8.68 20.75
CA TYR A 169 46.44 -7.86 21.36
C TYR A 169 46.95 -6.80 20.39
N HIS A 170 47.59 -5.79 20.96
CA HIS A 170 48.52 -4.93 20.23
C HIS A 170 49.92 -5.26 20.73
N PHE A 171 50.89 -5.34 19.81
CA PHE A 171 52.26 -5.55 20.25
C PHE A 171 53.25 -4.95 19.27
N ASP A 172 54.49 -4.84 19.71
CA ASP A 172 55.61 -4.45 18.85
C ASP A 172 56.04 -5.68 18.06
N ALA A 173 55.81 -5.66 16.75
CA ALA A 173 56.08 -6.84 15.93
C ALA A 173 57.56 -7.21 15.95
N THR A 174 58.45 -6.23 16.08
CA THR A 174 59.88 -6.54 16.15
C THR A 174 60.22 -7.25 17.45
N LEU A 175 59.63 -6.80 18.56
CA LEU A 175 59.90 -7.45 19.85
C LEU A 175 59.32 -8.85 19.89
N VAL A 176 58.16 -9.06 19.27
CA VAL A 176 57.58 -10.40 19.19
C VAL A 176 58.47 -11.32 18.37
N ALA A 177 58.99 -10.80 17.23
CA ALA A 177 59.89 -11.61 16.41
C ALA A 177 61.13 -12.02 17.18
N ASN A 178 61.71 -11.11 17.97
CA ASN A 178 62.88 -11.45 18.78
C ASN A 178 62.53 -12.46 19.87
N TYR A 179 61.37 -12.29 20.50
CA TYR A 179 60.93 -13.21 21.54
C TYR A 179 60.76 -14.62 20.99
N LEU A 180 60.10 -14.73 19.83
CA LEU A 180 59.91 -16.04 19.21
C LEU A 180 61.22 -16.60 18.67
N ARG A 181 62.11 -15.74 18.19
CA ARG A 181 63.45 -16.20 17.79
C ARG A 181 64.15 -16.89 18.95
N ASP A 182 64.21 -16.22 20.11
CA ASP A 182 64.85 -16.82 21.28
C ASP A 182 64.15 -18.12 21.66
N TYR A 183 62.83 -18.14 21.58
CA TYR A 183 62.06 -19.35 21.90
C TYR A 183 62.48 -20.51 21.01
N ALA A 184 62.53 -20.28 19.69
CA ALA A 184 62.79 -21.37 18.74
C ALA A 184 64.25 -21.77 18.74
N VAL A 185 65.16 -20.81 18.82
CA VAL A 185 66.59 -21.13 18.82
C VAL A 185 66.95 -21.94 20.06
N ALA A 186 66.35 -21.59 21.21
CA ALA A 186 66.59 -22.37 22.43
C ALA A 186 66.09 -23.79 22.30
N ARG A 187 65.14 -24.04 21.41
CA ARG A 187 64.59 -25.37 21.19
C ARG A 187 65.12 -26.04 19.93
N GLY A 188 66.21 -25.53 19.34
CA GLY A 188 66.94 -26.25 18.32
C GLY A 188 66.88 -25.69 16.91
N VAL A 189 66.20 -24.58 16.66
CA VAL A 189 66.20 -24.01 15.32
C VAL A 189 67.57 -23.42 15.03
N LYS A 190 68.12 -23.74 13.86
CA LYS A 190 69.40 -23.21 13.42
C LYS A 190 69.17 -21.83 12.78
N HIS A 191 69.93 -20.83 13.23
CA HIS A 191 69.74 -19.45 12.80
C HIS A 191 70.93 -19.04 11.94
N VAL A 192 70.65 -18.63 10.71
CA VAL A 192 71.68 -18.17 9.78
C VAL A 192 71.42 -16.70 9.51
N LEU A 193 72.40 -15.85 9.79
CA LEU A 193 72.30 -14.40 9.56
C LEU A 193 73.05 -14.08 8.28
N ASP A 194 72.32 -13.87 7.19
CA ASP A 194 72.93 -13.66 5.89
C ASP A 194 71.85 -13.22 4.91
N ASP A 195 72.28 -12.66 3.78
CA ASP A 195 71.37 -12.29 2.71
C ASP A 195 71.21 -13.46 1.74
N VAL A 196 70.04 -13.54 1.12
CA VAL A 196 69.81 -14.50 0.04
C VAL A 196 70.12 -13.81 -1.27
N GLN A 197 71.09 -14.35 -2.01
CA GLN A 197 71.53 -13.76 -3.27
C GLN A 197 70.84 -14.36 -4.48
N ASP A 198 70.36 -15.60 -4.40
CA ASP A 198 69.69 -16.24 -5.52
C ASP A 198 68.93 -17.46 -5.01
N VAL A 199 67.93 -17.86 -5.78
CA VAL A 199 67.18 -19.09 -5.54
C VAL A 199 67.33 -19.95 -6.77
N ALA A 200 67.83 -21.17 -6.58
CA ALA A 200 68.09 -22.09 -7.68
C ALA A 200 66.98 -23.14 -7.77
N LEU A 201 66.57 -23.45 -8.99
CA LEU A 201 65.61 -24.51 -9.26
C LEU A 201 66.32 -25.72 -9.84
N ASP A 202 65.78 -26.90 -9.54
CA ASP A 202 66.31 -28.13 -10.10
C ASP A 202 65.66 -28.37 -11.47
N ASP A 203 65.86 -29.56 -12.03
CA ASP A 203 65.32 -29.86 -13.36
C ASP A 203 63.81 -30.02 -13.33
N ARG A 204 63.21 -30.32 -12.17
CA ARG A 204 61.76 -30.42 -12.06
C ARG A 204 61.07 -29.08 -11.88
N GLY A 205 61.82 -28.00 -11.68
CA GLY A 205 61.22 -26.74 -11.30
C GLY A 205 60.97 -26.59 -9.82
N TRP A 206 61.46 -27.52 -9.00
CA TRP A 206 61.37 -27.40 -7.56
C TRP A 206 62.54 -26.58 -7.03
N ILE A 207 62.38 -26.04 -5.83
CA ILE A 207 63.47 -25.29 -5.21
C ILE A 207 64.60 -26.24 -4.91
N SER A 208 65.79 -25.95 -5.45
CA SER A 208 66.96 -26.74 -5.14
C SER A 208 67.64 -26.26 -3.86
N HIS A 209 67.95 -24.97 -3.79
CA HIS A 209 68.67 -24.39 -2.67
C HIS A 209 68.58 -22.88 -2.78
N VAL A 210 68.99 -22.20 -1.71
CA VAL A 210 69.10 -20.74 -1.71
C VAL A 210 70.57 -20.40 -1.55
N VAL A 211 71.03 -19.43 -2.34
CA VAL A 211 72.43 -19.00 -2.32
C VAL A 211 72.54 -17.83 -1.36
N THR A 212 73.36 -17.98 -0.33
CA THR A 212 73.57 -16.90 0.64
C THR A 212 74.78 -16.08 0.26
N GLY A 213 74.91 -14.92 0.91
CA GLY A 213 76.02 -14.02 0.61
C GLY A 213 77.36 -14.59 1.03
N GLU A 214 77.43 -15.20 2.22
CA GLU A 214 78.71 -15.69 2.71
C GLU A 214 78.60 -16.98 3.51
N SER A 215 77.50 -17.71 3.42
CA SER A 215 77.30 -18.93 4.20
C SER A 215 77.09 -20.16 3.32
N GLY A 216 77.36 -20.06 2.03
CA GLY A 216 77.12 -21.18 1.14
C GLY A 216 75.66 -21.28 0.73
N ASN A 217 75.30 -22.45 0.20
CA ASN A 217 73.96 -22.71 -0.29
C ASN A 217 73.19 -23.55 0.71
N LEU A 218 72.03 -23.06 1.13
CA LEU A 218 71.16 -23.78 2.05
C LEU A 218 70.16 -24.60 1.26
N THR A 219 70.11 -25.91 1.56
CA THR A 219 69.15 -26.79 0.93
C THR A 219 68.28 -27.46 1.98
N GLY A 220 67.16 -28.03 1.53
CA GLY A 220 66.26 -28.71 2.43
C GLY A 220 65.13 -29.34 1.65
N ASP A 221 64.25 -30.00 2.40
CA ASP A 221 63.10 -30.66 1.79
C ASP A 221 62.00 -29.65 1.47
N LEU A 222 61.68 -28.79 2.43
CA LEU A 222 60.60 -27.82 2.30
C LEU A 222 61.15 -26.43 2.54
N PHE A 223 60.81 -25.49 1.66
CA PHE A 223 61.23 -24.10 1.76
C PHE A 223 60.02 -23.24 2.08
N ILE A 224 60.15 -22.38 3.09
CA ILE A 224 59.09 -21.45 3.47
C ILE A 224 59.53 -20.06 3.05
N ASP A 225 58.75 -19.43 2.18
CA ASP A 225 59.03 -18.08 1.69
C ASP A 225 58.43 -17.08 2.65
N CYS A 226 59.27 -16.45 3.46
CA CYS A 226 58.87 -15.38 4.35
C CYS A 226 59.59 -14.08 4.00
N THR A 227 59.80 -13.84 2.70
CA THR A 227 60.57 -12.71 2.23
C THR A 227 59.73 -11.45 1.99
N GLY A 228 58.45 -11.46 2.35
CA GLY A 228 57.64 -10.27 2.24
C GLY A 228 57.07 -10.06 0.85
N PHE A 229 56.75 -8.80 0.55
CA PHE A 229 56.23 -8.44 -0.76
C PHE A 229 57.13 -8.91 -1.90
N ARG A 230 58.45 -8.96 -1.67
CA ARG A 230 59.38 -9.35 -2.72
C ARG A 230 59.14 -10.78 -3.20
N SER A 231 58.69 -11.66 -2.30
CA SER A 231 58.34 -13.05 -2.62
C SER A 231 59.40 -13.70 -3.51
N LEU A 232 60.60 -13.82 -2.95
CA LEU A 232 61.77 -14.24 -3.73
C LEU A 232 61.66 -15.69 -4.19
N LEU A 233 60.96 -16.53 -3.44
CA LEU A 233 60.88 -17.95 -3.80
C LEU A 233 59.62 -18.25 -4.63
N LEU A 234 58.45 -17.89 -4.09
CA LEU A 234 57.20 -18.22 -4.76
C LEU A 234 56.92 -17.28 -5.93
N GLY A 235 56.97 -15.96 -5.69
CA GLY A 235 56.59 -15.02 -6.72
C GLY A 235 57.64 -14.78 -7.77
N LYS A 236 58.91 -14.93 -7.42
CA LYS A 236 60.02 -14.64 -8.32
C LYS A 236 60.62 -15.90 -8.91
N ALA A 237 61.23 -16.75 -8.07
CA ALA A 237 61.90 -17.94 -8.58
C ALA A 237 60.92 -18.88 -9.26
N LEU A 238 59.78 -19.14 -8.61
CA LEU A 238 58.76 -20.01 -9.17
C LEU A 238 57.77 -19.28 -10.06
N ALA A 239 57.81 -17.94 -10.07
CA ALA A 239 57.02 -17.13 -11.01
C ALA A 239 55.53 -17.43 -10.88
N GLU A 240 55.07 -17.68 -9.66
CA GLU A 240 53.64 -17.96 -9.45
C GLU A 240 52.84 -16.68 -9.63
N PRO A 241 51.77 -16.71 -10.43
CA PRO A 241 50.99 -15.48 -10.66
C PRO A 241 50.34 -14.97 -9.38
N PHE A 242 50.16 -13.66 -9.33
CA PHE A 242 49.59 -12.98 -8.18
C PHE A 242 48.30 -12.30 -8.62
N GLN A 243 47.24 -12.53 -7.86
CA GLN A 243 45.92 -11.97 -8.16
C GLN A 243 45.75 -10.67 -7.38
N SER A 244 45.67 -9.55 -8.09
CA SER A 244 45.49 -8.26 -7.44
C SER A 244 44.05 -8.10 -6.96
N TYR A 245 43.88 -7.43 -5.82
CA TYR A 245 42.58 -7.00 -5.32
C TYR A 245 42.31 -5.52 -5.58
N GLN A 246 43.18 -4.86 -6.35
CA GLN A 246 43.17 -3.40 -6.41
C GLN A 246 41.89 -2.85 -7.04
N ASP A 247 41.24 -3.61 -7.91
CA ASP A 247 40.00 -3.13 -8.52
C ASP A 247 38.89 -2.98 -7.48
N SER A 248 38.85 -3.84 -6.47
CA SER A 248 37.83 -3.77 -5.43
C SER A 248 38.28 -2.95 -4.22
N LEU A 249 39.58 -2.95 -3.91
CA LEU A 249 40.13 -2.23 -2.77
C LEU A 249 41.29 -1.37 -3.26
N PRO A 250 41.04 -0.08 -3.52
CA PRO A 250 42.05 0.76 -4.18
C PRO A 250 43.22 1.20 -3.31
N ASN A 251 43.13 1.06 -1.98
CA ASN A 251 44.21 1.54 -1.12
C ASN A 251 45.47 0.74 -1.37
N ASP A 252 46.53 1.42 -1.80
CA ASP A 252 47.76 0.74 -2.22
C ASP A 252 49.00 1.28 -1.52
N SER A 253 48.85 2.19 -0.56
CA SER A 253 50.00 2.87 0.02
C SER A 253 49.75 3.14 1.49
N ALA A 254 50.82 3.41 2.21
CA ALA A 254 50.71 3.78 3.62
C ALA A 254 51.88 4.65 4.00
N VAL A 255 51.67 5.50 4.99
CA VAL A 255 52.72 6.26 5.65
C VAL A 255 52.51 6.11 7.15
N ALA A 256 53.58 5.84 7.88
CA ALA A 256 53.47 5.48 9.28
C ALA A 256 54.53 6.20 10.10
N LEU A 257 54.19 6.45 11.37
CA LEU A 257 55.15 7.00 12.33
C LEU A 257 54.81 6.47 13.71
N ARG A 258 55.70 6.74 14.66
CA ARG A 258 55.57 6.26 16.03
C ARG A 258 55.81 7.41 17.00
N VAL A 259 54.99 7.48 18.04
CA VAL A 259 55.11 8.52 19.07
C VAL A 259 55.00 7.84 20.43
N PRO A 260 55.48 8.50 21.49
CA PRO A 260 55.25 7.97 22.84
C PRO A 260 53.78 7.99 23.21
N GLN A 261 53.42 7.12 24.16
CA GLN A 261 52.12 7.24 24.80
C GLN A 261 52.03 8.56 25.54
N ASP A 262 50.84 9.14 25.56
CA ASP A 262 50.65 10.42 26.24
C ASP A 262 50.84 10.29 27.74
N GLY A 267 45.79 7.45 26.09
CA GLY A 267 46.12 6.64 24.94
C GLY A 267 46.09 5.14 25.21
N LEU A 268 46.08 4.76 26.50
CA LEU A 268 46.14 3.35 26.87
C LEU A 268 44.74 2.74 26.80
N ARG A 269 44.05 3.02 25.71
CA ARG A 269 42.73 2.49 25.43
C ARG A 269 42.86 1.09 24.83
N PRO A 270 42.13 0.08 25.35
CA PRO A 270 42.29 -1.30 24.89
C PRO A 270 41.62 -1.61 23.54
N CYS A 271 41.94 -0.80 22.54
CA CYS A 271 41.34 -0.99 21.22
C CYS A 271 42.21 -0.30 20.17
N THR A 272 42.08 -0.82 18.95
CA THR A 272 42.61 -0.13 17.78
C THR A 272 41.60 0.89 17.31
N THR A 273 42.08 2.05 16.85
CA THR A 273 41.22 3.06 16.29
C THR A 273 41.45 3.16 14.79
N ALA A 274 40.36 3.22 14.03
CA ALA A 274 40.40 3.37 12.58
C ALA A 274 39.57 4.60 12.22
N THR A 275 40.25 5.69 11.84
CA THR A 275 39.60 6.97 11.59
C THR A 275 39.58 7.24 10.10
N ALA A 276 38.38 7.18 9.51
CA ALA A 276 38.22 7.42 8.08
C ALA A 276 38.75 8.81 7.70
N GLN A 277 39.43 8.87 6.57
CA GLN A 277 40.00 10.10 6.02
C GLN A 277 39.47 10.32 4.61
N GLU A 278 39.94 11.39 3.95
CA GLU A 278 39.42 11.74 2.64
C GLU A 278 39.75 10.68 1.58
N ALA A 279 40.85 9.95 1.76
CA ALA A 279 41.26 8.97 0.76
C ALA A 279 41.74 7.68 1.40
N GLY A 280 41.17 7.32 2.53
CA GLY A 280 41.53 6.12 3.25
C GLY A 280 41.17 6.24 4.72
N TRP A 281 42.10 5.84 5.58
CA TRP A 281 41.82 5.86 7.01
C TRP A 281 43.15 5.86 7.75
N ILE A 282 43.12 6.31 8.99
CA ILE A 282 44.30 6.41 9.83
C ILE A 282 44.16 5.44 10.99
N TRP A 283 45.18 4.62 11.22
CA TRP A 283 45.16 3.68 12.34
C TRP A 283 45.86 4.30 13.55
N THR A 284 45.35 3.96 14.72
CA THR A 284 46.01 4.24 16.00
C THR A 284 46.14 2.91 16.72
N ILE A 285 47.38 2.49 16.97
CA ILE A 285 47.62 1.19 17.61
C ILE A 285 48.37 1.45 18.91
N PRO A 286 47.72 1.31 20.05
CA PRO A 286 48.37 1.68 21.32
C PRO A 286 49.19 0.54 21.92
N LEU A 287 50.51 0.75 22.00
CA LEU A 287 51.36 -0.12 22.79
C LEU A 287 51.40 0.40 24.22
N PHE A 288 52.18 -0.24 25.09
CA PHE A 288 52.13 0.13 26.49
C PHE A 288 52.71 1.53 26.73
N ASP A 289 53.81 1.87 26.05
CA ASP A 289 54.36 3.22 26.17
C ASP A 289 54.69 3.84 24.82
N ARG A 290 54.21 3.26 23.73
CA ARG A 290 54.34 3.81 22.40
C ARG A 290 53.00 3.75 21.69
N ILE A 291 52.81 4.62 20.72
CA ILE A 291 51.64 4.60 19.84
C ILE A 291 52.13 4.50 18.42
N GLY A 292 51.67 3.48 17.70
CA GLY A 292 51.93 3.35 16.28
C GLY A 292 50.73 3.91 15.52
N THR A 293 51.01 4.72 14.51
CA THR A 293 49.94 5.37 13.77
C THR A 293 50.34 5.48 12.30
N GLY A 294 49.33 5.45 11.43
CA GLY A 294 49.60 5.49 10.00
C GLY A 294 48.35 5.80 9.21
N TYR A 295 48.57 6.27 7.98
CA TYR A 295 47.49 6.61 7.05
C TYR A 295 47.57 5.62 5.89
N VAL A 296 46.56 4.75 5.78
CA VAL A 296 46.39 3.88 4.62
C VAL A 296 45.57 4.65 3.59
N TYR A 297 46.05 4.72 2.35
CA TYR A 297 45.42 5.60 1.38
C TYR A 297 45.60 5.06 -0.03
N ALA A 298 44.84 5.63 -0.95
CA ALA A 298 44.87 5.27 -2.36
C ALA A 298 45.67 6.32 -3.13
N GLY A 299 46.80 5.90 -3.70
CA GLY A 299 47.68 6.83 -4.39
C GLY A 299 47.05 7.55 -5.57
N ASP A 300 46.00 6.98 -6.15
CA ASP A 300 45.31 7.65 -7.24
C ASP A 300 44.52 8.86 -6.76
N TYR A 301 44.27 8.98 -5.46
CA TYR A 301 43.44 10.04 -4.92
C TYR A 301 44.19 11.08 -4.10
N ILE A 302 45.38 10.75 -3.59
CA ILE A 302 46.15 11.67 -2.77
C ILE A 302 47.62 11.27 -2.86
N SER A 303 48.51 12.27 -2.81
CA SER A 303 49.93 12.05 -2.94
C SER A 303 50.54 11.62 -1.60
N PRO A 304 51.73 11.00 -1.63
CA PRO A 304 52.36 10.62 -0.36
C PRO A 304 52.67 11.78 0.55
N GLU A 305 53.10 12.92 0.01
CA GLU A 305 53.39 14.06 0.89
C GLU A 305 52.13 14.62 1.52
N GLU A 306 50.99 14.56 0.83
CA GLU A 306 49.74 15.02 1.43
C GLU A 306 49.22 14.02 2.45
N ALA A 307 49.40 12.72 2.21
CA ALA A 307 49.07 11.74 3.23
C ALA A 307 49.90 11.96 4.48
N GLU A 308 51.20 12.24 4.31
CA GLU A 308 52.05 12.50 5.47
C GLU A 308 51.60 13.76 6.22
N ARG A 309 51.26 14.82 5.47
CA ARG A 309 50.81 16.05 6.12
C ARG A 309 49.55 15.80 6.94
N THR A 310 48.59 15.04 6.38
CA THR A 310 47.36 14.73 7.10
C THR A 310 47.65 13.94 8.36
N LEU A 311 48.51 12.92 8.25
CA LEU A 311 48.84 12.09 9.40
C LEU A 311 49.48 12.91 10.53
N ARG A 312 50.45 13.76 10.18
CA ARG A 312 51.14 14.56 11.20
C ARG A 312 50.17 15.51 11.89
N ALA A 313 49.26 16.12 11.13
CA ALA A 313 48.29 17.02 11.74
C ALA A 313 47.31 16.26 12.62
N PHE A 314 46.96 15.04 12.23
CA PHE A 314 46.03 14.23 13.03
C PHE A 314 46.65 13.86 14.37
N VAL A 315 47.91 13.42 14.37
CA VAL A 315 48.56 13.00 15.62
C VAL A 315 48.81 14.19 16.52
N GLY A 316 49.21 15.33 15.95
CA GLY A 316 49.43 16.52 16.72
C GLY A 316 50.90 16.79 16.99
N PRO A 317 51.18 17.59 18.01
CA PRO A 317 52.57 18.04 18.24
C PRO A 317 53.55 16.91 18.50
N ALA A 318 53.11 15.76 19.00
CA ALA A 318 54.03 14.66 19.26
C ALA A 318 54.65 14.11 17.98
N ALA A 319 54.01 14.32 16.82
CA ALA A 319 54.51 13.81 15.55
C ALA A 319 55.34 14.83 14.79
N GLU A 320 55.63 16.00 15.38
CA GLU A 320 56.29 17.08 14.64
C GLU A 320 57.64 16.63 14.09
N HIS A 321 58.45 15.95 14.91
CA HIS A 321 59.78 15.54 14.52
C HIS A 321 59.93 14.05 14.30
N ALA A 322 58.85 13.28 14.39
CA ALA A 322 58.94 11.84 14.20
C ALA A 322 59.24 11.51 12.74
N ASP A 323 60.01 10.45 12.54
CA ASP A 323 60.36 10.01 11.19
C ASP A 323 59.19 9.25 10.57
N ALA A 324 58.82 9.63 9.36
CA ALA A 324 57.71 9.02 8.65
C ALA A 324 58.24 7.95 7.69
N ASN A 325 57.57 6.81 7.67
CA ASN A 325 57.96 5.67 6.84
C ASN A 325 56.89 5.48 5.77
N HIS A 326 57.30 5.54 4.51
CA HIS A 326 56.39 5.38 3.38
C HIS A 326 56.48 3.97 2.82
N ILE A 327 55.32 3.40 2.49
CA ILE A 327 55.19 2.00 2.15
C ILE A 327 54.29 1.86 0.93
N LYS A 328 54.75 1.09 -0.05
CA LYS A 328 53.91 0.64 -1.15
C LYS A 328 53.44 -0.78 -0.87
N MET A 329 52.12 -1.00 -0.92
CA MET A 329 51.53 -2.27 -0.54
C MET A 329 51.19 -3.10 -1.78
N ARG A 330 51.45 -4.40 -1.71
CA ARG A 330 51.02 -5.35 -2.74
C ARG A 330 49.72 -5.99 -2.26
N ILE A 331 48.61 -5.53 -2.81
CA ILE A 331 47.28 -5.88 -2.31
C ILE A 331 46.69 -6.98 -3.17
N GLY A 332 46.47 -8.15 -2.59
CA GLY A 332 45.92 -9.28 -3.31
C GLY A 332 46.40 -10.57 -2.68
N ARG A 333 46.35 -11.64 -3.48
CA ARG A 333 46.79 -12.95 -3.02
C ARG A 333 47.44 -13.70 -4.17
N SER A 334 48.42 -14.54 -3.83
CA SER A 334 48.99 -15.44 -4.82
C SER A 334 47.91 -16.40 -5.33
N ASN A 335 48.04 -16.81 -6.59
CA ASN A 335 47.11 -17.79 -7.14
C ASN A 335 47.20 -19.11 -6.37
N ARG A 336 48.42 -19.55 -6.08
CA ARG A 336 48.65 -20.69 -5.22
C ARG A 336 49.69 -20.29 -4.17
N HIS A 337 49.57 -20.89 -2.99
CA HIS A 337 50.43 -20.54 -1.87
C HIS A 337 51.40 -21.65 -1.53
N TRP A 338 51.09 -22.89 -1.91
CA TRP A 338 52.00 -24.02 -1.83
C TRP A 338 52.20 -24.52 -3.26
N VAL A 339 53.40 -24.34 -3.79
CA VAL A 339 53.75 -24.82 -5.12
C VAL A 339 55.02 -25.66 -4.99
N ASN A 340 54.96 -26.89 -5.50
CA ASN A 340 56.07 -27.84 -5.42
C ASN A 340 56.51 -28.00 -3.97
N ASN A 341 57.77 -27.65 -3.66
CA ASN A 341 58.28 -27.75 -2.30
C ASN A 341 58.43 -26.38 -1.63
N CYS A 342 57.56 -25.44 -1.98
CA CYS A 342 57.64 -24.07 -1.45
C CYS A 342 56.28 -23.63 -0.95
N VAL A 343 56.25 -23.07 0.26
CA VAL A 343 55.04 -22.51 0.85
C VAL A 343 55.33 -21.07 1.27
N ALA A 344 54.49 -20.14 0.84
CA ALA A 344 54.63 -18.74 1.22
C ALA A 344 53.83 -18.45 2.48
N VAL A 345 54.45 -17.72 3.41
CA VAL A 345 53.82 -17.34 4.66
C VAL A 345 54.05 -15.85 4.89
N GLY A 346 52.97 -15.11 5.11
CA GLY A 346 53.09 -13.68 5.32
C GLY A 346 52.79 -12.87 4.08
N LEU A 347 53.44 -11.71 3.95
N LEU A 347 53.43 -11.71 3.95
CA LEU A 347 53.19 -10.82 2.81
CA LEU A 347 53.15 -10.82 2.82
C LEU A 347 53.48 -11.49 1.48
C LEU A 347 53.52 -11.45 1.48
N SER A 348 54.40 -12.45 1.47
CA SER A 348 54.72 -13.15 0.23
C SER A 348 53.52 -13.94 -0.30
N SER A 349 52.60 -14.34 0.58
CA SER A 349 51.43 -15.12 0.20
C SER A 349 50.27 -14.24 -0.22
N GLY A 350 50.09 -13.11 0.45
CA GLY A 350 49.00 -12.20 0.13
C GLY A 350 48.92 -11.14 1.20
N PHE A 351 48.12 -10.12 0.90
CA PHE A 351 48.00 -9.00 1.84
C PHE A 351 46.80 -8.16 1.48
N VAL A 352 46.10 -7.67 2.52
CA VAL A 352 45.11 -6.62 2.40
C VAL A 352 45.45 -5.55 3.43
N GLU A 353 44.89 -4.36 3.24
CA GLU A 353 45.11 -3.26 4.17
C GLU A 353 44.71 -3.71 5.59
N PRO A 354 45.39 -3.23 6.63
CA PRO A 354 45.14 -3.75 7.98
C PRO A 354 43.89 -3.18 8.65
N LEU A 355 42.82 -3.00 7.88
CA LEU A 355 41.61 -2.37 8.41
C LEU A 355 40.92 -3.23 9.46
N GLU A 356 41.05 -4.56 9.34
CA GLU A 356 40.54 -5.47 10.36
C GLU A 356 41.65 -6.33 10.96
N SER A 357 42.89 -5.87 10.85
CA SER A 357 44.04 -6.46 11.54
C SER A 357 44.20 -7.95 11.24
N THR A 358 44.43 -8.25 9.96
CA THR A 358 44.48 -9.63 9.49
C THR A 358 45.88 -10.14 9.17
N GLY A 359 46.91 -9.30 9.28
CA GLY A 359 48.25 -9.73 8.89
C GLY A 359 48.74 -10.93 9.67
N ILE A 360 48.71 -10.84 11.00
CA ILE A 360 49.14 -11.96 11.84
C ILE A 360 48.18 -13.14 11.69
N PHE A 361 46.89 -12.86 11.51
CA PHE A 361 45.90 -13.91 11.29
C PHE A 361 46.24 -14.74 10.05
N PHE A 362 46.58 -14.08 8.94
CA PHE A 362 46.95 -14.82 7.73
C PHE A 362 48.17 -15.70 7.98
N ILE A 363 49.15 -15.19 8.72
CA ILE A 363 50.35 -15.97 9.03
C ILE A 363 49.99 -17.18 9.87
N GLN A 364 49.21 -16.97 10.93
CA GLN A 364 48.87 -18.09 11.82
C GLN A 364 48.06 -19.14 11.10
N HIS A 365 47.08 -18.73 10.29
CA HIS A 365 46.30 -19.67 9.51
C HIS A 365 47.17 -20.47 8.56
N ALA A 366 48.13 -19.81 7.91
CA ALA A 366 49.02 -20.50 6.98
C ALA A 366 49.88 -21.54 7.69
N ILE A 367 50.35 -21.22 8.89
CA ILE A 367 51.20 -22.16 9.62
C ILE A 367 50.37 -23.30 10.19
N GLU A 368 49.22 -22.99 10.78
CA GLU A 368 48.36 -24.04 11.33
C GLU A 368 47.94 -25.03 10.24
N GLN A 369 47.59 -24.51 9.06
CA GLN A 369 47.16 -25.39 7.98
C GLN A 369 48.34 -26.12 7.35
N LEU A 370 49.54 -25.55 7.42
CA LEU A 370 50.71 -26.26 6.92
C LEU A 370 51.00 -27.49 7.77
N VAL A 371 50.93 -27.35 9.10
CA VAL A 371 51.09 -28.50 9.98
C VAL A 371 50.03 -29.55 9.68
N LYS A 372 48.78 -29.12 9.52
CA LYS A 372 47.71 -30.07 9.27
C LYS A 372 47.90 -30.81 7.94
N HIS A 373 48.33 -30.09 6.90
CA HIS A 373 48.55 -30.69 5.59
C HIS A 373 50.00 -31.02 5.32
N PHE A 374 50.79 -31.24 6.37
CA PHE A 374 52.22 -31.43 6.18
C PHE A 374 52.47 -32.68 5.34
N PRO A 375 53.34 -32.61 4.34
CA PRO A 375 53.57 -33.75 3.46
C PRO A 375 54.60 -34.73 4.01
N ASP A 376 54.61 -35.93 3.43
CA ASP A 376 55.71 -36.86 3.59
C ASP A 376 56.52 -36.87 2.29
N GLU A 377 57.48 -37.79 2.19
CA GLU A 377 58.37 -37.79 1.04
C GLU A 377 57.67 -38.14 -0.26
N ARG A 378 56.39 -38.52 -0.23
CA ARG A 378 55.64 -38.79 -1.44
C ARG A 378 54.94 -37.55 -1.99
N TRP A 379 54.87 -36.47 -1.21
CA TRP A 379 54.40 -35.16 -1.66
C TRP A 379 53.06 -35.27 -2.40
N ASP A 380 52.07 -35.85 -1.71
CA ASP A 380 50.72 -35.96 -2.25
C ASP A 380 50.21 -34.62 -2.74
N ASP A 381 49.93 -34.52 -4.04
CA ASP A 381 49.47 -33.26 -4.61
C ASP A 381 48.14 -32.82 -4.03
N GLY A 382 47.32 -33.77 -3.55
CA GLY A 382 46.05 -33.38 -2.96
C GLY A 382 46.20 -32.51 -1.73
N LEU A 383 47.33 -32.65 -1.03
CA LEU A 383 47.59 -31.78 0.12
C LEU A 383 47.74 -30.33 -0.33
N ARG A 384 48.47 -30.10 -1.43
CA ARG A 384 48.61 -28.75 -1.95
C ARG A 384 47.27 -28.18 -2.39
N THR A 385 46.48 -28.99 -3.08
CA THR A 385 45.19 -28.52 -3.58
C THR A 385 44.29 -28.05 -2.45
N ALA A 386 44.17 -28.86 -1.39
CA ALA A 386 43.36 -28.48 -0.24
C ALA A 386 43.94 -27.24 0.43
N TYR A 387 45.25 -27.24 0.68
CA TYR A 387 45.88 -26.11 1.35
C TYR A 387 45.63 -24.80 0.60
N ASN A 388 45.82 -24.82 -0.72
CA ASN A 388 45.66 -23.60 -1.51
C ASN A 388 44.22 -23.11 -1.50
N LYS A 389 43.26 -24.03 -1.53
CA LYS A 389 41.85 -23.63 -1.50
C LYS A 389 41.50 -22.99 -0.15
N LEU A 390 42.01 -23.55 0.95
CA LEU A 390 41.73 -22.99 2.27
C LEU A 390 42.27 -21.57 2.39
N VAL A 391 43.52 -21.35 1.95
CA VAL A 391 44.11 -20.03 2.05
C VAL A 391 43.39 -19.05 1.12
N ASN A 392 43.11 -19.47 -0.12
CA ASN A 392 42.40 -18.60 -1.05
C ASN A 392 41.03 -18.21 -0.52
N ASN A 393 40.34 -19.16 0.14
CA ASN A 393 39.03 -18.84 0.70
C ASN A 393 39.13 -17.89 1.88
N VAL A 394 40.18 -18.02 2.71
CA VAL A 394 40.37 -17.06 3.80
C VAL A 394 40.60 -15.66 3.24
N MET A 395 41.50 -15.53 2.27
CA MET A 395 41.84 -14.21 1.76
C MET A 395 40.69 -13.61 0.93
N ASP A 396 40.02 -14.43 0.12
CA ASP A 396 38.87 -13.93 -0.63
C ASP A 396 37.74 -13.51 0.30
N GLY A 397 37.55 -14.24 1.40
CA GLY A 397 36.50 -13.87 2.34
C GLY A 397 36.79 -12.57 3.07
N VAL A 398 38.05 -12.38 3.47
CA VAL A 398 38.43 -11.12 4.10
C VAL A 398 38.29 -9.96 3.11
N ARG A 399 38.66 -10.20 1.84
CA ARG A 399 38.50 -9.16 0.82
C ARG A 399 37.06 -8.69 0.73
N GLU A 400 36.11 -9.64 0.75
CA GLU A 400 34.70 -9.26 0.71
C GLU A 400 34.30 -8.45 1.95
N PHE A 401 34.74 -8.89 3.13
CA PHE A 401 34.44 -8.17 4.35
C PHE A 401 34.95 -6.72 4.29
N LEU A 402 36.15 -6.52 3.77
CA LEU A 402 36.70 -5.16 3.70
C LEU A 402 35.96 -4.32 2.66
N VAL A 403 35.60 -4.91 1.52
CA VAL A 403 34.79 -4.19 0.53
C VAL A 403 33.51 -3.66 1.18
N VAL A 404 32.91 -4.45 2.06
CA VAL A 404 31.69 -4.04 2.76
C VAL A 404 31.96 -2.83 3.65
N HIS A 405 33.16 -2.74 4.24
CA HIS A 405 33.49 -1.56 5.04
C HIS A 405 33.32 -0.28 4.25
N TYR A 406 33.80 -0.26 3.00
CA TYR A 406 33.70 0.94 2.19
C TYR A 406 32.34 1.08 1.52
N TYR A 407 31.70 -0.03 1.19
CA TYR A 407 30.39 0.03 0.54
C TYR A 407 29.31 0.48 1.52
N ALA A 408 29.32 -0.05 2.74
CA ALA A 408 28.28 0.25 3.71
C ALA A 408 28.56 1.51 4.53
N ALA A 409 29.75 2.09 4.42
CA ALA A 409 30.02 3.36 5.06
C ALA A 409 29.08 4.42 4.49
N LYS A 410 28.31 5.06 5.37
CA LYS A 410 27.29 6.00 4.90
C LYS A 410 27.90 7.18 4.14
N ARG A 411 29.11 7.60 4.53
CA ARG A 411 29.65 8.82 3.95
C ARG A 411 29.89 8.66 2.45
N GLN A 412 29.46 9.67 1.69
CA GLN A 412 29.71 9.80 0.26
C GLN A 412 30.04 11.25 -0.04
N ASP A 413 30.99 11.80 0.72
CA ASP A 413 31.26 13.24 0.71
C ASP A 413 32.19 13.68 -0.40
N ASN A 414 32.95 12.76 -0.99
CA ASN A 414 33.83 13.10 -2.10
C ASN A 414 33.85 11.93 -3.08
N GLN A 415 34.65 12.07 -4.13
CA GLN A 415 34.67 11.06 -5.18
C GLN A 415 35.18 9.72 -4.66
N TYR A 416 36.13 9.75 -3.71
CA TYR A 416 36.64 8.51 -3.15
C TYR A 416 35.54 7.71 -2.46
N TRP A 417 34.75 8.37 -1.61
CA TRP A 417 33.71 7.66 -0.87
C TRP A 417 32.46 7.41 -1.69
N LYS A 418 32.30 8.11 -2.83
CA LYS A 418 31.29 7.72 -3.81
C LYS A 418 31.74 6.48 -4.59
N ASP A 419 32.98 6.51 -5.09
CA ASP A 419 33.52 5.38 -5.83
C ASP A 419 33.48 4.09 -5.02
N ALA A 420 33.53 4.19 -3.69
CA ALA A 420 33.49 3.01 -2.85
C ALA A 420 32.20 2.21 -3.02
N LYS A 421 31.17 2.80 -3.64
CA LYS A 421 29.89 2.15 -3.83
C LYS A 421 29.66 1.69 -5.26
N THR A 422 30.55 2.04 -6.19
CA THR A 422 30.35 1.73 -7.60
C THR A 422 31.43 0.81 -8.17
N ARG A 423 32.38 0.38 -7.37
CA ARG A 423 33.39 -0.56 -7.85
C ARG A 423 32.76 -1.94 -8.04
N PRO A 424 33.35 -2.76 -8.92
CA PRO A 424 32.81 -4.11 -9.11
C PRO A 424 32.93 -4.94 -7.84
N LEU A 425 31.84 -5.61 -7.50
CA LEU A 425 31.82 -6.38 -6.27
C LEU A 425 32.31 -7.81 -6.50
N PRO A 426 32.92 -8.43 -5.51
CA PRO A 426 33.28 -9.85 -5.63
C PRO A 426 32.04 -10.70 -5.86
N ASP A 427 32.26 -11.86 -6.47
CA ASP A 427 31.16 -12.77 -6.77
C ASP A 427 30.37 -13.11 -5.51
N GLY A 428 29.05 -13.04 -5.61
CA GLY A 428 28.17 -13.39 -4.53
C GLY A 428 27.84 -12.26 -3.56
N LEU A 429 28.61 -11.17 -3.58
CA LEU A 429 28.42 -10.12 -2.57
C LEU A 429 27.14 -9.33 -2.83
N ALA A 430 26.86 -9.03 -4.11
CA ALA A 430 25.62 -8.30 -4.43
C ALA A 430 24.41 -9.02 -3.87
N GLU A 431 24.36 -10.34 -3.99
CA GLU A 431 23.24 -11.10 -3.46
C GLU A 431 23.20 -11.05 -1.94
N ARG A 432 24.36 -11.13 -1.29
CA ARG A 432 24.39 -11.09 0.17
C ARG A 432 24.00 -9.71 0.69
N LEU A 433 24.39 -8.65 -0.01
CA LEU A 433 23.99 -7.30 0.39
C LEU A 433 22.47 -7.16 0.38
N GLU A 434 21.80 -7.79 -0.59
CA GLU A 434 20.34 -7.77 -0.60
C GLU A 434 19.77 -8.56 0.57
N ARG A 435 20.39 -9.69 0.92
CA ARG A 435 19.91 -10.47 2.05
C ARG A 435 20.07 -9.70 3.36
N TRP A 436 21.16 -8.96 3.50
CA TRP A 436 21.41 -8.22 4.74
C TRP A 436 20.43 -7.07 4.94
N GLN A 437 19.85 -6.55 3.87
CA GLN A 437 18.85 -5.51 3.98
C GLN A 437 17.44 -6.07 4.12
N THR A 438 17.31 -7.40 4.22
CA THR A 438 16.10 -8.07 4.65
C THR A 438 16.17 -8.48 6.12
N ARG A 439 17.23 -9.19 6.50
CA ARG A 439 17.51 -9.52 7.89
C ARG A 439 19.01 -9.39 8.12
N LEU A 440 19.38 -9.08 9.36
CA LEU A 440 20.78 -8.88 9.71
C LEU A 440 21.61 -10.13 9.39
N PRO A 441 22.89 -9.96 9.06
CA PRO A 441 23.73 -11.10 8.70
C PRO A 441 23.73 -12.20 9.76
N ASP A 442 23.73 -13.45 9.31
CA ASP A 442 23.94 -14.59 10.20
C ASP A 442 24.84 -15.58 9.47
N ASN A 443 25.05 -16.74 10.10
CA ASN A 443 26.01 -17.70 9.57
C ASN A 443 25.69 -18.11 8.13
N GLU A 444 24.42 -18.15 7.76
CA GLU A 444 24.04 -18.63 6.44
C GLU A 444 23.88 -17.52 5.41
N SER A 445 24.19 -16.26 5.75
CA SER A 445 24.11 -15.18 4.78
C SER A 445 25.42 -14.43 4.61
N VAL A 446 26.53 -14.96 5.12
CA VAL A 446 27.84 -14.38 4.89
C VAL A 446 28.64 -15.33 4.00
N PHE A 447 29.79 -14.84 3.51
CA PHE A 447 30.74 -15.62 2.72
C PHE A 447 30.86 -17.02 3.32
N PRO A 448 30.53 -18.07 2.55
CA PRO A 448 30.24 -19.37 3.16
C PRO A 448 31.44 -20.26 3.41
N HIS A 449 32.63 -19.68 3.49
CA HIS A 449 33.84 -20.44 3.78
C HIS A 449 34.57 -19.77 4.94
N TYR A 450 35.40 -20.55 5.63
CA TYR A 450 36.11 -19.97 6.77
C TYR A 450 37.00 -18.83 6.30
N HIS A 451 36.83 -17.66 6.92
CA HIS A 451 37.71 -16.53 6.64
C HIS A 451 37.97 -15.73 7.91
N GLY A 452 37.99 -16.39 9.06
CA GLY A 452 38.26 -15.74 10.33
C GLY A 452 37.03 -15.10 10.96
N PHE A 453 36.44 -14.13 10.26
CA PHE A 453 35.40 -13.32 10.88
C PHE A 453 34.09 -14.09 10.97
N GLU A 454 33.42 -13.89 12.10
CA GLU A 454 32.14 -14.51 12.41
C GLU A 454 31.01 -13.52 12.09
N SER A 455 29.77 -14.04 12.09
CA SER A 455 28.65 -13.23 11.62
C SER A 455 28.42 -12.01 12.50
N TYR A 456 28.74 -12.09 13.79
CA TYR A 456 28.53 -10.94 14.67
C TYR A 456 29.34 -9.74 14.22
N SER A 457 30.51 -9.99 13.60
CA SER A 457 31.31 -8.88 13.08
C SER A 457 30.62 -8.17 11.93
N TYR A 458 29.95 -8.93 11.07
CA TYR A 458 29.18 -8.33 9.98
C TYR A 458 28.04 -7.48 10.52
N VAL A 459 27.29 -8.03 11.49
CA VAL A 459 26.17 -7.29 12.09
C VAL A 459 26.65 -5.98 12.68
N CYS A 460 27.74 -6.04 13.45
CA CYS A 460 28.24 -4.83 14.11
CA CYS A 460 28.27 -4.84 14.10
C CYS A 460 28.67 -3.78 13.07
N MET A 461 29.41 -4.21 12.05
CA MET A 461 29.89 -3.24 11.06
C MET A 461 28.73 -2.61 10.30
N LEU A 462 27.72 -3.40 9.92
CA LEU A 462 26.60 -2.84 9.18
C LEU A 462 25.84 -1.81 10.02
N LEU A 463 25.58 -2.13 11.29
CA LEU A 463 24.86 -1.20 12.15
C LEU A 463 25.66 0.08 12.37
N GLY A 464 26.97 -0.03 12.54
CA GLY A 464 27.78 1.16 12.78
C GLY A 464 28.00 2.00 11.53
N LEU A 465 28.28 1.34 10.40
CA LEU A 465 28.60 2.08 9.18
C LEU A 465 27.39 2.85 8.66
N GLY A 466 26.18 2.29 8.83
CA GLY A 466 24.95 3.03 8.68
C GLY A 466 24.50 3.32 7.27
N GLY A 467 25.19 2.79 6.25
CA GLY A 467 24.88 3.15 4.89
C GLY A 467 23.84 2.29 4.21
N LEU A 468 23.56 1.12 4.78
CA LEU A 468 22.56 0.22 4.20
C LEU A 468 21.18 0.46 4.81
N ASP A 469 20.16 0.05 4.08
CA ASP A 469 18.78 0.15 4.55
C ASP A 469 18.42 -1.14 5.26
N LEU A 470 18.74 -1.20 6.55
CA LEU A 470 18.55 -2.41 7.35
C LEU A 470 17.13 -2.46 7.91
N LYS A 471 16.66 -3.67 8.15
CA LYS A 471 15.31 -3.90 8.67
C LYS A 471 15.36 -4.95 9.77
N SER A 472 14.57 -4.75 10.82
CA SER A 472 14.42 -5.77 11.84
C SER A 472 13.45 -6.86 11.36
N SER A 473 13.54 -8.02 11.99
CA SER A 473 12.66 -9.13 11.63
C SER A 473 11.22 -8.79 12.00
N PRO A 474 10.28 -8.87 11.07
CA PRO A 474 8.87 -8.60 11.43
C PRO A 474 8.34 -9.51 12.52
N ALA A 475 8.90 -10.70 12.67
CA ALA A 475 8.41 -11.63 13.69
C ALA A 475 8.49 -11.05 15.08
N LEU A 476 9.42 -10.12 15.33
CA LEU A 476 9.59 -9.57 16.67
C LEU A 476 8.34 -8.86 17.16
N GLY A 477 7.51 -8.36 16.25
CA GLY A 477 6.26 -7.74 16.65
C GLY A 477 5.24 -8.70 17.21
N LEU A 478 5.44 -10.00 17.04
CA LEU A 478 4.57 -11.02 17.59
C LEU A 478 5.21 -11.80 18.73
N MET A 479 6.47 -11.55 19.05
CA MET A 479 7.19 -12.29 20.07
C MET A 479 7.01 -11.64 21.44
N ASP A 480 7.28 -12.43 22.48
CA ASP A 480 7.32 -11.87 23.82
C ASP A 480 8.57 -11.01 23.97
N ALA A 481 8.37 -9.76 24.40
CA ALA A 481 9.48 -8.81 24.51
C ALA A 481 10.17 -8.84 25.87
N ALA A 482 9.56 -9.48 26.87
CA ALA A 482 10.16 -9.51 28.19
C ALA A 482 11.58 -10.06 28.21
N PRO A 483 11.90 -11.17 27.52
CA PRO A 483 13.30 -11.64 27.56
C PRO A 483 14.29 -10.65 26.95
N ALA A 484 13.92 -10.00 25.85
CA ALA A 484 14.82 -9.00 25.26
C ALA A 484 14.98 -7.80 26.18
N ARG A 485 13.87 -7.31 26.75
CA ARG A 485 13.96 -6.17 27.66
C ARG A 485 14.78 -6.50 28.90
N HIS A 486 14.66 -7.74 29.40
CA HIS A 486 15.51 -8.18 30.49
C HIS A 486 16.98 -8.17 30.09
N GLU A 487 17.28 -8.62 28.87
CA GLU A 487 18.67 -8.69 28.43
C GLU A 487 19.28 -7.32 28.28
N PHE A 488 18.51 -6.35 27.77
CA PHE A 488 19.01 -4.97 27.69
C PHE A 488 19.34 -4.43 29.07
N LYS A 489 18.49 -4.69 30.05
CA LYS A 489 18.75 -4.24 31.42
C LYS A 489 19.99 -4.92 31.99
N LEU A 490 20.17 -6.21 31.70
CA LEU A 490 21.31 -6.94 32.22
C LEU A 490 22.62 -6.38 31.66
N VAL A 491 22.63 -6.04 30.37
CA VAL A 491 23.83 -5.46 29.76
C VAL A 491 24.21 -4.16 30.47
N GLY A 492 23.22 -3.32 30.78
CA GLY A 492 23.50 -2.09 31.50
C GLY A 492 24.03 -2.34 32.90
N GLU A 493 23.41 -3.30 33.61
CA GLU A 493 23.86 -3.60 34.97
C GLU A 493 25.25 -4.22 34.98
N GLN A 494 25.55 -5.07 34.00
CA GLN A 494 26.88 -5.67 33.93
C GLN A 494 27.93 -4.64 33.56
N ALA A 495 27.60 -3.74 32.62
CA ALA A 495 28.55 -2.70 32.25
C ALA A 495 28.85 -1.77 33.42
N ALA A 496 27.84 -1.49 34.25
CA ALA A 496 28.06 -0.66 35.43
C ALA A 496 28.88 -1.41 36.48
N GLU A 497 28.62 -2.70 36.65
CA GLU A 497 29.42 -3.49 37.59
C GLU A 497 30.88 -3.57 37.15
N LEU A 498 31.11 -3.75 35.84
CA LEU A 498 32.48 -3.85 35.35
C LEU A 498 33.20 -2.52 35.40
N ALA A 499 32.48 -1.41 35.19
CA ALA A 499 33.11 -0.10 35.32
C ALA A 499 33.55 0.16 36.75
N ARG A 500 32.87 -0.44 37.72
CA ARG A 500 33.20 -0.20 39.12
C ARG A 500 34.31 -1.11 39.62
N THR A 501 34.47 -2.28 39.01
CA THR A 501 35.40 -3.31 39.52
C THR A 501 36.69 -3.45 38.73
N LEU A 502 36.65 -3.33 37.41
CA LEU A 502 37.82 -3.63 36.60
C LEU A 502 38.89 -2.57 36.78
N PRO A 503 40.17 -2.94 36.76
CA PRO A 503 41.23 -1.94 36.75
C PRO A 503 41.50 -1.44 35.34
N THR A 504 42.18 -0.31 35.26
CA THR A 504 42.68 0.12 33.97
C THR A 504 43.83 -0.79 33.54
N GLN A 505 44.12 -0.75 32.23
CA GLN A 505 45.29 -1.50 31.74
C GLN A 505 46.55 -1.10 32.49
N TYR A 506 46.74 0.21 32.72
CA TYR A 506 47.92 0.65 33.44
C TYR A 506 47.97 0.04 34.84
N GLU A 507 46.84 0.07 35.56
CA GLU A 507 46.81 -0.51 36.90
C GLU A 507 47.09 -2.01 36.88
N TYR A 508 46.53 -2.72 35.89
CA TYR A 508 46.78 -4.16 35.80
C TYR A 508 48.25 -4.45 35.52
N PHE A 509 48.82 -3.75 34.52
CA PHE A 509 50.22 -4.00 34.17
C PHE A 509 51.17 -3.58 35.28
N ALA A 510 50.83 -2.54 36.03
CA ALA A 510 51.64 -2.17 37.18
C ALA A 510 51.64 -3.27 38.24
N GLN A 511 50.52 -3.97 38.38
CA GLN A 511 50.44 -5.08 39.33
C GLN A 511 51.27 -6.26 38.86
N LEU A 512 51.21 -6.58 37.57
CA LEU A 512 52.05 -7.64 37.02
C LEU A 512 53.53 -7.32 37.22
N HIS A 513 53.91 -6.05 37.00
CA HIS A 513 55.31 -5.66 37.17
C HIS A 513 55.75 -5.83 38.62
N ARG A 514 54.86 -5.55 39.57
CA ARG A 514 55.21 -5.71 40.98
C ARG A 514 55.31 -7.19 41.37
N ALA A 515 54.55 -8.05 40.70
CA ALA A 515 54.54 -9.47 41.04
C ALA A 515 55.78 -10.18 40.50
N PRO B 1 -62.97 17.16 -2.95
CA PRO B 1 -62.99 18.40 -2.16
C PRO B 1 -62.32 19.54 -2.91
N MET B 2 -62.52 19.59 -4.22
CA MET B 2 -61.86 20.55 -5.06
C MET B 2 -62.52 21.93 -4.97
N LEU B 3 -61.72 22.96 -5.21
CA LEU B 3 -62.28 24.29 -5.44
C LEU B 3 -63.17 24.26 -6.67
N LYS B 4 -64.14 25.19 -6.72
CA LYS B 4 -65.10 25.20 -7.80
C LYS B 4 -65.03 26.41 -8.71
N ASN B 5 -64.52 27.55 -8.23
CA ASN B 5 -64.49 28.75 -9.07
C ASN B 5 -63.27 29.59 -8.79
N VAL B 6 -62.61 30.02 -9.85
CA VAL B 6 -61.53 30.99 -9.80
C VAL B 6 -62.01 32.28 -10.45
N VAL B 7 -61.72 33.42 -9.81
CA VAL B 7 -62.03 34.72 -10.36
C VAL B 7 -60.72 35.46 -10.60
N VAL B 8 -60.46 35.81 -11.87
CA VAL B 8 -59.28 36.57 -12.24
C VAL B 8 -59.71 38.04 -12.38
N VAL B 9 -59.06 38.92 -11.63
CA VAL B 9 -59.42 40.33 -11.59
C VAL B 9 -58.36 41.09 -12.38
N GLY B 10 -58.73 41.55 -13.56
CA GLY B 10 -57.80 42.24 -14.44
C GLY B 10 -57.48 41.40 -15.67
N GLY B 11 -57.34 42.08 -16.81
CA GLY B 11 -57.01 41.40 -18.05
C GLY B 11 -55.56 41.57 -18.46
N GLY B 12 -55.32 41.95 -19.71
CA GLY B 12 -53.96 42.08 -20.17
C GLY B 12 -53.24 40.73 -20.22
N THR B 13 -51.91 40.80 -20.35
CA THR B 13 -51.14 39.58 -20.41
C THR B 13 -51.22 38.78 -19.12
N ALA B 14 -51.19 39.47 -17.97
CA ALA B 14 -51.22 38.76 -16.69
C ALA B 14 -52.51 37.99 -16.52
N GLY B 15 -53.65 38.64 -16.76
CA GLY B 15 -54.93 37.99 -16.54
C GLY B 15 -55.20 36.88 -17.55
N TRP B 16 -54.93 37.14 -18.83
CA TRP B 16 -55.28 36.16 -19.85
C TRP B 16 -54.25 35.04 -19.98
N MET B 17 -53.00 35.27 -19.57
CA MET B 17 -52.10 34.13 -19.40
C MET B 17 -52.57 33.26 -18.25
N THR B 18 -53.08 33.87 -17.17
CA THR B 18 -53.60 33.08 -16.06
C THR B 18 -54.84 32.29 -16.48
N ALA B 19 -55.79 32.95 -17.13
CA ALA B 19 -57.03 32.27 -17.50
C ALA B 19 -56.78 31.16 -18.52
N SER B 20 -55.98 31.44 -19.55
CA SER B 20 -55.74 30.44 -20.57
C SER B 20 -54.95 29.25 -20.02
N TYR B 21 -53.98 29.51 -19.14
CA TYR B 21 -53.20 28.43 -18.57
C TYR B 21 -54.05 27.55 -17.68
N LEU B 22 -54.96 28.15 -16.91
CA LEU B 22 -55.85 27.35 -16.06
C LEU B 22 -56.77 26.46 -16.89
N THR B 23 -57.23 26.96 -18.06
CA THR B 23 -58.06 26.12 -18.91
C THR B 23 -57.27 24.97 -19.48
N ALA B 24 -56.02 25.22 -19.86
CA ALA B 24 -55.18 24.13 -20.37
C ALA B 24 -54.89 23.11 -19.28
N ALA B 25 -54.69 23.59 -18.04
CA ALA B 25 -54.32 22.69 -16.95
C ALA B 25 -55.52 21.89 -16.45
N PHE B 26 -56.66 22.55 -16.24
CA PHE B 26 -57.79 21.94 -15.57
C PHE B 26 -59.01 21.74 -16.46
N GLY B 27 -59.07 22.40 -17.61
CA GLY B 27 -60.21 22.21 -18.50
C GLY B 27 -61.50 22.68 -17.87
N ASP B 28 -62.56 21.91 -18.11
CA ASP B 28 -63.88 22.21 -17.57
C ASP B 28 -64.07 21.73 -16.13
N ARG B 29 -63.01 21.24 -15.48
CA ARG B 29 -63.16 20.70 -14.13
C ARG B 29 -63.22 21.77 -13.06
N ILE B 30 -63.03 23.04 -13.42
CA ILE B 30 -63.21 24.15 -12.49
C ILE B 30 -63.66 25.36 -13.29
N GLY B 31 -64.47 26.21 -12.67
CA GLY B 31 -64.94 27.41 -13.34
C GLY B 31 -63.92 28.53 -13.24
N VAL B 32 -63.74 29.26 -14.34
CA VAL B 32 -62.83 30.40 -14.40
C VAL B 32 -63.60 31.59 -14.97
N THR B 33 -63.63 32.69 -14.21
CA THR B 33 -64.21 33.96 -14.65
C THR B 33 -63.14 35.03 -14.61
N LEU B 34 -63.10 35.88 -15.64
CA LEU B 34 -62.19 37.01 -15.68
C LEU B 34 -62.98 38.29 -15.86
N VAL B 35 -62.71 39.27 -15.00
CA VAL B 35 -63.35 40.58 -15.08
C VAL B 35 -62.29 41.61 -15.43
N GLU B 36 -62.62 42.50 -16.36
CA GLU B 36 -61.71 43.58 -16.73
C GLU B 36 -62.54 44.76 -17.22
N SER B 37 -61.96 45.96 -17.12
CA SER B 37 -62.67 47.16 -17.53
C SER B 37 -62.94 47.15 -19.03
N LYS B 38 -64.03 47.81 -19.43
CA LYS B 38 -64.41 47.88 -20.83
C LYS B 38 -63.50 48.82 -21.61
N SER B 42 -56.79 50.64 -27.45
CA SER B 42 -55.48 50.54 -26.80
C SER B 42 -54.42 50.06 -27.78
N ILE B 43 -53.44 50.91 -28.05
CA ILE B 43 -52.37 50.55 -28.97
C ILE B 43 -51.45 49.53 -28.30
N GLY B 44 -50.79 48.72 -29.12
CA GLY B 44 -49.96 47.66 -28.59
C GLY B 44 -48.64 48.16 -28.04
N VAL B 45 -48.07 47.35 -27.15
CA VAL B 45 -46.77 47.62 -26.53
C VAL B 45 -45.85 46.45 -26.86
N GLY B 46 -44.71 46.74 -27.48
CA GLY B 46 -43.75 45.71 -27.78
C GLY B 46 -43.09 45.20 -26.52
N GLU B 47 -43.00 43.88 -26.37
CA GLU B 47 -42.44 43.27 -25.18
C GLU B 47 -41.52 42.13 -25.56
N ALA B 48 -40.40 42.02 -24.83
CA ALA B 48 -39.47 40.91 -24.97
C ALA B 48 -39.73 39.90 -23.87
N THR B 49 -39.22 38.68 -24.06
CA THR B 49 -39.51 37.57 -23.17
C THR B 49 -38.23 36.80 -22.88
N PHE B 50 -38.36 35.78 -22.03
CA PHE B 50 -37.26 34.97 -21.54
C PHE B 50 -37.48 33.51 -21.95
N SER B 51 -36.39 32.73 -21.89
CA SER B 51 -36.29 31.36 -22.38
C SER B 51 -37.52 30.49 -22.13
N THR B 52 -38.11 30.57 -20.94
CA THR B 52 -39.17 29.62 -20.59
C THR B 52 -40.48 29.88 -21.33
N VAL B 53 -40.61 31.01 -22.03
CA VAL B 53 -41.89 31.33 -22.67
C VAL B 53 -42.26 30.31 -23.75
N ARG B 54 -41.26 29.66 -24.36
CA ARG B 54 -41.55 28.59 -25.31
C ARG B 54 -42.44 27.51 -24.70
N HIS B 55 -42.25 27.24 -23.41
CA HIS B 55 -43.03 26.19 -22.75
C HIS B 55 -44.45 26.62 -22.46
N PHE B 56 -44.70 27.93 -22.31
CA PHE B 56 -46.06 28.40 -22.09
C PHE B 56 -46.93 28.13 -23.30
N PHE B 57 -46.49 28.55 -24.49
CA PHE B 57 -47.28 28.30 -25.70
C PHE B 57 -47.38 26.82 -25.97
N GLU B 58 -46.33 26.06 -25.69
CA GLU B 58 -46.37 24.62 -25.86
C GLU B 58 -47.38 23.97 -24.92
N TYR B 59 -47.50 24.48 -23.68
CA TYR B 59 -48.47 23.95 -22.74
C TYR B 59 -49.90 24.16 -23.25
N LEU B 60 -50.15 25.30 -23.89
CA LEU B 60 -51.46 25.60 -24.44
C LEU B 60 -51.74 24.91 -25.77
N GLY B 61 -50.74 24.22 -26.33
CA GLY B 61 -50.93 23.56 -27.61
C GLY B 61 -50.88 24.49 -28.80
N LEU B 62 -50.15 25.59 -28.71
CA LEU B 62 -50.10 26.60 -29.77
C LEU B 62 -48.73 26.54 -30.44
N GLU B 63 -48.72 26.35 -31.75
CA GLU B 63 -47.50 26.38 -32.53
C GLU B 63 -47.16 27.81 -32.93
N GLU B 64 -45.87 28.04 -33.21
CA GLU B 64 -45.42 29.39 -33.54
C GLU B 64 -46.13 29.93 -34.77
N LYS B 65 -46.39 29.08 -35.76
CA LYS B 65 -47.00 29.58 -37.00
C LYS B 65 -48.44 30.04 -36.80
N GLU B 66 -49.11 29.63 -35.72
CA GLU B 66 -50.50 30.02 -35.57
C GLU B 66 -50.70 31.23 -34.64
N TRP B 67 -49.72 31.59 -33.82
CA TRP B 67 -49.87 32.79 -32.99
C TRP B 67 -48.90 33.91 -33.33
N MET B 68 -47.72 33.61 -33.87
CA MET B 68 -46.74 34.68 -34.12
C MET B 68 -47.23 35.68 -35.15
N PRO B 69 -47.78 35.30 -36.31
CA PRO B 69 -48.26 36.33 -37.24
C PRO B 69 -49.35 37.21 -36.66
N ALA B 70 -50.26 36.65 -35.86
CA ALA B 70 -51.34 37.44 -35.30
C ALA B 70 -50.87 38.41 -34.23
N CYS B 71 -49.66 38.23 -33.70
CA CYS B 71 -49.18 39.03 -32.59
C CYS B 71 -47.97 39.90 -32.97
N ASN B 72 -47.71 40.06 -34.28
CA ASN B 72 -46.61 40.90 -34.77
C ASN B 72 -45.27 40.43 -34.21
N ALA B 73 -45.10 39.12 -34.05
CA ALA B 73 -44.01 38.58 -33.25
C ALA B 73 -42.78 38.28 -34.09
N THR B 74 -41.62 38.35 -33.43
CA THR B 74 -40.34 37.95 -34.00
C THR B 74 -39.60 37.10 -32.99
N TYR B 75 -38.48 36.52 -33.41
CA TYR B 75 -37.67 35.73 -32.50
C TYR B 75 -36.70 36.61 -31.72
N LYS B 76 -36.43 36.21 -30.49
CA LYS B 76 -35.42 36.84 -29.66
C LYS B 76 -34.37 35.78 -29.33
N LEU B 77 -33.22 35.86 -29.99
CA LEU B 77 -32.14 34.92 -29.76
C LEU B 77 -31.12 35.43 -28.74
N ALA B 78 -31.16 36.71 -28.41
CA ALA B 78 -30.13 37.30 -27.57
C ALA B 78 -30.60 38.69 -27.11
N ILE B 79 -29.81 39.28 -26.22
CA ILE B 79 -29.85 40.71 -25.93
C ILE B 79 -28.52 41.30 -26.39
N ARG B 80 -28.59 42.34 -27.21
CA ARG B 80 -27.40 43.08 -27.64
C ARG B 80 -27.19 44.23 -26.66
N PHE B 81 -26.10 44.16 -25.89
CA PHE B 81 -25.78 45.18 -24.89
C PHE B 81 -24.80 46.17 -25.48
N GLU B 82 -25.20 47.45 -25.54
CA GLU B 82 -24.40 48.49 -26.17
C GLU B 82 -24.00 49.54 -25.15
N ASN B 83 -22.72 49.90 -25.15
CA ASN B 83 -22.17 51.03 -24.40
C ASN B 83 -22.20 50.84 -22.88
N TRP B 84 -22.29 49.59 -22.41
CA TRP B 84 -22.20 49.33 -20.98
C TRP B 84 -20.75 49.30 -20.49
N ARG B 85 -19.84 48.84 -21.33
CA ARG B 85 -18.42 48.82 -20.96
C ARG B 85 -17.72 50.12 -21.33
N GLU B 86 -17.89 50.56 -22.58
CA GLU B 86 -17.23 51.74 -23.10
C GLU B 86 -18.00 52.21 -24.33
N PRO B 87 -17.83 53.47 -24.73
CA PRO B 87 -18.59 53.97 -25.89
C PRO B 87 -18.20 53.24 -27.16
N GLY B 88 -19.21 52.90 -27.96
CA GLY B 88 -18.99 52.22 -29.24
C GLY B 88 -18.78 50.73 -29.15
N HIS B 89 -18.83 50.15 -27.95
CA HIS B 89 -18.63 48.72 -27.76
C HIS B 89 -19.98 48.04 -27.56
N HIS B 90 -20.12 46.84 -28.13
CA HIS B 90 -21.31 46.03 -27.90
C HIS B 90 -20.91 44.58 -27.78
N PHE B 91 -21.76 43.81 -27.10
CA PHE B 91 -21.60 42.38 -27.00
C PHE B 91 -22.99 41.77 -26.90
N TYR B 92 -23.06 40.47 -27.21
CA TYR B 92 -24.32 39.74 -27.16
C TYR B 92 -24.40 38.88 -25.90
N HIS B 93 -25.54 38.92 -25.25
CA HIS B 93 -25.93 37.94 -24.25
C HIS B 93 -26.86 36.96 -24.94
N PRO B 94 -26.34 35.88 -25.50
CA PRO B 94 -27.18 34.97 -26.28
C PRO B 94 -27.92 33.97 -25.42
N PHE B 95 -29.06 33.52 -25.91
CA PHE B 95 -29.73 32.35 -25.36
C PHE B 95 -29.02 31.12 -25.94
N GLU B 96 -27.85 30.83 -25.37
CA GLU B 96 -26.99 29.77 -25.90
C GLU B 96 -26.21 29.17 -24.74
N ARG B 97 -26.44 27.88 -24.48
CA ARG B 97 -25.82 27.22 -23.35
C ARG B 97 -24.35 26.91 -23.65
N GLN B 98 -23.62 26.53 -22.60
CA GLN B 98 -22.16 26.51 -22.67
C GLN B 98 -21.65 25.33 -23.50
N ARG B 99 -20.57 25.56 -24.24
CA ARG B 99 -19.74 24.49 -24.76
C ARG B 99 -18.67 24.18 -23.72
N VAL B 100 -18.62 22.93 -23.27
CA VAL B 100 -17.70 22.51 -22.22
C VAL B 100 -16.67 21.58 -22.85
N VAL B 101 -15.40 21.97 -22.81
CA VAL B 101 -14.31 21.22 -23.40
C VAL B 101 -13.45 20.68 -22.28
N ASP B 102 -13.41 19.35 -22.14
CA ASP B 102 -12.58 18.67 -21.14
C ASP B 102 -12.84 19.21 -19.74
N GLY B 103 -14.12 19.47 -19.44
CA GLY B 103 -14.53 19.90 -18.12
C GLY B 103 -14.57 21.39 -17.89
N PHE B 104 -14.09 22.20 -18.84
CA PHE B 104 -14.07 23.64 -18.67
C PHE B 104 -14.87 24.32 -19.77
N PRO B 105 -15.68 25.32 -19.45
CA PRO B 105 -16.41 26.05 -20.49
C PRO B 105 -15.46 26.71 -21.48
N LEU B 106 -15.92 26.83 -22.73
CA LEU B 106 -15.10 27.45 -23.76
C LEU B 106 -14.75 28.89 -23.39
N THR B 107 -15.64 29.58 -22.68
CA THR B 107 -15.34 30.94 -22.23
C THR B 107 -14.15 30.97 -21.28
N ASP B 108 -13.94 29.91 -20.50
CA ASP B 108 -12.78 29.85 -19.63
C ASP B 108 -11.50 29.70 -20.45
N TRP B 109 -11.51 28.81 -21.45
CA TRP B 109 -10.40 28.71 -22.38
C TRP B 109 -10.14 30.05 -23.08
N TRP B 110 -11.21 30.76 -23.44
CA TRP B 110 -11.06 32.05 -24.11
C TRP B 110 -10.39 33.07 -23.20
N LEU B 111 -10.82 33.13 -21.94
CA LEU B 111 -10.25 34.09 -21.00
C LEU B 111 -8.75 33.86 -20.81
N ARG B 112 -8.29 32.62 -20.95
CA ARG B 112 -6.86 32.34 -20.82
C ARG B 112 -6.08 32.89 -22.00
N GLU B 113 -6.54 32.61 -23.23
CA GLU B 113 -5.90 33.16 -24.43
C GLU B 113 -6.99 33.66 -25.38
N PRO B 114 -7.33 34.95 -25.29
CA PRO B 114 -8.39 35.48 -26.15
C PRO B 114 -8.02 35.40 -27.62
N ARG B 115 -8.92 34.81 -28.41
CA ARG B 115 -8.69 34.68 -29.84
C ARG B 115 -8.96 35.97 -30.60
N SER B 116 -9.75 36.88 -30.03
CA SER B 116 -9.97 38.21 -30.57
C SER B 116 -10.35 39.12 -29.41
N ASP B 117 -10.83 40.32 -29.73
CA ASP B 117 -11.32 41.24 -28.71
C ASP B 117 -12.81 41.12 -28.49
N ARG B 118 -13.45 40.09 -29.03
CA ARG B 118 -14.89 39.86 -28.87
C ARG B 118 -15.10 38.42 -28.45
N PHE B 119 -15.27 38.20 -27.14
CA PHE B 119 -15.51 36.85 -26.63
C PHE B 119 -16.77 36.25 -27.24
N ASP B 120 -17.79 37.05 -27.50
CA ASP B 120 -19.05 36.50 -27.97
C ASP B 120 -18.98 36.04 -29.42
N LYS B 121 -18.11 36.66 -30.22
CA LYS B 121 -17.89 36.17 -31.57
C LYS B 121 -17.13 34.86 -31.56
N ASP B 122 -16.13 34.73 -30.69
CA ASP B 122 -15.30 33.53 -30.67
C ASP B 122 -16.02 32.33 -30.06
N CYS B 123 -16.87 32.55 -29.07
CA CYS B 123 -17.41 31.46 -28.26
C CYS B 123 -18.82 31.04 -28.63
N PHE B 124 -19.61 31.91 -29.27
CA PHE B 124 -21.02 31.63 -29.51
C PHE B 124 -21.35 31.70 -31.00
N LEU B 125 -22.45 31.06 -31.36
CA LEU B 125 -23.01 31.18 -32.71
C LEU B 125 -24.06 32.27 -32.82
N VAL B 126 -24.81 32.51 -31.75
CA VAL B 126 -26.05 33.28 -31.87
C VAL B 126 -25.79 34.74 -32.20
N GLY B 127 -24.69 35.32 -31.69
CA GLY B 127 -24.39 36.70 -32.00
C GLY B 127 -24.27 36.95 -33.49
N THR B 128 -23.56 36.05 -34.19
CA THR B 128 -23.42 36.19 -35.64
C THR B 128 -24.75 36.01 -36.36
N LEU B 129 -25.61 35.11 -35.85
CA LEU B 129 -26.95 34.99 -36.43
C LEU B 129 -27.73 36.28 -36.26
N CYS B 130 -27.53 36.99 -35.14
CA CYS B 130 -28.20 38.27 -34.94
C CYS B 130 -27.65 39.32 -35.90
N ASP B 131 -26.34 39.36 -36.10
CA ASP B 131 -25.76 40.33 -37.02
C ASP B 131 -26.29 40.14 -38.44
N ASP B 132 -26.54 38.90 -38.84
CA ASP B 132 -27.03 38.60 -40.18
C ASP B 132 -28.55 38.52 -40.27
N LEU B 133 -29.27 38.98 -39.23
CA LEU B 133 -30.72 39.08 -39.24
C LEU B 133 -31.39 37.73 -39.49
N LYS B 134 -30.80 36.66 -38.97
CA LYS B 134 -31.23 35.32 -39.34
C LYS B 134 -32.44 34.85 -38.55
N SER B 135 -33.28 34.07 -39.23
CA SER B 135 -34.27 33.24 -38.55
C SER B 135 -33.59 32.01 -37.96
N PRO B 136 -33.97 31.58 -36.76
CA PRO B 136 -33.42 30.33 -36.21
C PRO B 136 -34.02 29.09 -36.84
N ARG B 137 -35.05 29.23 -37.66
CA ARG B 137 -35.67 28.11 -38.37
C ARG B 137 -35.38 28.23 -39.86
N GLN B 138 -35.09 27.08 -40.48
CA GLN B 138 -34.97 27.03 -41.91
C GLN B 138 -36.33 27.23 -42.56
N LEU B 139 -36.32 27.39 -43.89
CA LEU B 139 -37.58 27.58 -44.62
C LEU B 139 -38.49 26.36 -44.54
N ASN B 140 -37.95 25.18 -44.24
CA ASN B 140 -38.77 23.99 -44.04
C ASN B 140 -39.31 23.88 -42.62
N GLY B 141 -39.05 24.87 -41.78
CA GLY B 141 -39.60 24.90 -40.43
C GLY B 141 -38.70 24.32 -39.36
N GLU B 142 -37.60 23.68 -39.73
CA GLU B 142 -36.75 23.02 -38.74
C GLU B 142 -35.76 24.01 -38.13
N LEU B 143 -35.57 23.89 -36.81
CA LEU B 143 -34.53 24.66 -36.14
C LEU B 143 -33.16 24.28 -36.68
N PHE B 144 -32.25 25.26 -36.71
CA PHE B 144 -30.93 25.03 -37.28
C PHE B 144 -30.11 24.04 -36.45
N GLU B 145 -30.44 23.89 -35.17
CA GLU B 145 -29.68 23.02 -34.27
C GLU B 145 -29.58 21.58 -34.77
N THR B 163 -32.51 21.48 -25.79
CA THR B 163 -31.85 22.35 -26.75
C THR B 163 -30.66 23.06 -26.12
N GLN B 164 -29.73 23.49 -26.94
CA GLN B 164 -28.67 24.39 -26.51
C GLN B 164 -29.02 25.85 -26.74
N PHE B 165 -30.17 26.14 -27.36
CA PHE B 165 -30.57 27.49 -27.73
C PHE B 165 -31.97 27.76 -27.19
N PRO B 166 -32.10 28.01 -25.89
CA PRO B 166 -33.42 28.30 -25.28
C PRO B 166 -33.89 29.73 -25.57
N TYR B 167 -34.39 29.93 -26.79
CA TYR B 167 -34.69 31.26 -27.27
C TYR B 167 -36.06 31.73 -26.75
N ALA B 168 -36.41 32.96 -27.08
CA ALA B 168 -37.68 33.55 -26.66
C ALA B 168 -38.21 34.38 -27.82
N TYR B 169 -39.08 35.36 -27.52
CA TYR B 169 -39.79 36.09 -28.55
C TYR B 169 -39.87 37.58 -28.21
N HIS B 170 -40.10 38.38 -29.24
CA HIS B 170 -40.67 39.71 -29.11
C HIS B 170 -42.11 39.64 -29.63
N PHE B 171 -43.04 40.28 -28.93
CA PHE B 171 -44.40 40.33 -29.45
C PHE B 171 -45.11 41.59 -28.96
N ASP B 172 -46.25 41.87 -29.59
CA ASP B 172 -47.17 42.91 -29.14
C ASP B 172 -47.99 42.34 -27.99
N ALA B 173 -47.76 42.84 -26.78
CA ALA B 173 -48.41 42.25 -25.60
C ALA B 173 -49.92 42.38 -25.65
N THR B 174 -50.45 43.45 -26.26
CA THR B 174 -51.90 43.59 -26.36
C THR B 174 -52.49 42.54 -27.31
N LEU B 175 -51.83 42.29 -28.43
CA LEU B 175 -52.32 41.28 -29.36
C LEU B 175 -52.24 39.89 -28.75
N VAL B 176 -51.19 39.61 -27.98
CA VAL B 176 -51.09 38.33 -27.29
C VAL B 176 -52.23 38.19 -26.29
N ALA B 177 -52.50 39.25 -25.52
CA ALA B 177 -53.61 39.23 -24.57
C ALA B 177 -54.94 38.93 -25.28
N ASN B 178 -55.18 39.60 -26.41
CA ASN B 178 -56.40 39.34 -27.18
C ASN B 178 -56.42 37.92 -27.73
N TYR B 179 -55.26 37.42 -28.17
CA TYR B 179 -55.20 36.06 -28.69
C TYR B 179 -55.52 35.05 -27.60
N LEU B 180 -54.95 35.24 -26.41
CA LEU B 180 -55.23 34.31 -25.30
C LEU B 180 -56.63 34.47 -24.77
N ARG B 181 -57.18 35.69 -24.81
CA ARG B 181 -58.58 35.89 -24.47
C ARG B 181 -59.47 35.03 -25.34
N ASP B 182 -59.30 35.13 -26.67
CA ASP B 182 -60.10 34.32 -27.59
C ASP B 182 -59.90 32.84 -27.32
N TYR B 183 -58.65 32.43 -27.08
CA TYR B 183 -58.35 31.04 -26.75
C TYR B 183 -59.11 30.58 -25.52
N ALA B 184 -59.06 31.38 -24.45
CA ALA B 184 -59.65 30.97 -23.18
C ALA B 184 -61.18 30.99 -23.23
N VAL B 185 -61.76 32.05 -23.81
CA VAL B 185 -63.21 32.15 -23.88
C VAL B 185 -63.80 31.04 -24.74
N ALA B 186 -63.12 30.69 -25.83
CA ALA B 186 -63.57 29.57 -26.66
C ALA B 186 -63.59 28.26 -25.89
N ARG B 187 -62.80 28.16 -24.82
CA ARG B 187 -62.69 26.94 -24.03
C ARG B 187 -63.40 27.04 -22.69
N GLY B 188 -64.24 28.06 -22.49
CA GLY B 188 -65.18 28.08 -21.38
C GLY B 188 -64.97 29.16 -20.35
N VAL B 189 -63.98 30.04 -20.49
CA VAL B 189 -63.79 31.11 -19.53
C VAL B 189 -64.93 32.12 -19.66
N LYS B 190 -65.51 32.50 -18.52
CA LYS B 190 -66.53 33.54 -18.48
C LYS B 190 -65.86 34.90 -18.46
N HIS B 191 -66.23 35.76 -19.42
CA HIS B 191 -65.61 37.07 -19.57
C HIS B 191 -66.61 38.14 -19.12
N VAL B 192 -66.23 38.91 -18.11
CA VAL B 192 -67.06 39.99 -17.58
C VAL B 192 -66.37 41.31 -17.87
N LEU B 193 -67.04 42.19 -18.59
CA LEU B 193 -66.52 43.52 -18.90
C LEU B 193 -67.17 44.50 -17.95
N ASP B 194 -66.45 44.85 -16.88
CA ASP B 194 -66.97 45.74 -15.86
C ASP B 194 -65.81 46.27 -15.04
N ASP B 195 -66.10 47.26 -14.20
CA ASP B 195 -65.14 47.83 -13.29
C ASP B 195 -65.33 47.24 -11.89
N VAL B 196 -64.22 47.08 -11.17
CA VAL B 196 -64.26 46.63 -9.79
C VAL B 196 -64.41 47.85 -8.89
N GLN B 197 -65.51 47.91 -8.14
CA GLN B 197 -65.78 49.05 -7.27
C GLN B 197 -65.36 48.82 -5.82
N ASP B 198 -65.25 47.57 -5.41
CA ASP B 198 -64.95 47.25 -4.01
C ASP B 198 -64.54 45.78 -3.92
N VAL B 199 -63.89 45.45 -2.82
CA VAL B 199 -63.52 44.07 -2.49
C VAL B 199 -64.05 43.78 -1.09
N ALA B 200 -64.94 42.78 -1.00
CA ALA B 200 -65.57 42.44 0.27
C ALA B 200 -64.85 41.28 0.92
N LEU B 201 -64.53 41.43 2.20
CA LEU B 201 -63.87 40.40 2.99
C LEU B 201 -64.87 39.75 3.95
N ASP B 202 -64.64 38.49 4.28
CA ASP B 202 -65.48 37.81 5.25
C ASP B 202 -64.97 38.11 6.66
N ASP B 203 -65.55 37.47 7.67
CA ASP B 203 -65.18 37.78 9.05
C ASP B 203 -63.81 37.23 9.44
N ARG B 204 -63.11 36.54 8.53
CA ARG B 204 -61.76 36.07 8.78
C ARG B 204 -60.73 36.79 7.91
N GLY B 205 -61.14 37.82 7.19
CA GLY B 205 -60.23 38.55 6.34
C GLY B 205 -59.95 37.90 5.00
N TRP B 206 -60.70 36.86 4.64
CA TRP B 206 -60.60 36.28 3.30
C TRP B 206 -61.56 37.02 2.37
N ILE B 207 -61.22 37.01 1.08
CA ILE B 207 -62.06 37.67 0.09
C ILE B 207 -63.33 36.85 -0.11
N SER B 208 -64.48 37.49 0.04
CA SER B 208 -65.74 36.83 -0.26
C SER B 208 -66.20 37.07 -1.69
N HIS B 209 -66.07 38.31 -2.17
CA HIS B 209 -66.46 38.65 -3.54
C HIS B 209 -65.89 40.01 -3.87
N VAL B 210 -65.85 40.30 -5.18
CA VAL B 210 -65.53 41.64 -5.68
C VAL B 210 -66.83 42.28 -6.15
N VAL B 211 -67.00 43.55 -5.83
CA VAL B 211 -68.20 44.30 -6.20
C VAL B 211 -67.94 45.01 -7.52
N THR B 212 -68.78 44.75 -8.51
CA THR B 212 -68.65 45.38 -9.81
C THR B 212 -69.60 46.57 -9.94
N GLY B 213 -69.47 47.27 -11.05
CA GLY B 213 -70.30 48.46 -11.27
C GLY B 213 -71.74 48.13 -11.65
N GLU B 214 -71.93 47.10 -12.48
CA GLU B 214 -73.27 46.78 -12.95
C GLU B 214 -73.49 45.28 -13.13
N SER B 215 -72.56 44.43 -12.69
CA SER B 215 -72.71 42.98 -12.80
C SER B 215 -72.87 42.32 -11.44
N GLY B 216 -73.20 43.09 -10.40
CA GLY B 216 -73.37 42.51 -9.08
C GLY B 216 -72.05 42.06 -8.47
N ASN B 217 -72.13 41.07 -7.59
CA ASN B 217 -70.98 40.54 -6.88
C ASN B 217 -70.44 39.33 -7.63
N LEU B 218 -69.12 39.31 -7.85
CA LEU B 218 -68.45 38.15 -8.41
C LEU B 218 -67.88 37.34 -7.25
N THR B 219 -68.49 36.19 -6.99
CA THR B 219 -68.06 35.31 -5.91
C THR B 219 -67.17 34.20 -6.46
N GLY B 220 -66.46 33.54 -5.56
CA GLY B 220 -65.59 32.46 -5.96
C GLY B 220 -64.75 32.00 -4.79
N ASP B 221 -63.98 30.95 -5.05
CA ASP B 221 -63.10 30.35 -4.05
C ASP B 221 -61.74 31.01 -4.03
N LEU B 222 -61.15 31.20 -5.21
CA LEU B 222 -59.80 31.73 -5.36
C LEU B 222 -59.85 32.97 -6.25
N PHE B 223 -59.20 34.04 -5.81
CA PHE B 223 -59.17 35.31 -6.54
C PHE B 223 -57.73 35.60 -6.97
N ILE B 224 -57.54 35.91 -8.26
CA ILE B 224 -56.22 36.23 -8.80
C ILE B 224 -56.17 37.74 -9.02
N ASP B 225 -55.21 38.40 -8.38
CA ASP B 225 -55.05 39.85 -8.50
C ASP B 225 -54.14 40.13 -9.70
N CYS B 226 -54.74 40.51 -10.82
CA CYS B 226 -54.00 40.95 -11.99
C CYS B 226 -54.29 42.43 -12.29
N THR B 227 -54.39 43.25 -11.25
CA THR B 227 -54.74 44.66 -11.41
C THR B 227 -53.52 45.56 -11.56
N GLY B 228 -52.32 45.00 -11.66
CA GLY B 228 -51.13 45.80 -11.91
C GLY B 228 -50.59 46.45 -10.65
N PHE B 229 -49.88 47.58 -10.85
CA PHE B 229 -49.26 48.29 -9.73
C PHE B 229 -50.28 48.68 -8.66
N ARG B 230 -51.54 48.88 -9.05
CA ARG B 230 -52.57 49.29 -8.07
C ARG B 230 -52.80 48.20 -7.03
N SER B 231 -52.67 46.94 -7.41
CA SER B 231 -52.80 45.79 -6.51
C SER B 231 -54.04 45.92 -5.63
N LEU B 232 -55.20 45.97 -6.29
CA LEU B 232 -56.45 46.27 -5.58
C LEU B 232 -56.81 45.21 -4.56
N LEU B 233 -56.44 43.96 -4.80
CA LEU B 233 -56.80 42.87 -3.90
C LEU B 233 -55.73 42.61 -2.85
N LEU B 234 -54.50 42.32 -3.29
CA LEU B 234 -53.45 41.93 -2.36
C LEU B 234 -52.89 43.12 -1.60
N GLY B 235 -52.47 44.16 -2.32
CA GLY B 235 -51.87 45.31 -1.66
C GLY B 235 -52.85 46.24 -0.98
N LYS B 236 -54.05 46.36 -1.53
CA LYS B 236 -55.03 47.30 -0.99
C LYS B 236 -56.01 46.60 -0.05
N ALA B 237 -56.85 45.70 -0.60
CA ALA B 237 -57.89 45.08 0.20
C ALA B 237 -57.31 44.25 1.34
N LEU B 238 -56.29 43.46 1.06
CA LEU B 238 -55.64 42.64 2.08
C LEU B 238 -54.48 43.35 2.75
N ALA B 239 -54.07 44.52 2.24
CA ALA B 239 -53.07 45.37 2.89
C ALA B 239 -51.75 44.64 3.11
N GLU B 240 -51.35 43.82 2.13
CA GLU B 240 -50.09 43.11 2.27
C GLU B 240 -48.93 44.05 1.99
N PRO B 241 -47.94 44.14 2.88
CA PRO B 241 -46.85 45.10 2.68
C PRO B 241 -45.99 44.76 1.47
N PHE B 242 -45.35 45.81 0.94
CA PHE B 242 -44.56 45.70 -0.27
C PHE B 242 -43.11 46.02 0.05
N GLN B 243 -42.19 45.20 -0.47
CA GLN B 243 -40.76 45.35 -0.22
C GLN B 243 -40.11 46.03 -1.41
N SER B 244 -39.62 47.25 -1.20
CA SER B 244 -39.01 48.01 -2.29
C SER B 244 -37.60 47.51 -2.57
N TYR B 245 -37.25 47.48 -3.86
CA TYR B 245 -35.87 47.23 -4.30
C TYR B 245 -35.15 48.51 -4.69
N GLN B 246 -35.72 49.68 -4.39
N GLN B 246 -35.72 49.68 -4.41
CA GLN B 246 -35.19 50.93 -4.93
CA GLN B 246 -35.17 50.93 -4.93
C GLN B 246 -33.82 51.29 -4.36
C GLN B 246 -33.79 51.25 -4.38
N ASP B 247 -33.45 50.75 -3.20
CA ASP B 247 -32.12 51.00 -2.65
C ASP B 247 -31.04 50.30 -3.44
N SER B 248 -31.37 49.21 -4.14
N SER B 248 -31.37 49.19 -4.11
CA SER B 248 -30.42 48.49 -4.96
CA SER B 248 -30.45 48.45 -4.96
C SER B 248 -30.54 48.78 -6.44
C SER B 248 -30.54 48.86 -6.43
N LEU B 249 -31.74 49.11 -6.92
CA LEU B 249 -32.00 49.39 -8.34
C LEU B 249 -32.77 50.69 -8.43
N PRO B 250 -32.09 51.82 -8.67
CA PRO B 250 -32.75 53.13 -8.58
C PRO B 250 -33.66 53.47 -9.74
N ASN B 251 -33.62 52.73 -10.85
CA ASN B 251 -34.45 53.08 -12.00
C ASN B 251 -35.92 52.89 -11.65
N ASP B 252 -36.69 53.98 -11.73
CA ASP B 252 -38.08 53.98 -11.29
C ASP B 252 -39.03 54.54 -12.34
N SER B 253 -38.54 54.84 -13.55
CA SER B 253 -39.36 55.55 -14.53
C SER B 253 -39.03 55.04 -15.92
N ALA B 254 -39.95 55.28 -16.84
CA ALA B 254 -39.71 54.94 -18.23
C ALA B 254 -40.51 55.90 -19.11
N VAL B 255 -40.00 56.12 -20.32
CA VAL B 255 -40.74 56.80 -21.38
C VAL B 255 -40.58 55.95 -22.63
N ALA B 256 -41.69 55.69 -23.32
CA ALA B 256 -41.71 54.74 -24.42
C ALA B 256 -42.41 55.34 -25.62
N LEU B 257 -42.02 54.87 -26.81
CA LEU B 257 -42.69 55.24 -28.05
C LEU B 257 -42.54 54.10 -29.03
N ARG B 258 -43.34 54.16 -30.09
CA ARG B 258 -43.38 53.11 -31.11
C ARG B 258 -43.19 53.73 -32.48
N VAL B 259 -42.40 53.07 -33.32
CA VAL B 259 -42.14 53.52 -34.68
C VAL B 259 -42.29 52.32 -35.62
N PRO B 260 -42.49 52.57 -36.91
CA PRO B 260 -42.47 51.45 -37.86
C PRO B 260 -41.07 50.88 -38.01
N GLN B 261 -41.02 49.64 -38.49
CA GLN B 261 -39.75 49.12 -39.00
C GLN B 261 -39.31 49.96 -40.19
N ASP B 262 -38.00 50.10 -40.34
CA ASP B 262 -37.47 50.82 -41.49
C ASP B 262 -37.81 50.07 -42.78
N MET B 263 -37.87 50.83 -43.88
CA MET B 263 -38.31 50.23 -45.14
C MET B 263 -37.31 49.25 -45.74
N GLU B 264 -36.10 49.16 -45.18
CA GLU B 264 -35.15 48.13 -45.58
C GLU B 264 -35.12 46.95 -44.60
N ASN B 265 -35.91 47.01 -43.52
CA ASN B 265 -35.95 45.96 -42.51
C ASN B 265 -34.57 45.73 -41.88
N ARG B 266 -33.76 46.79 -41.81
CA ARG B 266 -32.50 46.71 -41.08
C ARG B 266 -32.73 46.40 -39.61
N GLY B 267 -33.89 46.76 -39.08
CA GLY B 267 -34.24 46.53 -37.70
C GLY B 267 -34.88 45.20 -37.39
N LEU B 268 -35.09 44.34 -38.40
CA LEU B 268 -35.67 43.03 -38.16
C LEU B 268 -34.58 42.05 -37.70
N ARG B 269 -33.86 42.44 -36.68
CA ARG B 269 -32.78 41.71 -36.02
C ARG B 269 -33.36 40.86 -34.91
N PRO B 270 -33.04 39.57 -34.84
CA PRO B 270 -33.64 38.66 -33.84
C PRO B 270 -33.08 38.83 -32.43
N CYS B 271 -33.10 40.06 -31.92
CA CYS B 271 -32.58 40.32 -30.59
C CYS B 271 -33.16 41.62 -30.06
N THR B 272 -33.20 41.71 -28.73
CA THR B 272 -33.46 42.96 -28.03
C THR B 272 -32.15 43.72 -27.88
N THR B 273 -32.21 45.04 -28.01
CA THR B 273 -31.04 45.88 -27.79
C THR B 273 -31.24 46.68 -26.52
N ALA B 274 -30.20 46.71 -25.67
CA ALA B 274 -30.19 47.47 -24.43
C ALA B 274 -28.98 48.40 -24.48
N THR B 275 -29.23 49.69 -24.69
CA THR B 275 -28.17 50.68 -24.91
C THR B 275 -28.06 51.57 -23.68
N ALA B 276 -26.98 51.40 -22.92
CA ALA B 276 -26.79 52.17 -21.70
C ALA B 276 -26.76 53.66 -22.00
N GLN B 277 -27.37 54.44 -21.10
CA GLN B 277 -27.45 55.89 -21.20
C GLN B 277 -26.89 56.51 -19.93
N GLU B 278 -26.91 57.84 -19.87
CA GLU B 278 -26.30 58.53 -18.73
C GLU B 278 -27.04 58.27 -17.42
N ALA B 279 -28.33 57.91 -17.47
CA ALA B 279 -29.10 57.69 -16.25
C ALA B 279 -29.97 56.45 -16.34
N GLY B 280 -29.55 55.46 -17.13
CA GLY B 280 -30.31 54.26 -17.30
C GLY B 280 -29.96 53.58 -18.61
N TRP B 281 -30.97 53.19 -19.39
CA TRP B 281 -30.71 52.50 -20.64
C TRP B 281 -31.95 52.54 -21.52
N ILE B 282 -31.74 52.35 -22.82
CA ILE B 282 -32.79 52.41 -23.81
C ILE B 282 -32.98 51.03 -24.43
N TRP B 283 -34.22 50.58 -24.49
CA TRP B 283 -34.54 49.29 -25.10
C TRP B 283 -34.97 49.49 -26.55
N THR B 284 -34.59 48.54 -27.40
CA THR B 284 -35.10 48.42 -28.75
C THR B 284 -35.68 47.03 -28.90
N ILE B 285 -37.00 46.96 -29.10
CA ILE B 285 -37.69 45.67 -29.23
C ILE B 285 -38.28 45.57 -30.63
N PRO B 286 -37.70 44.74 -31.51
CA PRO B 286 -38.20 44.68 -32.89
C PRO B 286 -39.35 43.69 -33.07
N LEU B 287 -40.53 44.23 -33.38
CA LEU B 287 -41.63 43.42 -33.85
C LEU B 287 -41.50 43.26 -35.37
N PHE B 288 -42.46 42.57 -35.99
CA PHE B 288 -42.30 42.25 -37.41
C PHE B 288 -42.35 43.51 -38.28
N ASP B 289 -43.28 44.42 -38.01
CA ASP B 289 -43.34 45.67 -38.77
C ASP B 289 -43.41 46.90 -37.86
N ARG B 290 -43.15 46.74 -36.58
CA ARG B 290 -43.07 47.86 -35.64
C ARG B 290 -41.84 47.68 -34.76
N ILE B 291 -41.35 48.80 -34.23
CA ILE B 291 -40.24 48.79 -33.29
C ILE B 291 -40.70 49.52 -32.03
N GLY B 292 -40.64 48.83 -30.88
CA GLY B 292 -40.93 49.44 -29.60
C GLY B 292 -39.62 49.86 -28.95
N THR B 293 -39.59 51.09 -28.44
CA THR B 293 -38.38 51.62 -27.84
C THR B 293 -38.74 52.44 -26.61
N GLY B 294 -37.81 52.50 -25.67
CA GLY B 294 -38.05 53.24 -24.44
C GLY B 294 -36.77 53.49 -23.68
N TYR B 295 -36.83 54.46 -22.78
CA TYR B 295 -35.71 54.83 -21.92
C TYR B 295 -36.13 54.50 -20.49
N VAL B 296 -35.46 53.54 -19.87
CA VAL B 296 -35.60 53.25 -18.45
C VAL B 296 -34.58 54.09 -17.70
N TYR B 297 -35.04 54.85 -16.70
CA TYR B 297 -34.16 55.81 -16.06
C TYR B 297 -34.54 56.01 -14.61
N ALA B 298 -33.60 56.59 -13.87
CA ALA B 298 -33.79 56.92 -12.45
C ALA B 298 -34.16 58.41 -12.37
N GLY B 299 -35.38 58.68 -11.90
CA GLY B 299 -35.88 60.05 -11.85
C GLY B 299 -35.08 60.98 -10.96
N ASP B 300 -34.28 60.44 -10.04
CA ASP B 300 -33.43 61.27 -9.22
C ASP B 300 -32.24 61.82 -9.99
N TYR B 301 -31.92 61.25 -11.15
CA TYR B 301 -30.77 61.65 -11.93
C TYR B 301 -31.11 62.41 -13.20
N ILE B 302 -32.32 62.25 -13.73
CA ILE B 302 -32.73 62.95 -14.95
C ILE B 302 -34.24 63.13 -14.91
N SER B 303 -34.71 64.19 -15.57
CA SER B 303 -36.13 64.52 -15.59
C SER B 303 -36.84 63.76 -16.70
N PRO B 304 -38.19 63.65 -16.62
CA PRO B 304 -38.91 62.99 -17.72
C PRO B 304 -38.72 63.67 -19.06
N GLU B 305 -38.72 65.01 -19.09
CA GLU B 305 -38.56 65.72 -20.36
C GLU B 305 -37.22 65.42 -21.00
N GLU B 306 -36.16 65.34 -20.20
CA GLU B 306 -34.83 65.07 -20.75
C GLU B 306 -34.70 63.62 -21.17
N ALA B 307 -35.32 62.70 -20.43
CA ALA B 307 -35.36 61.31 -20.87
C ALA B 307 -36.05 61.19 -22.22
N GLU B 308 -37.18 61.90 -22.40
CA GLU B 308 -37.86 61.86 -23.69
C GLU B 308 -37.00 62.49 -24.79
N ARG B 309 -36.33 63.60 -24.48
CA ARG B 309 -35.44 64.22 -25.47
C ARG B 309 -34.35 63.25 -25.91
N THR B 310 -33.73 62.55 -24.95
CA THR B 310 -32.69 61.58 -25.28
C THR B 310 -33.25 60.44 -26.14
N LEU B 311 -34.43 59.93 -25.77
CA LEU B 311 -35.02 58.82 -26.51
C LEU B 311 -35.32 59.21 -27.96
N ARG B 312 -35.91 60.39 -28.17
CA ARG B 312 -36.25 60.81 -29.52
C ARG B 312 -35.00 61.01 -30.37
N ALA B 313 -33.95 61.60 -29.80
CA ALA B 313 -32.71 61.78 -30.54
C ALA B 313 -32.06 60.43 -30.87
N PHE B 314 -32.13 59.47 -29.94
CA PHE B 314 -31.56 58.16 -30.17
C PHE B 314 -32.27 57.44 -31.32
N VAL B 315 -33.60 57.50 -31.36
CA VAL B 315 -34.36 56.81 -32.40
C VAL B 315 -34.17 57.49 -33.75
N GLY B 316 -34.09 58.82 -33.76
CA GLY B 316 -33.90 59.54 -35.00
C GLY B 316 -35.20 60.08 -35.56
N PRO B 317 -35.17 60.44 -36.85
CA PRO B 317 -36.33 61.16 -37.43
C PRO B 317 -37.63 60.37 -37.40
N ALA B 318 -37.58 59.04 -37.35
CA ALA B 318 -38.82 58.26 -37.30
C ALA B 318 -39.62 58.53 -36.03
N ALA B 319 -38.97 59.00 -34.97
CA ALA B 319 -39.65 59.31 -33.72
C ALA B 319 -40.08 60.77 -33.61
N GLU B 320 -39.94 61.54 -34.69
CA GLU B 320 -40.20 62.99 -34.60
C GLU B 320 -41.63 63.27 -34.14
N HIS B 321 -42.60 62.53 -34.67
CA HIS B 321 -44.01 62.78 -34.36
C HIS B 321 -44.65 61.68 -33.52
N ALA B 322 -43.88 60.68 -33.08
CA ALA B 322 -44.46 59.58 -32.32
C ALA B 322 -44.90 60.03 -30.94
N ASP B 323 -46.02 59.49 -30.49
CA ASP B 323 -46.54 59.79 -29.16
C ASP B 323 -45.69 59.09 -28.10
N ALA B 324 -45.19 59.86 -27.13
CA ALA B 324 -44.40 59.32 -26.04
C ALA B 324 -45.29 59.07 -24.82
N ASN B 325 -45.08 57.92 -24.17
CA ASN B 325 -45.87 57.51 -23.01
C ASN B 325 -44.95 57.41 -21.80
N HIS B 326 -45.28 58.16 -20.75
CA HIS B 326 -44.47 58.20 -19.53
C HIS B 326 -45.08 57.30 -18.46
N ILE B 327 -44.21 56.55 -17.77
CA ILE B 327 -44.63 55.53 -16.81
C ILE B 327 -43.83 55.68 -15.52
N LYS B 328 -44.52 55.59 -14.38
CA LYS B 328 -43.89 55.41 -13.09
C LYS B 328 -43.95 53.93 -12.72
N MET B 329 -42.83 53.38 -12.27
CA MET B 329 -42.72 51.95 -12.00
C MET B 329 -42.62 51.70 -10.51
N ARG B 330 -43.30 50.67 -10.03
CA ARG B 330 -43.19 50.21 -8.64
C ARG B 330 -42.19 49.06 -8.62
N ILE B 331 -41.00 49.32 -8.07
CA ILE B 331 -39.86 48.40 -8.16
C ILE B 331 -39.73 47.66 -6.84
N GLY B 332 -39.89 46.35 -6.88
CA GLY B 332 -39.78 45.54 -5.68
C GLY B 332 -40.68 44.32 -5.79
N ARG B 333 -41.06 43.79 -4.62
CA ARG B 333 -41.91 42.61 -4.58
C ARG B 333 -42.77 42.66 -3.33
N SER B 334 -43.98 42.10 -3.46
CA SER B 334 -44.83 41.95 -2.29
C SER B 334 -44.14 41.07 -1.26
N ASN B 335 -44.43 41.33 0.03
CA ASN B 335 -43.92 40.49 1.10
C ASN B 335 -44.35 39.03 0.89
N ARG B 336 -45.63 38.84 0.57
CA ARG B 336 -46.17 37.53 0.22
C ARG B 336 -47.03 37.70 -1.02
N HIS B 337 -47.11 36.64 -1.81
CA HIS B 337 -47.80 36.66 -3.10
C HIS B 337 -49.11 35.89 -3.10
N TRP B 338 -49.22 34.89 -2.24
CA TRP B 338 -50.45 34.16 -1.98
C TRP B 338 -50.81 34.42 -0.52
N VAL B 339 -51.87 35.17 -0.29
CA VAL B 339 -52.36 35.47 1.06
C VAL B 339 -53.83 35.05 1.11
N ASN B 340 -54.17 34.25 2.12
CA ASN B 340 -55.52 33.72 2.27
C ASN B 340 -55.97 33.07 0.97
N ASN B 341 -57.04 33.58 0.36
CA ASN B 341 -57.52 33.05 -0.92
C ASN B 341 -57.24 33.98 -2.08
N CYS B 342 -56.13 34.72 -2.03
CA CYS B 342 -55.77 35.67 -3.07
C CYS B 342 -54.33 35.44 -3.51
N VAL B 343 -54.14 35.30 -4.82
CA VAL B 343 -52.81 35.17 -5.43
C VAL B 343 -52.61 36.33 -6.39
N ALA B 344 -51.50 37.05 -6.25
CA ALA B 344 -51.17 38.14 -7.17
C ALA B 344 -50.31 37.62 -8.31
N VAL B 345 -50.68 38.00 -9.53
CA VAL B 345 -49.95 37.61 -10.74
C VAL B 345 -49.69 38.86 -11.56
N GLY B 346 -48.43 39.08 -11.93
CA GLY B 346 -48.07 40.26 -12.69
C GLY B 346 -47.50 41.37 -11.82
N LEU B 347 -47.71 42.62 -12.25
CA LEU B 347 -47.14 43.78 -11.55
C LEU B 347 -47.66 43.92 -10.13
N SER B 348 -48.85 43.37 -9.84
CA SER B 348 -49.38 43.37 -8.48
C SER B 348 -48.49 42.57 -7.53
N SER B 349 -47.79 41.56 -8.04
CA SER B 349 -46.91 40.71 -7.24
C SER B 349 -45.53 41.32 -7.06
N GLY B 350 -44.97 41.88 -8.12
CA GLY B 350 -43.64 42.46 -8.08
C GLY B 350 -43.22 42.87 -9.46
N PHE B 351 -42.11 43.61 -9.50
CA PHE B 351 -41.64 44.14 -10.77
C PHE B 351 -40.22 44.65 -10.62
N VAL B 352 -39.39 44.38 -11.64
CA VAL B 352 -38.10 45.03 -11.82
C VAL B 352 -38.05 45.57 -13.24
N GLU B 353 -37.12 46.49 -13.47
CA GLU B 353 -36.95 47.05 -14.80
C GLU B 353 -36.72 45.94 -15.83
N PRO B 354 -37.19 46.12 -17.06
CA PRO B 354 -37.13 45.02 -18.03
C PRO B 354 -35.76 44.81 -18.66
N LEU B 355 -34.69 44.97 -17.87
CA LEU B 355 -33.34 44.88 -18.43
C LEU B 355 -33.02 43.48 -18.94
N GLU B 356 -33.59 42.45 -18.33
CA GLU B 356 -33.42 41.09 -18.82
C GLU B 356 -34.77 40.45 -19.12
N SER B 357 -35.76 41.27 -19.45
CA SER B 357 -37.05 40.83 -20.01
C SER B 357 -37.70 39.77 -19.12
N THR B 358 -38.02 40.15 -17.88
CA THR B 358 -38.52 39.20 -16.90
C THR B 358 -40.01 39.33 -16.60
N GLY B 359 -40.69 40.34 -17.13
CA GLY B 359 -42.10 40.54 -16.83
C GLY B 359 -43.00 39.34 -17.11
N ILE B 360 -42.96 38.85 -18.34
CA ILE B 360 -43.76 37.68 -18.71
C ILE B 360 -43.25 36.44 -17.98
N PHE B 361 -41.94 36.38 -17.71
CA PHE B 361 -41.38 35.26 -16.98
C PHE B 361 -41.94 35.16 -15.56
N PHE B 362 -42.02 36.31 -14.87
CA PHE B 362 -42.61 36.31 -13.53
C PHE B 362 -44.07 35.82 -13.57
N ILE B 363 -44.82 36.27 -14.57
CA ILE B 363 -46.21 35.84 -14.70
C ILE B 363 -46.29 34.33 -14.93
N GLN B 364 -45.52 33.82 -15.90
CA GLN B 364 -45.56 32.40 -16.20
C GLN B 364 -45.13 31.57 -15.00
N HIS B 365 -44.09 32.00 -14.29
CA HIS B 365 -43.67 31.29 -13.08
C HIS B 365 -44.79 31.29 -12.04
N ALA B 366 -45.44 32.44 -11.85
CA ALA B 366 -46.52 32.52 -10.86
C ALA B 366 -47.66 31.58 -11.20
N ILE B 367 -47.99 31.45 -12.48
CA ILE B 367 -49.11 30.60 -12.86
C ILE B 367 -48.73 29.14 -12.81
N GLU B 368 -47.54 28.79 -13.32
CA GLU B 368 -47.09 27.41 -13.28
C GLU B 368 -46.99 26.91 -11.83
N GLN B 369 -46.48 27.75 -10.93
CA GLN B 369 -46.35 27.33 -9.55
C GLN B 369 -47.69 27.35 -8.83
N LEU B 370 -48.64 28.18 -9.29
CA LEU B 370 -49.99 28.12 -8.72
C LEU B 370 -50.67 26.79 -9.04
N VAL B 371 -50.53 26.32 -10.28
CA VAL B 371 -51.08 25.02 -10.64
C VAL B 371 -50.41 23.93 -9.81
N LYS B 372 -49.08 23.98 -9.67
CA LYS B 372 -48.37 22.96 -8.91
C LYS B 372 -48.81 22.97 -7.44
N HIS B 373 -49.05 24.15 -6.87
CA HIS B 373 -49.42 24.28 -5.47
C HIS B 373 -50.91 24.54 -5.28
N PHE B 374 -51.75 24.14 -6.23
CA PHE B 374 -53.16 24.47 -6.16
C PHE B 374 -53.79 23.83 -4.94
N PRO B 375 -54.62 24.56 -4.20
CA PRO B 375 -55.21 24.02 -2.97
C PRO B 375 -56.49 23.24 -3.23
N ASP B 376 -56.89 22.47 -2.22
CA ASP B 376 -58.24 21.96 -2.14
C ASP B 376 -58.98 22.73 -1.04
N GLU B 377 -60.15 22.23 -0.64
CA GLU B 377 -60.95 22.95 0.34
C GLU B 377 -60.30 23.03 1.71
N ARG B 378 -59.22 22.27 1.96
CA ARG B 378 -58.51 22.37 3.23
C ARG B 378 -57.59 23.57 3.29
N TRP B 379 -57.21 24.15 2.15
CA TRP B 379 -56.33 25.32 2.07
C TRP B 379 -55.10 25.14 2.97
N ASP B 380 -54.39 24.04 2.76
CA ASP B 380 -53.15 23.77 3.49
C ASP B 380 -52.23 24.98 3.44
N ASP B 381 -51.94 25.55 4.61
CA ASP B 381 -51.12 26.76 4.65
C ASP B 381 -49.69 26.48 4.20
N GLY B 382 -49.25 25.22 4.24
CA GLY B 382 -47.95 24.88 3.71
C GLY B 382 -47.84 25.13 2.22
N LEU B 383 -48.96 25.07 1.50
CA LEU B 383 -48.94 25.39 0.08
C LEU B 383 -48.59 26.86 -0.14
N ARG B 384 -49.18 27.76 0.67
CA ARG B 384 -48.85 29.17 0.59
C ARG B 384 -47.39 29.42 0.95
N THR B 385 -46.91 28.78 2.01
CA THR B 385 -45.55 29.02 2.47
C THR B 385 -44.54 28.65 1.39
N ALA B 386 -44.71 27.48 0.78
CA ALA B 386 -43.81 27.07 -0.30
C ALA B 386 -43.95 27.99 -1.50
N TYR B 387 -45.18 28.31 -1.88
CA TYR B 387 -45.41 29.19 -3.03
C TYR B 387 -44.72 30.53 -2.84
N ASN B 388 -44.91 31.16 -1.67
CA ASN B 388 -44.32 32.47 -1.44
C ASN B 388 -42.80 32.41 -1.42
N LYS B 389 -42.23 31.34 -0.85
CA LYS B 389 -40.77 31.19 -0.86
C LYS B 389 -40.24 31.09 -2.28
N LEU B 390 -40.93 30.34 -3.15
CA LEU B 390 -40.46 30.17 -4.52
C LEU B 390 -40.50 31.49 -5.28
N VAL B 391 -41.61 32.23 -5.18
CA VAL B 391 -41.70 33.50 -5.89
C VAL B 391 -40.70 34.51 -5.34
N ASN B 392 -40.59 34.59 -4.00
CA ASN B 392 -39.63 35.51 -3.41
C ASN B 392 -38.20 35.20 -3.85
N ASN B 393 -37.86 33.91 -3.97
CA ASN B 393 -36.51 33.57 -4.40
C ASN B 393 -36.28 33.90 -5.86
N VAL B 394 -37.31 33.77 -6.71
CA VAL B 394 -37.18 34.16 -8.10
C VAL B 394 -36.91 35.66 -8.22
N MET B 395 -37.71 36.47 -7.53
CA MET B 395 -37.58 37.91 -7.67
C MET B 395 -36.32 38.43 -6.99
N ASP B 396 -35.97 37.87 -5.82
CA ASP B 396 -34.71 38.27 -5.18
C ASP B 396 -33.51 37.84 -6.03
N GLY B 397 -33.59 36.67 -6.67
CA GLY B 397 -32.50 36.24 -7.53
C GLY B 397 -32.32 37.13 -8.74
N VAL B 398 -33.43 37.49 -9.40
CA VAL B 398 -33.35 38.40 -10.54
C VAL B 398 -32.83 39.76 -10.10
N ARG B 399 -33.27 40.24 -8.94
CA ARG B 399 -32.76 41.51 -8.43
C ARG B 399 -31.24 41.50 -8.30
N GLU B 400 -30.68 40.41 -7.77
CA GLU B 400 -29.23 40.30 -7.66
C GLU B 400 -28.57 40.31 -9.04
N PHE B 401 -29.15 39.56 -9.98
CA PHE B 401 -28.61 39.54 -11.34
C PHE B 401 -28.59 40.93 -11.96
N LEU B 402 -29.64 41.73 -11.72
CA LEU B 402 -29.70 43.07 -12.30
C LEU B 402 -28.73 44.02 -11.62
N VAL B 403 -28.56 43.88 -10.30
CA VAL B 403 -27.55 44.68 -9.59
C VAL B 403 -26.18 44.44 -10.20
N VAL B 404 -25.90 43.20 -10.61
CA VAL B 404 -24.61 42.87 -11.20
C VAL B 404 -24.42 43.55 -12.55
N HIS B 405 -25.51 43.75 -13.30
CA HIS B 405 -25.39 44.47 -14.57
C HIS B 405 -24.79 45.86 -14.36
N TYR B 406 -25.25 46.57 -13.35
CA TYR B 406 -24.76 47.93 -13.09
C TYR B 406 -23.44 47.92 -12.34
N TYR B 407 -23.24 46.95 -11.46
CA TYR B 407 -21.99 46.87 -10.71
C TYR B 407 -20.82 46.47 -11.60
N ALA B 408 -21.02 45.49 -12.47
CA ALA B 408 -19.95 44.97 -13.32
C ALA B 408 -19.78 45.75 -14.62
N ALA B 409 -20.71 46.63 -14.97
CA ALA B 409 -20.49 47.52 -16.11
C ALA B 409 -19.25 48.36 -15.87
N LYS B 410 -18.30 48.28 -16.81
CA LYS B 410 -17.03 48.95 -16.61
C LYS B 410 -17.19 50.48 -16.51
N ARG B 411 -18.17 51.04 -17.20
CA ARG B 411 -18.26 52.50 -17.26
C ARG B 411 -18.53 53.09 -15.87
N GLN B 412 -17.82 54.17 -15.58
CA GLN B 412 -18.02 54.98 -14.37
C GLN B 412 -17.81 56.44 -14.73
N ASP B 413 -18.48 56.88 -15.80
CA ASP B 413 -18.24 58.17 -16.43
C ASP B 413 -19.00 59.32 -15.80
N ASN B 414 -19.97 59.04 -14.94
CA ASN B 414 -20.69 60.10 -14.23
C ASN B 414 -21.10 59.56 -12.87
N GLN B 415 -21.82 60.39 -12.10
CA GLN B 415 -22.17 60.00 -10.75
C GLN B 415 -23.11 58.79 -10.75
N TYR B 416 -23.99 58.70 -11.75
CA TYR B 416 -24.91 57.55 -11.84
C TYR B 416 -24.14 56.24 -11.95
N TRP B 417 -23.19 56.17 -12.88
CA TRP B 417 -22.45 54.94 -13.11
C TRP B 417 -21.37 54.70 -12.05
N LYS B 418 -21.00 55.74 -11.30
CA LYS B 418 -20.19 55.53 -10.10
C LYS B 418 -21.03 54.98 -8.95
N ASP B 419 -22.23 55.54 -8.76
CA ASP B 419 -23.10 55.09 -7.68
C ASP B 419 -23.52 53.64 -7.86
N ALA B 420 -23.52 53.15 -9.10
CA ALA B 420 -23.87 51.76 -9.36
C ALA B 420 -22.93 50.79 -8.66
N LYS B 421 -21.76 51.24 -8.24
CA LYS B 421 -20.77 50.38 -7.59
C LYS B 421 -20.72 50.54 -6.08
N THR B 422 -21.38 51.56 -5.53
CA THR B 422 -21.29 51.87 -4.11
C THR B 422 -22.61 51.70 -3.37
N ARG B 423 -23.67 51.29 -4.04
CA ARG B 423 -24.92 51.00 -3.35
C ARG B 423 -24.79 49.73 -2.52
N PRO B 424 -25.65 49.57 -1.50
CA PRO B 424 -25.58 48.36 -0.68
C PRO B 424 -25.92 47.12 -1.50
N LEU B 425 -25.09 46.11 -1.37
CA LEU B 425 -25.40 44.95 -2.18
C LEU B 425 -26.36 44.03 -1.45
N PRO B 426 -27.19 43.29 -2.19
CA PRO B 426 -28.04 42.28 -1.55
C PRO B 426 -27.19 41.23 -0.83
N ASP B 427 -27.80 40.60 0.18
CA ASP B 427 -27.09 39.64 1.01
C ASP B 427 -26.53 38.51 0.17
N GLY B 428 -25.25 38.20 0.39
CA GLY B 428 -24.58 37.12 -0.29
C GLY B 428 -23.88 37.49 -1.59
N LEU B 429 -24.19 38.66 -2.16
CA LEU B 429 -23.61 39.02 -3.44
C LEU B 429 -22.14 39.39 -3.32
N ALA B 430 -21.77 40.09 -2.24
CA ALA B 430 -20.37 40.44 -2.03
C ALA B 430 -19.47 39.21 -2.11
N GLU B 431 -19.90 38.12 -1.49
CA GLU B 431 -19.10 36.90 -1.49
C GLU B 431 -19.10 36.23 -2.86
N ARG B 432 -20.23 36.28 -3.57
CA ARG B 432 -20.27 35.72 -4.92
C ARG B 432 -19.38 36.52 -5.88
N LEU B 433 -19.36 37.84 -5.73
CA LEU B 433 -18.48 38.65 -6.58
C LEU B 433 -17.01 38.25 -6.40
N GLU B 434 -16.62 37.91 -5.17
CA GLU B 434 -15.26 37.46 -4.93
C GLU B 434 -15.02 36.10 -5.57
N ARG B 435 -16.01 35.19 -5.51
CA ARG B 435 -15.89 33.90 -6.19
C ARG B 435 -15.69 34.10 -7.68
N TRP B 436 -16.48 35.01 -8.28
CA TRP B 436 -16.46 35.17 -9.72
C TRP B 436 -15.13 35.72 -10.22
N GLN B 437 -14.41 36.46 -9.38
CA GLN B 437 -13.11 36.98 -9.76
C GLN B 437 -11.98 36.01 -9.42
N THR B 438 -12.32 34.82 -8.93
CA THR B 438 -11.42 33.68 -8.86
C THR B 438 -11.61 32.75 -10.05
N ARG B 439 -12.84 32.34 -10.32
CA ARG B 439 -13.20 31.55 -11.49
C ARG B 439 -14.57 32.01 -11.99
N LEU B 440 -14.79 31.86 -13.29
CA LEU B 440 -16.04 32.29 -13.90
C LEU B 440 -17.25 31.63 -13.23
N PRO B 441 -18.40 32.30 -13.21
CA PRO B 441 -19.57 31.77 -12.50
C PRO B 441 -19.97 30.39 -13.01
N ASP B 442 -20.44 29.55 -12.08
CA ASP B 442 -21.05 28.28 -12.43
C ASP B 442 -22.24 28.05 -11.51
N ASN B 443 -22.86 26.88 -11.63
CA ASN B 443 -24.08 26.58 -10.88
C ASN B 443 -23.89 26.74 -9.38
N GLU B 444 -22.69 26.46 -8.87
CA GLU B 444 -22.47 26.49 -7.43
C GLU B 444 -21.95 27.84 -6.92
N SER B 445 -21.80 28.83 -7.78
CA SER B 445 -21.33 30.14 -7.34
C SER B 445 -22.30 31.27 -7.68
N VAL B 446 -23.52 30.96 -8.10
CA VAL B 446 -24.54 31.96 -8.33
C VAL B 446 -25.62 31.82 -7.26
N PHE B 447 -26.53 32.81 -7.20
CA PHE B 447 -27.68 32.79 -6.31
C PHE B 447 -28.27 31.39 -6.27
N PRO B 448 -28.29 30.74 -5.10
CA PRO B 448 -28.48 29.27 -5.07
C PRO B 448 -29.94 28.82 -5.09
N HIS B 449 -30.84 29.61 -5.65
CA HIS B 449 -32.24 29.22 -5.79
C HIS B 449 -32.68 29.55 -7.20
N TYR B 450 -33.69 28.82 -7.68
CA TYR B 450 -34.17 29.05 -9.03
C TYR B 450 -34.62 30.49 -9.19
N HIS B 451 -34.08 31.16 -10.20
CA HIS B 451 -34.51 32.51 -10.52
C HIS B 451 -34.47 32.76 -12.02
N GLY B 452 -34.74 31.71 -12.80
CA GLY B 452 -34.80 31.80 -14.24
C GLY B 452 -33.44 31.64 -14.90
N PHE B 453 -32.54 32.57 -14.61
CA PHE B 453 -31.30 32.64 -15.36
C PHE B 453 -30.33 31.55 -14.95
N GLU B 454 -29.66 30.99 -15.95
CA GLU B 454 -28.67 29.93 -15.79
C GLU B 454 -27.27 30.52 -15.72
N SER B 455 -26.31 29.70 -15.28
CA SER B 455 -24.97 30.21 -15.02
C SER B 455 -24.32 30.78 -16.28
N TYR B 456 -24.65 30.25 -17.46
CA TYR B 456 -24.05 30.77 -18.69
C TYR B 456 -24.38 32.24 -18.88
N SER B 457 -25.56 32.68 -18.42
CA SER B 457 -25.92 34.09 -18.53
C SER B 457 -25.02 34.96 -17.68
N TYR B 458 -24.67 34.49 -16.47
CA TYR B 458 -23.73 35.22 -15.63
C TYR B 458 -22.36 35.33 -16.29
N VAL B 459 -21.85 34.22 -16.83
CA VAL B 459 -20.55 34.23 -17.50
C VAL B 459 -20.53 35.26 -18.61
N CYS B 460 -21.56 35.24 -19.47
CA CYS B 460 -21.59 36.15 -20.61
CA CYS B 460 -21.58 36.14 -20.61
C CYS B 460 -21.65 37.60 -20.17
N MET B 461 -22.48 37.91 -19.17
CA MET B 461 -22.61 39.30 -18.74
C MET B 461 -21.30 39.82 -18.13
N LEU B 462 -20.63 39.01 -17.31
CA LEU B 462 -19.37 39.48 -16.72
C LEU B 462 -18.32 39.74 -17.78
N LEU B 463 -18.19 38.83 -18.76
CA LEU B 463 -17.19 39.02 -19.81
C LEU B 463 -17.49 40.26 -20.65
N GLY B 464 -18.75 40.48 -20.99
CA GLY B 464 -19.10 41.63 -21.82
C GLY B 464 -19.01 42.95 -21.07
N LEU B 465 -19.50 42.98 -19.82
CA LEU B 465 -19.55 44.24 -19.08
C LEU B 465 -18.15 44.73 -18.74
N GLY B 466 -17.24 43.82 -18.41
CA GLY B 466 -15.82 44.12 -18.37
C GLY B 466 -15.31 44.84 -17.14
N GLY B 467 -16.14 45.05 -16.13
CA GLY B 467 -15.73 45.82 -14.97
C GLY B 467 -15.06 45.04 -13.86
N LEU B 468 -15.22 43.71 -13.85
CA LEU B 468 -14.61 42.89 -12.81
C LEU B 468 -13.24 42.38 -13.28
N ASP B 469 -12.40 42.06 -12.30
CA ASP B 469 -11.07 41.49 -12.57
C ASP B 469 -11.21 39.97 -12.63
N LEU B 470 -11.48 39.46 -13.83
CA LEU B 470 -11.71 38.04 -14.02
C LEU B 470 -10.39 37.31 -14.26
N LYS B 471 -10.37 36.03 -13.91
CA LYS B 471 -9.19 35.18 -14.08
C LYS B 471 -9.61 33.85 -14.70
N SER B 472 -8.79 33.35 -15.62
CA SER B 472 -9.01 32.01 -16.12
C SER B 472 -8.47 30.97 -15.14
N SER B 473 -8.94 29.74 -15.29
CA SER B 473 -8.52 28.66 -14.39
C SER B 473 -7.08 28.27 -14.66
N PRO B 474 -6.20 28.30 -13.65
CA PRO B 474 -4.78 27.93 -13.89
C PRO B 474 -4.59 26.50 -14.40
N ALA B 475 -5.53 25.60 -14.12
CA ALA B 475 -5.40 24.23 -14.59
C ALA B 475 -5.26 24.16 -16.11
N LEU B 476 -5.82 25.14 -16.84
CA LEU B 476 -5.77 25.10 -18.29
C LEU B 476 -4.34 25.13 -18.81
N GLY B 477 -3.40 25.68 -18.05
CA GLY B 477 -2.01 25.69 -18.45
C GLY B 477 -1.34 24.33 -18.42
N LEU B 478 -1.97 23.33 -17.80
CA LEU B 478 -1.41 21.99 -17.69
C LEU B 478 -2.15 20.97 -18.55
N MET B 479 -3.11 21.42 -19.35
CA MET B 479 -3.97 20.51 -20.10
C MET B 479 -3.72 20.63 -21.60
N ASP B 480 -4.17 19.61 -22.32
CA ASP B 480 -4.10 19.62 -23.77
C ASP B 480 -5.03 20.71 -24.30
N ALA B 481 -4.45 21.72 -24.95
CA ALA B 481 -5.23 22.84 -25.49
C ALA B 481 -5.81 22.55 -26.87
N ALA B 482 -5.39 21.47 -27.52
CA ALA B 482 -5.90 21.16 -28.86
C ALA B 482 -7.41 20.99 -28.91
N PRO B 483 -8.06 20.26 -27.99
CA PRO B 483 -9.54 20.18 -28.06
C PRO B 483 -10.23 21.52 -28.02
N ALA B 484 -9.70 22.48 -27.24
CA ALA B 484 -10.33 23.79 -27.15
C ALA B 484 -10.06 24.64 -28.38
N ARG B 485 -8.82 24.61 -28.89
CA ARG B 485 -8.52 25.33 -30.11
C ARG B 485 -9.32 24.79 -31.29
N HIS B 486 -9.60 23.48 -31.29
CA HIS B 486 -10.49 22.93 -32.30
C HIS B 486 -11.89 23.48 -32.16
N GLU B 487 -12.39 23.59 -30.92
CA GLU B 487 -13.74 24.08 -30.69
C GLU B 487 -13.89 25.52 -31.16
N PHE B 488 -12.86 26.35 -30.94
CA PHE B 488 -12.90 27.71 -31.46
C PHE B 488 -12.96 27.72 -32.99
N LYS B 489 -12.19 26.83 -33.62
CA LYS B 489 -12.24 26.72 -35.07
C LYS B 489 -13.62 26.26 -35.54
N LEU B 490 -14.21 25.29 -34.83
CA LEU B 490 -15.50 24.74 -35.25
C LEU B 490 -16.63 25.77 -35.11
N VAL B 491 -16.57 26.61 -34.06
CA VAL B 491 -17.57 27.65 -33.90
C VAL B 491 -17.56 28.59 -35.12
N GLY B 492 -16.37 29.02 -35.53
CA GLY B 492 -16.29 29.89 -36.69
C GLY B 492 -16.74 29.22 -37.97
N GLU B 493 -16.52 27.91 -38.09
CA GLU B 493 -16.96 27.19 -39.30
C GLU B 493 -18.47 27.01 -39.29
N GLN B 494 -19.05 26.64 -38.15
CA GLN B 494 -20.50 26.49 -38.07
C GLN B 494 -21.20 27.83 -38.27
N ALA B 495 -20.60 28.92 -37.77
CA ALA B 495 -21.18 30.24 -37.98
C ALA B 495 -21.20 30.60 -39.45
N ALA B 496 -20.13 30.28 -40.18
CA ALA B 496 -20.08 30.58 -41.61
C ALA B 496 -21.10 29.77 -42.39
N GLU B 497 -21.29 28.50 -42.01
CA GLU B 497 -22.26 27.67 -42.70
C GLU B 497 -23.69 28.16 -42.45
N LEU B 498 -24.01 28.51 -41.19
CA LEU B 498 -25.33 29.03 -40.88
C LEU B 498 -25.59 30.35 -41.59
N ALA B 499 -24.56 31.19 -41.70
CA ALA B 499 -24.71 32.46 -42.41
C ALA B 499 -25.04 32.24 -43.88
N ARG B 500 -24.60 31.11 -44.43
CA ARG B 500 -24.84 30.82 -45.85
C ARG B 500 -26.21 30.18 -46.08
N THR B 501 -26.68 29.36 -45.15
CA THR B 501 -27.86 28.54 -45.37
C THR B 501 -29.14 29.08 -44.75
N LEU B 502 -29.05 29.72 -43.58
CA LEU B 502 -30.26 30.16 -42.89
C LEU B 502 -30.93 31.31 -43.65
N PRO B 503 -32.26 31.34 -43.68
CA PRO B 503 -32.94 32.51 -44.24
C PRO B 503 -32.98 33.65 -43.23
N THR B 504 -33.18 34.85 -43.75
CA THR B 504 -33.40 35.98 -42.86
C THR B 504 -34.76 35.86 -42.19
N GLN B 505 -34.94 36.61 -41.10
CA GLN B 505 -36.24 36.64 -40.44
C GLN B 505 -37.32 37.11 -41.40
N TYR B 506 -37.01 38.11 -42.24
CA TYR B 506 -38.01 38.62 -43.17
C TYR B 506 -38.45 37.55 -44.16
N GLU B 507 -37.48 36.84 -44.75
CA GLU B 507 -37.81 35.77 -45.68
C GLU B 507 -38.66 34.69 -45.00
N TYR B 508 -38.29 34.31 -43.79
CA TYR B 508 -39.03 33.27 -43.08
C TYR B 508 -40.46 33.72 -42.81
N PHE B 509 -40.63 34.91 -42.24
CA PHE B 509 -41.96 35.37 -41.88
C PHE B 509 -42.78 35.76 -43.11
N ALA B 510 -42.12 36.17 -44.20
CA ALA B 510 -42.84 36.43 -45.44
C ALA B 510 -43.48 35.14 -45.97
N GLN B 511 -42.75 34.02 -45.88
CA GLN B 511 -43.32 32.74 -46.25
C GLN B 511 -44.42 32.34 -45.28
N LEU B 512 -44.21 32.57 -43.98
CA LEU B 512 -45.20 32.23 -42.97
C LEU B 512 -46.52 32.96 -43.22
N HIS B 513 -46.45 34.26 -43.52
CA HIS B 513 -47.66 35.04 -43.74
C HIS B 513 -48.33 34.69 -45.07
N ARG B 514 -47.54 34.28 -46.06
CA ARG B 514 -48.13 33.87 -47.35
C ARG B 514 -48.83 32.52 -47.24
N ALA B 515 -48.39 31.67 -46.31
CA ALA B 515 -49.00 30.36 -46.13
C ALA B 515 -50.26 30.43 -45.28
N PRO C 1 0.58 -3.73 11.49
CA PRO C 1 1.08 -4.32 10.24
C PRO C 1 1.32 -5.81 10.35
N MET C 2 1.13 -6.36 11.56
CA MET C 2 1.28 -7.80 11.75
C MET C 2 0.15 -8.55 11.05
N LEU C 3 0.48 -9.75 10.56
CA LEU C 3 -0.57 -10.63 10.05
C LEU C 3 -1.53 -10.99 11.18
N LYS C 4 -2.78 -11.26 10.81
CA LYS C 4 -3.80 -11.56 11.80
C LYS C 4 -4.15 -13.04 11.92
N ASN C 5 -4.00 -13.83 10.84
CA ASN C 5 -4.47 -15.20 10.86
C ASN C 5 -3.58 -16.10 10.02
N VAL C 6 -3.28 -17.29 10.56
CA VAL C 6 -2.60 -18.35 9.84
C VAL C 6 -3.54 -19.54 9.73
N VAL C 7 -3.56 -20.18 8.57
CA VAL C 7 -4.33 -21.41 8.35
C VAL C 7 -3.34 -22.52 8.04
N VAL C 8 -3.29 -23.54 8.89
CA VAL C 8 -2.48 -24.73 8.66
C VAL C 8 -3.38 -25.77 8.00
N VAL C 9 -2.98 -26.25 6.82
CA VAL C 9 -3.78 -27.17 6.02
C VAL C 9 -3.12 -28.53 6.12
N GLY C 10 -3.68 -29.41 6.94
CA GLY C 10 -3.12 -30.73 7.14
C GLY C 10 -2.63 -30.95 8.56
N GLY C 11 -2.78 -32.16 9.07
CA GLY C 11 -2.41 -32.44 10.45
C GLY C 11 -1.12 -33.23 10.55
N GLY C 12 -1.15 -34.33 11.31
CA GLY C 12 0.03 -35.15 11.49
C GLY C 12 1.15 -34.39 12.19
N THR C 13 2.35 -34.95 12.07
CA THR C 13 3.52 -34.29 12.67
C THR C 13 3.79 -32.94 12.04
N ALA C 14 3.73 -32.84 10.72
CA ALA C 14 4.03 -31.58 10.05
C ALA C 14 3.06 -30.48 10.50
N GLY C 15 1.77 -30.76 10.45
CA GLY C 15 0.79 -29.74 10.78
C GLY C 15 0.83 -29.35 12.25
N TRP C 16 0.93 -30.34 13.14
CA TRP C 16 0.83 -30.04 14.57
C TRP C 16 2.16 -29.58 15.17
N MET C 17 3.29 -29.95 14.58
CA MET C 17 4.53 -29.27 14.94
C MET C 17 4.47 -27.80 14.55
N THR C 18 3.91 -27.50 13.38
CA THR C 18 3.77 -26.11 12.95
C THR C 18 2.89 -25.33 13.91
N ALA C 19 1.70 -25.86 14.20
CA ALA C 19 0.74 -25.13 15.02
C ALA C 19 1.23 -24.96 16.45
N SER C 20 1.83 -26.01 17.03
CA SER C 20 2.29 -25.91 18.41
C SER C 20 3.46 -24.95 18.53
N TYR C 21 4.37 -24.96 17.56
CA TYR C 21 5.51 -24.06 17.58
C TYR C 21 5.06 -22.61 17.41
N LEU C 22 4.05 -22.38 16.56
CA LEU C 22 3.54 -21.02 16.39
C LEU C 22 2.93 -20.49 17.68
N THR C 23 2.25 -21.34 18.45
CA THR C 23 1.72 -20.91 19.74
C THR C 23 2.84 -20.64 20.74
N ALA C 24 3.93 -21.39 20.68
CA ALA C 24 5.05 -21.14 21.59
C ALA C 24 5.73 -19.82 21.26
N ALA C 25 5.88 -19.51 19.97
CA ALA C 25 6.57 -18.29 19.57
C ALA C 25 5.67 -17.07 19.68
N PHE C 26 4.43 -17.17 19.18
CA PHE C 26 3.55 -16.01 19.05
C PHE C 26 2.37 -16.02 20.01
N GLY C 27 2.18 -17.09 20.78
CA GLY C 27 1.09 -17.12 21.74
C GLY C 27 -0.26 -16.90 21.08
N ASP C 28 -1.10 -16.12 21.75
CA ASP C 28 -2.40 -15.73 21.23
C ASP C 28 -2.36 -14.42 20.45
N ARG C 29 -1.16 -13.90 20.17
CA ARG C 29 -1.02 -12.62 19.49
C ARG C 29 -1.30 -12.72 17.99
N ILE C 30 -1.43 -13.93 17.45
CA ILE C 30 -1.92 -14.15 16.09
C ILE C 30 -2.89 -15.32 16.15
N GLY C 31 -3.86 -15.31 15.23
CA GLY C 31 -4.82 -16.40 15.15
C GLY C 31 -4.26 -17.56 14.35
N VAL C 32 -4.43 -18.78 14.88
CA VAL C 32 -3.94 -19.98 14.22
C VAL C 32 -5.10 -20.97 14.12
N THR C 33 -5.38 -21.42 12.89
CA THR C 33 -6.38 -22.42 12.61
C THR C 33 -5.71 -23.57 11.88
N LEU C 34 -6.03 -24.80 12.29
CA LEU C 34 -5.56 -26.00 11.60
C LEU C 34 -6.76 -26.81 11.13
N VAL C 35 -6.80 -27.12 9.85
CA VAL C 35 -7.81 -28.00 9.27
C VAL C 35 -7.12 -29.31 8.89
N GLU C 36 -7.72 -30.42 9.26
CA GLU C 36 -7.13 -31.71 8.96
C GLU C 36 -8.23 -32.73 8.76
N SER C 37 -7.91 -33.77 7.97
CA SER C 37 -8.84 -34.84 7.71
C SER C 37 -9.32 -35.48 9.00
N LYS C 38 -10.58 -35.91 9.00
CA LYS C 38 -11.11 -36.68 10.12
C LYS C 38 -10.48 -38.06 10.22
N ARG C 39 -9.64 -38.44 9.26
CA ARG C 39 -9.04 -39.77 9.25
C ARG C 39 -8.20 -40.00 10.50
N VAL C 40 -8.52 -41.09 11.22
CA VAL C 40 -7.81 -41.39 12.45
C VAL C 40 -6.42 -41.95 12.12
N GLY C 41 -5.40 -41.37 12.73
CA GLY C 41 -4.04 -41.86 12.51
C GLY C 41 -3.84 -43.23 13.13
N SER C 42 -3.06 -44.06 12.44
CA SER C 42 -2.72 -45.38 12.96
C SER C 42 -1.65 -45.26 14.03
N ILE C 43 -1.76 -46.10 15.06
CA ILE C 43 -0.82 -46.12 16.17
C ILE C 43 0.21 -47.22 15.90
N GLY C 44 1.48 -46.89 16.09
CA GLY C 44 2.56 -47.82 15.83
C GLY C 44 3.51 -47.42 14.72
N VAL C 45 3.32 -46.26 14.09
CA VAL C 45 4.23 -45.79 13.06
C VAL C 45 5.47 -45.20 13.72
N GLY C 46 6.49 -46.03 13.90
CA GLY C 46 7.70 -45.56 14.56
C GLY C 46 8.51 -44.67 13.63
N GLU C 47 8.92 -43.52 14.15
CA GLU C 47 9.72 -42.55 13.40
C GLU C 47 11.01 -42.28 14.14
N ALA C 48 12.11 -42.30 13.42
CA ALA C 48 13.40 -41.90 13.96
C ALA C 48 13.64 -40.42 13.66
N THR C 49 14.44 -39.78 14.49
CA THR C 49 14.66 -38.35 14.38
C THR C 49 16.14 -38.04 14.36
N PHE C 50 16.46 -36.77 14.10
CA PHE C 50 17.82 -36.25 14.05
C PHE C 50 18.09 -35.38 15.29
N SER C 51 19.38 -35.10 15.53
CA SER C 51 19.91 -34.39 16.71
C SER C 51 19.12 -33.14 17.10
N THR C 52 18.69 -32.38 16.11
CA THR C 52 18.09 -31.08 16.40
C THR C 52 16.78 -31.19 17.17
N VAL C 53 16.16 -32.37 17.15
CA VAL C 53 14.79 -32.53 17.67
C VAL C 53 14.74 -32.19 19.16
N ARG C 54 15.84 -32.36 19.88
CA ARG C 54 15.86 -32.02 21.30
C ARG C 54 15.47 -30.56 21.52
N HIS C 55 15.88 -29.68 20.60
CA HIS C 55 15.61 -28.26 20.76
C HIS C 55 14.15 -27.90 20.47
N PHE C 56 13.44 -28.70 19.68
CA PHE C 56 12.03 -28.43 19.43
C PHE C 56 11.21 -28.56 20.71
N PHE C 57 11.40 -29.67 21.43
CA PHE C 57 10.60 -29.90 22.64
C PHE C 57 10.95 -28.90 23.72
N GLU C 58 12.21 -28.47 23.79
CA GLU C 58 12.59 -27.44 24.76
C GLU C 58 11.93 -26.10 24.44
N TYR C 59 11.82 -25.77 23.15
CA TYR C 59 11.17 -24.52 22.77
C TYR C 59 9.72 -24.49 23.21
N LEU C 60 9.05 -25.64 23.15
CA LEU C 60 7.66 -25.73 23.61
C LEU C 60 7.55 -25.83 25.13
N GLY C 61 8.67 -26.00 25.84
CA GLY C 61 8.63 -26.17 27.28
C GLY C 61 8.26 -27.57 27.72
N LEU C 62 8.48 -28.57 26.88
CA LEU C 62 8.13 -29.95 27.18
C LEU C 62 9.36 -30.70 27.69
N GLU C 63 9.20 -31.40 28.81
CA GLU C 63 10.26 -32.21 29.37
C GLU C 63 10.08 -33.66 28.95
N GLU C 64 11.21 -34.38 28.82
CA GLU C 64 11.18 -35.76 28.36
C GLU C 64 10.24 -36.61 29.21
N LYS C 65 10.23 -36.38 30.52
CA LYS C 65 9.36 -37.17 31.39
C LYS C 65 7.88 -36.93 31.12
N GLU C 66 7.53 -35.79 30.52
CA GLU C 66 6.12 -35.50 30.26
C GLU C 66 5.65 -36.18 28.97
N TRP C 67 6.40 -36.01 27.88
CA TRP C 67 5.89 -36.43 26.58
C TRP C 67 6.38 -37.81 26.15
N MET C 68 7.56 -38.26 26.60
CA MET C 68 8.08 -39.53 26.13
C MET C 68 7.18 -40.72 26.50
N PRO C 69 6.68 -40.86 27.73
CA PRO C 69 5.76 -41.98 28.00
C PRO C 69 4.48 -41.91 27.21
N ALA C 70 3.96 -40.70 26.95
CA ALA C 70 2.72 -40.56 26.20
C ALA C 70 2.90 -40.82 24.71
N CYS C 71 4.14 -40.91 24.22
CA CYS C 71 4.39 -41.05 22.79
C CYS C 71 5.17 -42.32 22.47
N ASN C 72 5.24 -43.27 23.41
CA ASN C 72 5.87 -44.56 23.17
C ASN C 72 7.33 -44.40 22.75
N ALA C 73 7.99 -43.37 23.27
CA ALA C 73 9.27 -42.92 22.75
C ALA C 73 10.45 -43.55 23.48
N THR C 74 11.56 -43.68 22.75
CA THR C 74 12.82 -44.17 23.28
C THR C 74 13.94 -43.26 22.79
N TYR C 75 15.15 -43.50 23.29
CA TYR C 75 16.31 -42.73 22.88
C TYR C 75 16.96 -43.35 21.64
N LYS C 76 17.47 -42.48 20.77
CA LYS C 76 18.24 -42.89 19.60
C LYS C 76 19.64 -42.28 19.74
N LEU C 77 20.61 -43.12 20.06
CA LEU C 77 21.99 -42.68 20.23
C LEU C 77 22.81 -42.76 18.95
N ALA C 78 22.34 -43.48 17.95
CA ALA C 78 23.13 -43.76 16.76
C ALA C 78 22.24 -44.42 15.73
N ILE C 79 22.80 -44.58 14.53
CA ILE C 79 22.27 -45.48 13.51
C ILE C 79 23.27 -46.62 13.33
N ARG C 80 22.79 -47.85 13.45
CA ARG C 80 23.60 -49.04 13.24
C ARG C 80 23.49 -49.45 11.78
N PHE C 81 24.58 -49.32 11.04
CA PHE C 81 24.60 -49.66 9.61
C PHE C 81 25.11 -51.07 9.43
N GLU C 82 24.28 -51.92 8.82
CA GLU C 82 24.60 -53.34 8.66
C GLU C 82 24.69 -53.70 7.18
N ASN C 83 25.77 -54.40 6.81
CA ASN C 83 25.97 -55.00 5.50
C ASN C 83 26.14 -53.97 4.38
N TRP C 84 26.53 -52.74 4.71
CA TRP C 84 26.79 -51.75 3.67
C TRP C 84 28.18 -51.94 3.06
N ARG C 85 29.19 -52.17 3.89
CA ARG C 85 30.54 -52.42 3.38
C ARG C 85 30.63 -53.79 2.74
N GLU C 86 30.17 -54.82 3.45
CA GLU C 86 30.30 -56.20 3.03
C GLU C 86 29.35 -57.03 3.88
N PRO C 87 29.04 -58.26 3.46
CA PRO C 87 28.15 -59.11 4.27
C PRO C 87 28.73 -59.35 5.66
N GLY C 88 27.88 -59.25 6.67
CA GLY C 88 28.26 -59.50 8.05
C GLY C 88 28.93 -58.34 8.75
N HIS C 89 29.20 -57.24 8.05
CA HIS C 89 29.85 -56.09 8.65
C HIS C 89 28.82 -55.12 9.21
N HIS C 90 29.15 -54.50 10.34
CA HIS C 90 28.32 -53.43 10.85
C HIS C 90 29.17 -52.40 11.56
N PHE C 91 28.68 -51.17 11.58
CA PHE C 91 29.32 -50.08 12.29
C PHE C 91 28.25 -49.11 12.75
N TYR C 92 28.61 -48.27 13.71
CA TYR C 92 27.69 -47.28 14.24
C TYR C 92 28.01 -45.89 13.70
N HIS C 93 26.97 -45.17 13.34
CA HIS C 93 27.04 -43.74 13.10
C HIS C 93 26.48 -43.06 14.34
N PRO C 94 27.32 -42.72 15.31
CA PRO C 94 26.82 -42.21 16.59
C PRO C 94 26.58 -40.71 16.56
N PHE C 95 25.66 -40.28 17.43
CA PHE C 95 25.54 -38.86 17.75
C PHE C 95 26.64 -38.54 18.76
N GLU C 96 27.85 -38.39 18.26
CA GLU C 96 29.01 -38.21 19.13
C GLU C 96 30.07 -37.41 18.40
N ARG C 97 30.33 -36.20 18.89
CA ARG C 97 31.31 -35.34 18.24
C ARG C 97 32.72 -35.83 18.51
N GLN C 98 33.65 -35.43 17.65
CA GLN C 98 34.97 -36.07 17.63
C GLN C 98 35.86 -35.60 18.76
N ARG C 99 36.68 -36.51 19.27
CA ARG C 99 37.75 -36.15 20.18
C ARG C 99 38.95 -35.68 19.38
N VAL C 100 39.57 -34.60 19.84
CA VAL C 100 40.69 -33.97 19.14
C VAL C 100 41.92 -34.08 20.03
N VAL C 101 42.99 -34.67 19.49
CA VAL C 101 44.23 -34.86 20.23
C VAL C 101 45.33 -34.09 19.51
N ASP C 102 45.86 -33.06 20.19
CA ASP C 102 46.93 -32.23 19.65
C ASP C 102 46.59 -31.69 18.26
N GLY C 103 45.35 -31.25 18.09
CA GLY C 103 44.91 -30.63 16.87
C GLY C 103 44.37 -31.56 15.81
N PHE C 104 44.46 -32.87 16.01
CA PHE C 104 43.96 -33.83 15.03
C PHE C 104 42.87 -34.70 15.64
N PRO C 105 41.82 -35.01 14.87
CA PRO C 105 40.77 -35.89 15.41
C PRO C 105 41.33 -37.27 15.71
N LEU C 106 40.75 -37.92 16.71
CA LEU C 106 41.19 -39.26 17.08
C LEU C 106 41.04 -40.24 15.92
N THR C 107 40.06 -40.00 15.03
CA THR C 107 39.89 -40.86 13.87
C THR C 107 41.05 -40.75 12.90
N ASP C 108 41.71 -39.59 12.84
CA ASP C 108 42.89 -39.45 12.00
C ASP C 108 44.07 -40.21 12.62
N TRP C 109 44.25 -40.10 13.93
CA TRP C 109 45.23 -40.94 14.61
C TRP C 109 44.95 -42.41 14.39
N TRP C 110 43.67 -42.79 14.44
CA TRP C 110 43.29 -44.20 14.24
C TRP C 110 43.61 -44.65 12.81
N LEU C 111 43.27 -43.82 11.82
CA LEU C 111 43.53 -44.19 10.43
C LEU C 111 45.01 -44.42 10.18
N ARG C 112 45.88 -43.67 10.87
CA ARG C 112 47.31 -43.85 10.70
C ARG C 112 47.76 -45.24 11.11
N GLU C 113 47.26 -45.73 12.25
CA GLU C 113 47.61 -47.05 12.76
C GLU C 113 46.38 -47.64 13.42
N PRO C 114 45.53 -48.31 12.64
CA PRO C 114 44.27 -48.82 13.19
C PRO C 114 44.50 -49.76 14.36
N ARG C 115 43.78 -49.52 15.45
CA ARG C 115 43.89 -50.34 16.64
C ARG C 115 43.06 -51.62 16.55
N SER C 116 42.22 -51.73 15.54
CA SER C 116 41.41 -52.92 15.28
C SER C 116 40.76 -52.71 13.91
N ASP C 117 39.76 -53.53 13.59
CA ASP C 117 38.94 -53.34 12.40
C ASP C 117 37.61 -52.66 12.72
N ARG C 118 37.46 -52.11 13.93
CA ARG C 118 36.24 -51.45 14.36
C ARG C 118 36.60 -50.04 14.84
N PHE C 119 36.65 -49.09 13.90
CA PHE C 119 36.98 -47.72 14.28
C PHE C 119 35.99 -47.15 15.28
N ASP C 120 34.71 -47.55 15.18
CA ASP C 120 33.69 -46.97 16.04
C ASP C 120 33.78 -47.48 17.48
N LYS C 121 34.40 -48.64 17.70
CA LYS C 121 34.64 -49.10 19.06
C LYS C 121 35.91 -48.51 19.65
N ASP C 122 36.91 -48.23 18.81
CA ASP C 122 38.15 -47.65 19.31
C ASP C 122 38.03 -46.15 19.58
N CYS C 123 37.24 -45.43 18.80
CA CYS C 123 37.24 -43.97 18.85
C CYS C 123 36.02 -43.38 19.57
N PHE C 124 34.95 -44.16 19.77
CA PHE C 124 33.71 -43.62 20.29
C PHE C 124 33.16 -44.49 21.40
N LEU C 125 32.35 -43.89 22.26
CA LEU C 125 31.69 -44.59 23.35
C LEU C 125 30.33 -45.15 22.98
N VAL C 126 29.58 -44.46 22.12
CA VAL C 126 28.14 -44.66 22.02
C VAL C 126 27.79 -46.02 21.43
N GLY C 127 28.61 -46.53 20.51
CA GLY C 127 28.28 -47.79 19.86
C GLY C 127 28.21 -48.95 20.82
N THR C 128 29.16 -49.02 21.76
CA THR C 128 29.11 -50.06 22.78
C THR C 128 27.91 -49.90 23.71
N LEU C 129 27.55 -48.65 24.02
CA LEU C 129 26.31 -48.41 24.74
C LEU C 129 25.12 -48.99 23.99
N CYS C 130 25.14 -48.87 22.66
CA CYS C 130 24.08 -49.48 21.85
C CYS C 130 24.19 -51.00 21.88
N ASP C 131 25.41 -51.53 21.80
CA ASP C 131 25.61 -52.97 21.87
C ASP C 131 25.03 -53.54 23.17
N ASP C 132 25.18 -52.82 24.27
CA ASP C 132 24.76 -53.30 25.59
C ASP C 132 23.36 -52.83 25.96
N LEU C 133 22.59 -52.30 25.02
CA LEU C 133 21.20 -51.88 25.25
C LEU C 133 21.08 -50.84 26.35
N LYS C 134 22.08 -49.96 26.46
CA LYS C 134 22.18 -49.05 27.58
C LYS C 134 21.27 -47.83 27.41
N SER C 135 20.82 -47.31 28.54
CA SER C 135 20.20 -45.99 28.59
C SER C 135 21.29 -44.92 28.65
N PRO C 136 21.10 -43.78 27.98
CA PRO C 136 22.07 -42.68 28.14
C PRO C 136 21.96 -41.94 29.45
N ARG C 137 20.88 -42.16 30.20
CA ARG C 137 20.68 -41.51 31.49
C ARG C 137 20.65 -42.56 32.59
N GLN C 138 21.24 -42.21 33.74
CA GLN C 138 21.08 -43.04 34.92
C GLN C 138 19.61 -43.04 35.34
N LEU C 139 19.27 -43.93 36.29
CA LEU C 139 17.89 -44.06 36.71
C LEU C 139 17.32 -42.74 37.22
N ASN C 140 18.14 -41.88 37.82
CA ASN C 140 17.67 -40.62 38.35
C ASN C 140 17.56 -39.53 37.28
N GLY C 141 17.83 -39.85 36.02
CA GLY C 141 17.73 -38.88 34.96
C GLY C 141 19.02 -38.18 34.60
N GLU C 142 20.10 -38.45 35.31
CA GLU C 142 21.38 -37.79 35.03
C GLU C 142 22.01 -38.36 33.78
N LEU C 143 22.40 -37.46 32.86
CA LEU C 143 23.07 -37.90 31.64
C LEU C 143 24.43 -38.49 31.97
N PHE C 144 24.83 -39.52 31.21
CA PHE C 144 26.11 -40.18 31.48
C PHE C 144 27.29 -39.24 31.26
N GLU C 145 27.11 -38.19 30.44
CA GLU C 145 28.23 -37.32 30.07
C GLU C 145 28.85 -36.66 31.30
N GLY C 146 28.01 -36.14 32.19
CA GLY C 146 28.50 -35.50 33.40
C GLY C 146 29.04 -36.49 34.41
N THR C 163 26.85 -30.37 24.55
CA THR C 163 27.04 -31.80 24.73
C THR C 163 27.92 -32.38 23.62
N GLN C 164 28.66 -33.44 23.96
CA GLN C 164 29.34 -34.22 22.92
C GLN C 164 28.40 -35.24 22.28
N PHE C 165 27.20 -35.41 22.81
CA PHE C 165 26.28 -36.47 22.41
C PHE C 165 24.94 -35.84 22.04
N PRO C 166 24.82 -35.28 20.83
CA PRO C 166 23.55 -34.67 20.38
C PRO C 166 22.57 -35.73 19.91
N TYR C 167 21.98 -36.44 20.86
CA TYR C 167 21.16 -37.62 20.54
C TYR C 167 19.78 -37.19 20.04
N ALA C 168 18.95 -38.19 19.74
CA ALA C 168 17.63 -37.96 19.20
C ALA C 168 16.69 -39.02 19.78
N TYR C 169 15.52 -39.19 19.13
CA TYR C 169 14.49 -40.06 19.66
C TYR C 169 13.95 -40.96 18.56
N HIS C 170 13.38 -42.08 19.00
CA HIS C 170 12.34 -42.79 18.26
C HIS C 170 11.02 -42.48 18.94
N PHE C 171 9.98 -42.22 18.16
CA PHE C 171 8.66 -42.06 18.77
C PHE C 171 7.57 -42.54 17.82
N ASP C 172 6.37 -42.67 18.37
CA ASP C 172 5.18 -42.95 17.58
C ASP C 172 4.68 -41.65 16.97
N ALA C 173 4.70 -41.57 15.64
CA ALA C 173 4.43 -40.30 14.97
C ALA C 173 2.99 -39.84 15.22
N THR C 174 2.03 -40.76 15.24
CA THR C 174 0.65 -40.37 15.50
C THR C 174 0.47 -39.88 16.92
N LEU C 175 1.09 -40.55 17.90
CA LEU C 175 0.96 -40.13 19.29
C LEU C 175 1.60 -38.76 19.52
N VAL C 176 2.71 -38.47 18.83
CA VAL C 176 3.33 -37.15 18.93
C VAL C 176 2.39 -36.10 18.36
N ALA C 177 1.82 -36.36 17.18
CA ALA C 177 0.85 -35.44 16.59
C ALA C 177 -0.31 -35.19 17.54
N ASN C 178 -0.82 -36.24 18.18
CA ASN C 178 -1.93 -36.09 19.12
C ASN C 178 -1.51 -35.29 20.34
N TYR C 179 -0.28 -35.51 20.82
CA TYR C 179 0.22 -34.78 21.99
C TYR C 179 0.38 -33.30 21.68
N LEU C 180 0.93 -32.98 20.51
CA LEU C 180 1.08 -31.59 20.13
C LEU C 180 -0.26 -30.95 19.80
N ARG C 181 -1.20 -31.72 19.28
CA ARG C 181 -2.56 -31.22 19.06
C ARG C 181 -3.19 -30.75 20.36
N ASP C 182 -3.14 -31.60 21.41
CA ASP C 182 -3.66 -31.21 22.71
C ASP C 182 -2.95 -29.97 23.25
N TYR C 183 -1.63 -29.92 23.07
CA TYR C 183 -0.85 -28.77 23.53
C TYR C 183 -1.27 -27.49 22.82
N ALA C 184 -1.43 -27.55 21.49
CA ALA C 184 -1.73 -26.36 20.72
C ALA C 184 -3.18 -25.92 20.91
N VAL C 185 -4.12 -26.88 20.94
CA VAL C 185 -5.52 -26.53 21.15
C VAL C 185 -5.72 -25.91 22.53
N ALA C 186 -5.02 -26.44 23.55
CA ALA C 186 -5.09 -25.85 24.88
C ALA C 186 -4.58 -24.41 24.91
N ARG C 187 -3.80 -24.01 23.91
CA ARG C 187 -3.24 -22.67 23.85
C ARG C 187 -3.87 -21.80 22.76
N GLY C 188 -5.07 -22.17 22.29
CA GLY C 188 -5.86 -21.30 21.45
C GLY C 188 -5.96 -21.68 19.99
N VAL C 189 -5.33 -22.76 19.54
CA VAL C 189 -5.42 -23.14 18.13
C VAL C 189 -6.83 -23.60 17.82
N LYS C 190 -7.41 -23.05 16.76
CA LYS C 190 -8.74 -23.46 16.33
C LYS C 190 -8.64 -24.71 15.45
N HIS C 191 -9.40 -25.74 15.80
CA HIS C 191 -9.29 -27.05 15.18
C HIS C 191 -10.52 -27.33 14.33
N VAL C 192 -10.31 -27.58 13.05
CA VAL C 192 -11.37 -27.92 12.11
C VAL C 192 -11.10 -29.32 11.57
N LEU C 193 -12.05 -30.23 11.78
CA LEU C 193 -11.96 -31.60 11.29
C LEU C 193 -12.74 -31.69 9.99
N ASP C 194 -12.04 -31.70 8.86
CA ASP C 194 -12.68 -31.78 7.56
C ASP C 194 -11.61 -32.07 6.51
N ASP C 195 -12.05 -32.52 5.35
CA ASP C 195 -11.17 -32.66 4.20
C ASP C 195 -11.21 -31.39 3.37
N VAL C 196 -10.15 -31.16 2.61
CA VAL C 196 -10.08 -30.03 1.70
C VAL C 196 -10.63 -30.47 0.35
N GLN C 197 -11.65 -29.76 -0.13
CA GLN C 197 -12.27 -30.09 -1.40
C GLN C 197 -11.66 -29.32 -2.56
N ASP C 198 -11.13 -28.12 -2.31
CA ASP C 198 -10.53 -27.31 -3.36
C ASP C 198 -9.74 -26.18 -2.71
N VAL C 199 -8.82 -25.61 -3.49
CA VAL C 199 -8.05 -24.45 -3.08
C VAL C 199 -8.28 -23.36 -4.12
N ALA C 200 -8.79 -22.21 -3.68
CA ALA C 200 -9.13 -21.12 -4.58
C ALA C 200 -8.07 -20.03 -4.50
N LEU C 201 -7.70 -19.50 -5.66
CA LEU C 201 -6.79 -18.38 -5.77
C LEU C 201 -7.57 -17.09 -5.98
N ASP C 202 -7.00 -15.98 -5.52
CA ASP C 202 -7.62 -14.68 -5.80
C ASP C 202 -7.09 -14.15 -7.13
N ASP C 203 -7.56 -12.96 -7.51
CA ASP C 203 -7.18 -12.39 -8.80
C ASP C 203 -5.69 -12.07 -8.90
N ARG C 204 -4.98 -12.03 -7.76
CA ARG C 204 -3.56 -11.76 -7.77
C ARG C 204 -2.71 -13.03 -7.76
N GLY C 205 -3.34 -14.20 -7.84
CA GLY C 205 -2.58 -15.44 -7.79
C GLY C 205 -2.23 -15.92 -6.41
N TRP C 206 -2.69 -15.24 -5.37
CA TRP C 206 -2.48 -15.67 -4.00
C TRP C 206 -3.62 -16.58 -3.56
N ILE C 207 -3.36 -17.36 -2.51
CA ILE C 207 -4.39 -18.23 -1.95
C ILE C 207 -5.51 -17.36 -1.38
N SER C 208 -6.72 -17.55 -1.89
CA SER C 208 -7.89 -16.86 -1.32
C SER C 208 -8.44 -17.61 -0.13
N HIS C 209 -8.75 -18.90 -0.30
CA HIS C 209 -9.33 -19.69 0.76
C HIS C 209 -9.22 -21.16 0.38
N VAL C 210 -9.46 -22.03 1.37
CA VAL C 210 -9.57 -23.47 1.14
C VAL C 210 -11.03 -23.85 1.32
N VAL C 211 -11.55 -24.64 0.39
CA VAL C 211 -12.92 -25.11 0.43
C VAL C 211 -12.94 -26.46 1.14
N THR C 212 -13.66 -26.54 2.25
CA THR C 212 -13.75 -27.78 3.00
C THR C 212 -14.98 -28.57 2.56
N GLY C 213 -15.04 -29.82 3.01
CA GLY C 213 -16.15 -30.68 2.62
C GLY C 213 -17.48 -30.23 3.18
N GLU C 214 -17.50 -29.85 4.46
CA GLU C 214 -18.76 -29.51 5.10
C GLU C 214 -18.63 -28.38 6.12
N SER C 215 -17.48 -27.70 6.19
CA SER C 215 -17.26 -26.66 7.18
C SER C 215 -17.15 -25.27 6.57
N GLY C 216 -17.44 -25.11 5.29
CA GLY C 216 -17.35 -23.82 4.67
C GLY C 216 -15.94 -23.51 4.19
N ASN C 217 -15.67 -22.22 4.01
CA ASN C 217 -14.40 -21.75 3.46
C ASN C 217 -13.53 -21.17 4.56
N LEU C 218 -12.25 -21.54 4.57
CA LEU C 218 -11.31 -21.03 5.55
C LEU C 218 -10.44 -19.97 4.90
N THR C 219 -10.52 -18.75 5.43
CA THR C 219 -9.72 -17.63 4.96
C THR C 219 -8.59 -17.34 5.94
N GLY C 220 -7.65 -16.52 5.49
CA GLY C 220 -6.52 -16.16 6.32
C GLY C 220 -5.50 -15.37 5.55
N ASP C 221 -4.46 -14.95 6.27
CA ASP C 221 -3.34 -14.21 5.68
C ASP C 221 -2.28 -15.15 5.14
N LEU C 222 -1.83 -16.08 5.96
CA LEU C 222 -0.78 -17.03 5.61
C LEU C 222 -1.35 -18.44 5.65
N PHE C 223 -1.08 -19.21 4.60
CA PHE C 223 -1.50 -20.60 4.51
C PHE C 223 -0.27 -21.50 4.55
N ILE C 224 -0.28 -22.49 5.42
CA ILE C 224 0.79 -23.48 5.53
C ILE C 224 0.32 -24.78 4.89
N ASP C 225 1.03 -25.23 3.87
CA ASP C 225 0.68 -26.46 3.16
C ASP C 225 1.33 -27.63 3.88
N CYS C 226 0.53 -28.40 4.61
CA CYS C 226 0.97 -29.63 5.25
C CYS C 226 0.18 -30.83 4.72
N THR C 227 -0.15 -30.81 3.43
CA THR C 227 -0.96 -31.85 2.83
C THR C 227 -0.15 -33.04 2.31
N GLY C 228 1.15 -33.08 2.59
CA GLY C 228 1.95 -34.23 2.22
C GLY C 228 2.36 -34.21 0.75
N PHE C 229 2.63 -35.41 0.23
CA PHE C 229 3.06 -35.56 -1.15
C PHE C 229 2.08 -34.93 -2.13
N ARG C 230 0.79 -34.89 -1.77
CA ARG C 230 -0.21 -34.32 -2.67
C ARG C 230 0.00 -32.84 -2.90
N SER C 231 0.52 -32.12 -1.91
CA SER C 231 0.87 -30.70 -2.01
C SER C 231 -0.24 -29.89 -2.70
N LEU C 232 -1.41 -29.89 -2.05
CA LEU C 232 -2.60 -29.33 -2.68
C LEU C 232 -2.49 -27.83 -2.91
N LEU C 233 -1.71 -27.13 -2.09
CA LEU C 233 -1.62 -25.67 -2.19
C LEU C 233 -0.42 -25.23 -3.02
N LEU C 234 0.78 -25.71 -2.68
CA LEU C 234 1.99 -25.25 -3.36
C LEU C 234 2.16 -25.92 -4.71
N GLY C 235 2.06 -27.25 -4.75
CA GLY C 235 2.30 -27.98 -5.98
C GLY C 235 1.14 -27.96 -6.95
N LYS C 236 -0.08 -28.00 -6.44
CA LYS C 236 -1.27 -28.04 -7.29
C LYS C 236 -1.82 -26.64 -7.54
N ALA C 237 -2.31 -25.99 -6.49
CA ALA C 237 -3.01 -24.71 -6.65
C ALA C 237 -2.09 -23.64 -7.22
N LEU C 238 -0.89 -23.51 -6.68
CA LEU C 238 0.08 -22.53 -7.17
C LEU C 238 0.98 -23.08 -8.26
N ALA C 239 0.88 -24.37 -8.57
CA ALA C 239 1.57 -24.99 -9.70
C ALA C 239 3.09 -24.78 -9.63
N GLU C 240 3.64 -24.83 -8.43
CA GLU C 240 5.07 -24.64 -8.28
C GLU C 240 5.82 -25.88 -8.75
N PRO C 241 6.80 -25.73 -9.64
CA PRO C 241 7.52 -26.91 -10.15
C PRO C 241 8.27 -27.64 -9.04
N PHE C 242 8.43 -28.94 -9.23
CA PHE C 242 9.08 -29.83 -8.27
C PHE C 242 10.34 -30.40 -8.90
N GLN C 243 11.44 -30.36 -8.16
CA GLN C 243 12.74 -30.85 -8.64
C GLN C 243 12.96 -32.25 -8.09
N SER C 244 13.00 -33.24 -8.98
CA SER C 244 13.17 -34.62 -8.56
C SER C 244 14.63 -34.93 -8.24
N TYR C 245 14.84 -35.67 -7.16
CA TYR C 245 16.14 -36.23 -6.82
C TYR C 245 16.31 -37.66 -7.35
N GLN C 246 15.36 -38.15 -8.16
CA GLN C 246 15.29 -39.57 -8.48
C GLN C 246 16.53 -40.05 -9.23
N ASP C 247 17.15 -39.20 -10.05
CA ASP C 247 18.32 -39.62 -10.81
C ASP C 247 19.50 -39.96 -9.91
N SER C 248 19.60 -39.31 -8.76
CA SER C 248 20.70 -39.56 -7.83
C SER C 248 20.33 -40.53 -6.71
N LEU C 249 19.05 -40.59 -6.34
CA LEU C 249 18.58 -41.48 -5.26
C LEU C 249 17.36 -42.22 -5.78
N PRO C 250 17.54 -43.43 -6.32
CA PRO C 250 16.44 -44.14 -6.99
C PRO C 250 15.40 -44.73 -6.05
N ASN C 251 15.66 -44.81 -4.75
CA ASN C 251 14.69 -45.41 -3.83
C ASN C 251 13.43 -44.57 -3.79
N ASP C 252 12.33 -45.15 -4.30
CA ASP C 252 11.07 -44.42 -4.44
C ASP C 252 9.90 -45.14 -3.78
N SER C 253 10.14 -46.23 -3.06
CA SER C 253 9.07 -47.07 -2.56
C SER C 253 9.44 -47.60 -1.18
N ALA C 254 8.42 -48.04 -0.44
CA ALA C 254 8.64 -48.65 0.85
C ALA C 254 7.49 -49.62 1.15
N VAL C 255 7.81 -50.66 1.91
CA VAL C 255 6.82 -51.56 2.48
C VAL C 255 7.13 -51.68 3.96
N ALA C 256 6.10 -51.54 4.80
CA ALA C 256 6.32 -51.41 6.24
C ALA C 256 5.43 -52.37 7.01
N LEU C 257 5.94 -52.78 8.17
CA LEU C 257 5.17 -53.50 9.18
C LEU C 257 5.26 -52.74 10.49
N ARG C 258 4.17 -52.73 11.24
CA ARG C 258 4.18 -52.31 12.64
C ARG C 258 3.87 -53.53 13.50
N VAL C 259 4.83 -53.91 14.33
CA VAL C 259 4.76 -55.17 15.08
C VAL C 259 4.76 -54.87 16.57
N PRO C 260 3.64 -55.09 17.28
CA PRO C 260 3.55 -54.90 18.73
C PRO C 260 4.45 -55.85 19.52
N GLY C 267 14.48 -56.09 26.11
CA GLY C 267 15.63 -55.53 25.41
C GLY C 267 15.28 -54.47 24.39
N LEU C 268 15.68 -53.23 24.66
CA LEU C 268 15.45 -52.10 23.77
C LEU C 268 16.80 -51.53 23.36
N ARG C 269 17.14 -51.68 22.08
CA ARG C 269 18.38 -51.12 21.58
C ARG C 269 18.23 -49.62 21.35
N PRO C 270 19.10 -48.79 21.91
CA PRO C 270 18.98 -47.33 21.77
C PRO C 270 19.52 -46.80 20.45
N CYS C 271 19.09 -47.41 19.34
CA CYS C 271 19.54 -46.95 18.03
C CYS C 271 18.55 -47.38 16.97
N THR C 272 18.64 -46.73 15.82
CA THR C 272 17.98 -47.18 14.60
C THR C 272 18.93 -48.10 13.85
N THR C 273 18.40 -49.17 13.27
CA THR C 273 19.20 -50.08 12.47
C THR C 273 18.83 -49.92 11.00
N ALA C 274 19.83 -49.82 10.14
CA ALA C 274 19.66 -49.71 8.70
C ALA C 274 20.44 -50.85 8.04
N THR C 275 19.73 -51.89 7.63
CA THR C 275 20.33 -53.11 7.10
C THR C 275 20.23 -53.10 5.57
N ALA C 276 21.37 -52.95 4.91
CA ALA C 276 21.39 -52.85 3.45
C ALA C 276 20.89 -54.14 2.81
N GLN C 277 20.09 -53.98 1.76
CA GLN C 277 19.48 -55.08 1.02
C GLN C 277 19.89 -54.99 -0.45
N GLU C 278 19.33 -55.90 -1.26
CA GLU C 278 19.73 -55.99 -2.66
C GLU C 278 19.22 -54.81 -3.48
N ALA C 279 18.19 -54.10 -3.01
CA ALA C 279 17.65 -52.98 -3.76
C ALA C 279 17.30 -51.81 -2.85
N GLY C 280 17.97 -51.71 -1.71
CA GLY C 280 17.71 -50.66 -0.75
C GLY C 280 18.18 -51.04 0.64
N TRP C 281 17.34 -50.81 1.65
CA TRP C 281 17.74 -51.09 3.02
C TRP C 281 16.49 -51.23 3.88
N ILE C 282 16.64 -51.97 4.98
CA ILE C 282 15.55 -52.24 5.90
C ILE C 282 15.81 -51.47 7.20
N TRP C 283 14.79 -50.78 7.69
CA TRP C 283 14.88 -50.04 8.94
C TRP C 283 14.31 -50.86 10.08
N THR C 284 14.93 -50.73 11.25
CA THR C 284 14.38 -51.24 12.50
C THR C 284 14.33 -50.08 13.49
N ILE C 285 13.12 -49.69 13.87
CA ILE C 285 12.95 -48.56 14.78
C ILE C 285 12.29 -49.07 16.06
N PRO C 286 13.01 -49.10 17.17
CA PRO C 286 12.43 -49.65 18.41
C PRO C 286 11.71 -48.61 19.25
N LEU C 287 10.40 -48.75 19.36
CA LEU C 287 9.63 -47.99 20.32
C LEU C 287 9.64 -48.73 21.65
N PHE C 288 8.94 -48.20 22.65
CA PHE C 288 8.99 -48.83 23.96
C PHE C 288 8.29 -50.19 23.95
N ASP C 289 7.13 -50.29 23.30
CA ASP C 289 6.34 -51.52 23.32
C ASP C 289 6.16 -52.15 21.94
N ARG C 290 6.89 -51.70 20.93
CA ARG C 290 6.73 -52.30 19.60
C ARG C 290 7.90 -51.91 18.71
N ILE C 291 8.01 -52.64 17.61
CA ILE C 291 9.05 -52.43 16.60
C ILE C 291 8.40 -51.84 15.36
N GLY C 292 9.05 -50.82 14.79
CA GLY C 292 8.73 -50.36 13.46
C GLY C 292 9.80 -50.89 12.51
N THR C 293 9.34 -51.50 11.42
CA THR C 293 10.28 -52.10 10.47
C THR C 293 9.72 -52.00 9.06
N GLY C 294 10.62 -51.83 8.10
CA GLY C 294 10.20 -51.68 6.72
C GLY C 294 11.39 -51.73 5.79
N TYR C 295 11.07 -51.81 4.49
CA TYR C 295 12.06 -51.94 3.43
C TYR C 295 11.92 -50.75 2.50
N VAL C 296 12.96 -49.91 2.44
CA VAL C 296 13.04 -48.83 1.47
C VAL C 296 13.77 -49.34 0.24
N TYR C 297 13.15 -49.21 -0.93
CA TYR C 297 13.71 -49.86 -2.12
C TYR C 297 13.41 -49.04 -3.36
N ALA C 298 14.11 -49.38 -4.44
CA ALA C 298 13.93 -48.74 -5.74
C ALA C 298 13.01 -49.59 -6.60
N GLY C 299 11.84 -49.03 -6.95
CA GLY C 299 10.85 -49.78 -7.71
C GLY C 299 11.28 -50.17 -9.11
N ASP C 300 12.33 -49.55 -9.62
CA ASP C 300 12.86 -49.92 -10.93
C ASP C 300 13.68 -51.20 -10.89
N TYR C 301 14.06 -51.68 -9.71
CA TYR C 301 14.88 -52.88 -9.56
C TYR C 301 14.12 -54.09 -9.06
N ILE C 302 13.19 -53.92 -8.12
CA ILE C 302 12.35 -55.02 -7.65
C ILE C 302 10.91 -54.55 -7.56
N SER C 303 10.00 -55.53 -7.64
CA SER C 303 8.57 -55.29 -7.55
C SER C 303 8.13 -55.17 -6.09
N PRO C 304 6.92 -54.64 -5.85
CA PRO C 304 6.43 -54.58 -4.46
C PRO C 304 6.30 -55.95 -3.81
N GLU C 305 5.93 -56.98 -4.58
CA GLU C 305 5.82 -58.30 -3.99
C GLU C 305 7.19 -58.86 -3.61
N GLU C 306 8.21 -58.58 -4.43
CA GLU C 306 9.57 -59.00 -4.07
C GLU C 306 10.03 -58.29 -2.81
N ALA C 307 9.71 -57.00 -2.67
CA ALA C 307 10.14 -56.25 -1.50
C ALA C 307 9.45 -56.75 -0.23
N GLU C 308 8.15 -57.08 -0.31
CA GLU C 308 7.46 -57.63 0.85
C GLU C 308 8.01 -58.99 1.22
N ARG C 309 8.35 -59.81 0.21
CA ARG C 309 8.95 -61.11 0.47
C ARG C 309 10.28 -60.97 1.21
N THR C 310 11.12 -60.02 0.76
CA THR C 310 12.39 -59.78 1.42
C THR C 310 12.20 -59.32 2.85
N LEU C 311 11.26 -58.40 3.08
CA LEU C 311 11.03 -57.88 4.42
C LEU C 311 10.54 -58.96 5.37
N ARG C 312 9.59 -59.79 4.92
CA ARG C 312 9.03 -60.81 5.80
C ARG C 312 10.08 -61.87 6.14
N ALA C 313 10.94 -62.23 5.19
CA ALA C 313 12.00 -63.19 5.47
C ALA C 313 12.99 -62.63 6.48
N PHE C 314 13.24 -61.32 6.41
CA PHE C 314 14.20 -60.70 7.33
C PHE C 314 13.62 -60.58 8.74
N VAL C 315 12.37 -60.14 8.85
CA VAL C 315 11.78 -59.94 10.17
C VAL C 315 11.56 -61.27 10.88
N GLY C 316 11.10 -62.28 10.16
CA GLY C 316 10.97 -63.61 10.70
C GLY C 316 9.54 -63.98 11.04
N PRO C 317 9.39 -65.02 11.87
CA PRO C 317 8.03 -65.50 12.19
C PRO C 317 7.16 -64.49 12.91
N ALA C 318 7.76 -63.49 13.57
CA ALA C 318 6.96 -62.46 14.23
C ALA C 318 6.17 -61.62 13.23
N ALA C 319 6.52 -61.69 11.94
CA ALA C 319 5.80 -60.97 10.90
C ALA C 319 4.80 -61.83 10.16
N GLU C 320 4.64 -63.11 10.55
CA GLU C 320 3.76 -64.02 9.83
C GLU C 320 2.33 -63.50 9.78
N HIS C 321 1.86 -62.92 10.89
CA HIS C 321 0.48 -62.46 10.97
C HIS C 321 0.35 -60.94 10.93
N ALA C 322 1.42 -60.21 10.68
CA ALA C 322 1.33 -58.76 10.53
C ALA C 322 1.04 -58.41 9.07
N ASP C 323 0.32 -57.32 8.88
CA ASP C 323 -0.03 -56.86 7.54
C ASP C 323 0.98 -55.83 7.05
N ALA C 324 1.20 -55.82 5.74
CA ALA C 324 2.17 -54.94 5.12
C ALA C 324 1.48 -53.74 4.49
N ASN C 325 2.09 -52.57 4.64
CA ASN C 325 1.61 -51.34 4.03
C ASN C 325 2.62 -50.90 2.98
N HIS C 326 2.17 -50.76 1.73
CA HIS C 326 3.03 -50.34 0.64
C HIS C 326 2.85 -48.85 0.39
N ILE C 327 3.97 -48.15 0.18
CA ILE C 327 3.98 -46.69 0.03
C ILE C 327 4.82 -46.32 -1.18
N LYS C 328 4.35 -45.33 -1.93
CA LYS C 328 5.14 -44.65 -2.95
C LYS C 328 5.60 -43.31 -2.40
N MET C 329 6.85 -42.96 -2.68
CA MET C 329 7.46 -41.73 -2.18
C MET C 329 7.72 -40.76 -3.32
N ARG C 330 7.54 -39.46 -3.05
CA ARG C 330 7.93 -38.41 -3.97
C ARG C 330 9.28 -37.86 -3.51
N ILE C 331 10.34 -38.20 -4.24
CA ILE C 331 11.72 -37.93 -3.83
C ILE C 331 12.20 -36.67 -4.55
N GLY C 332 12.53 -35.64 -3.80
CA GLY C 332 13.01 -34.39 -4.36
C GLY C 332 12.55 -33.22 -3.50
N ARG C 333 12.52 -32.04 -4.12
CA ARG C 333 12.13 -30.83 -3.42
C ARG C 333 11.47 -29.87 -4.41
N SER C 334 10.60 -29.02 -3.86
CA SER C 334 10.02 -27.95 -4.65
C SER C 334 11.11 -26.96 -5.06
N ASN C 335 10.89 -26.30 -6.20
CA ASN C 335 11.78 -25.21 -6.59
C ASN C 335 11.79 -24.12 -5.53
N ARG C 336 10.60 -23.76 -5.04
CA ARG C 336 10.45 -22.78 -3.98
C ARG C 336 9.46 -23.33 -2.96
N HIS C 337 9.67 -22.96 -1.70
CA HIS C 337 8.86 -23.49 -0.61
C HIS C 337 7.95 -22.44 0.00
N TRP C 338 8.25 -21.17 -0.20
CA TRP C 338 7.38 -20.06 0.15
C TRP C 338 7.07 -19.31 -1.14
N VAL C 339 5.81 -19.39 -1.58
CA VAL C 339 5.36 -18.70 -2.78
C VAL C 339 4.13 -17.88 -2.39
N ASN C 340 4.16 -16.59 -2.71
CA ASN C 340 3.08 -15.67 -2.36
C ASN C 340 2.74 -15.78 -0.86
N ASN C 341 1.52 -16.18 -0.54
CA ASN C 341 1.11 -16.33 0.85
C ASN C 341 0.99 -17.80 1.27
N CYS C 342 1.83 -18.67 0.71
CA CYS C 342 1.79 -20.09 1.01
C CYS C 342 3.19 -20.59 1.34
N VAL C 343 3.31 -21.32 2.45
CA VAL C 343 4.56 -21.95 2.87
C VAL C 343 4.28 -23.43 3.06
N ALA C 344 5.05 -24.27 2.38
CA ALA C 344 4.92 -25.72 2.55
C ALA C 344 5.83 -26.21 3.67
N VAL C 345 5.29 -27.09 4.50
CA VAL C 345 6.02 -27.71 5.60
C VAL C 345 5.77 -29.21 5.54
N GLY C 346 6.85 -30.00 5.47
CA GLY C 346 6.72 -31.44 5.42
C GLY C 346 6.90 -32.03 4.05
N LEU C 347 6.26 -33.17 3.78
CA LEU C 347 6.40 -33.85 2.49
C LEU C 347 5.95 -32.97 1.32
N SER C 348 5.11 -31.98 1.58
CA SER C 348 4.68 -31.08 0.51
C SER C 348 5.82 -30.21 0.02
N SER C 349 6.82 -29.96 0.85
CA SER C 349 7.99 -29.16 0.52
C SER C 349 9.08 -29.99 -0.15
N GLY C 350 9.31 -31.20 0.34
CA GLY C 350 10.35 -32.04 -0.20
C GLY C 350 10.52 -33.26 0.67
N PHE C 351 11.25 -34.23 0.14
CA PHE C 351 11.44 -35.47 0.87
C PHE C 351 12.60 -36.25 0.27
N VAL C 352 13.38 -36.88 1.15
CA VAL C 352 14.34 -37.91 0.78
C VAL C 352 14.06 -39.13 1.63
N GLU C 353 14.56 -40.28 1.18
CA GLU C 353 14.40 -41.53 1.92
C GLU C 353 14.90 -41.36 3.35
N PRO C 354 14.29 -42.02 4.32
CA PRO C 354 14.64 -41.76 5.72
C PRO C 354 15.93 -42.41 6.19
N LEU C 355 16.94 -42.48 5.31
CA LEU C 355 18.16 -43.22 5.63
C LEU C 355 18.93 -42.58 6.78
N GLU C 356 18.88 -41.26 6.91
CA GLU C 356 19.50 -40.58 8.04
C GLU C 356 18.46 -39.82 8.88
N SER C 357 17.20 -40.27 8.83
CA SER C 357 16.14 -39.81 9.72
C SER C 357 15.96 -38.29 9.67
N THR C 358 15.68 -37.78 8.47
CA THR C 358 15.64 -36.34 8.25
C THR C 358 14.24 -35.76 8.14
N GLY C 359 13.19 -36.59 8.17
CA GLY C 359 11.84 -36.08 7.94
C GLY C 359 11.42 -35.02 8.97
N ILE C 360 11.52 -35.37 10.25
CA ILE C 360 11.18 -34.42 11.31
C ILE C 360 12.14 -33.24 11.30
N PHE C 361 13.41 -33.48 10.95
CA PHE C 361 14.39 -32.40 10.86
C PHE C 361 13.98 -31.36 9.82
N PHE C 362 13.58 -31.84 8.62
CA PHE C 362 13.09 -30.92 7.59
C PHE C 362 11.92 -30.09 8.10
N ILE C 363 11.00 -30.72 8.82
CA ILE C 363 9.84 -30.00 9.35
C ILE C 363 10.26 -28.97 10.37
N GLN C 364 11.10 -29.37 11.33
CA GLN C 364 11.55 -28.44 12.37
C GLN C 364 12.30 -27.26 11.76
N HIS C 365 13.20 -27.54 10.81
CA HIS C 365 13.92 -26.46 10.13
C HIS C 365 12.95 -25.52 9.42
N ALA C 366 11.96 -26.07 8.73
CA ALA C 366 10.99 -25.23 8.02
C ALA C 366 10.23 -24.33 8.98
N ILE C 367 9.84 -24.86 10.15
CA ILE C 367 9.05 -24.06 11.09
C ILE C 367 9.94 -23.05 11.80
N GLU C 368 11.11 -23.46 12.26
CA GLU C 368 12.02 -22.53 12.91
C GLU C 368 12.36 -21.36 12.00
N GLN C 369 12.67 -21.65 10.74
CA GLN C 369 13.01 -20.58 9.80
C GLN C 369 11.80 -19.77 9.38
N LEU C 370 10.60 -20.35 9.44
CA LEU C 370 9.40 -19.57 9.17
C LEU C 370 9.17 -18.50 10.22
N VAL C 371 9.35 -18.85 11.50
CA VAL C 371 9.24 -17.85 12.56
C VAL C 371 10.31 -16.77 12.38
N LYS C 372 11.54 -17.18 12.09
CA LYS C 372 12.62 -16.20 11.94
C LYS C 372 12.38 -15.28 10.74
N HIS C 373 11.77 -15.80 9.68
CA HIS C 373 11.47 -15.02 8.48
C HIS C 373 10.00 -14.62 8.40
N PHE C 374 9.29 -14.62 9.52
CA PHE C 374 7.85 -14.40 9.47
C PHE C 374 7.55 -13.03 8.88
N PRO C 375 6.58 -12.94 7.97
CA PRO C 375 6.27 -11.66 7.33
C PRO C 375 5.32 -10.81 8.17
N ASP C 376 5.30 -9.52 7.85
CA ASP C 376 4.19 -8.66 8.24
C ASP C 376 3.38 -8.38 6.97
N GLU C 377 2.44 -7.44 7.08
CA GLU C 377 1.57 -7.17 5.93
C GLU C 377 2.32 -6.60 4.73
N ARG C 378 3.58 -6.22 4.89
CA ARG C 378 4.38 -5.77 3.76
C ARG C 378 4.86 -6.93 2.87
N TRP C 379 4.83 -8.16 3.39
CA TRP C 379 5.23 -9.36 2.64
C TRP C 379 6.52 -9.14 1.86
N ASP C 380 7.55 -8.72 2.57
CA ASP C 380 8.85 -8.44 1.95
C ASP C 380 9.31 -9.64 1.14
N ASP C 381 9.50 -9.44 -0.16
CA ASP C 381 9.88 -10.54 -1.03
C ASP C 381 11.26 -11.08 -0.67
N GLY C 382 12.12 -10.25 -0.06
CA GLY C 382 13.41 -10.73 0.40
C GLY C 382 13.30 -11.85 1.42
N LEU C 383 12.22 -11.86 2.21
CA LEU C 383 12.03 -12.94 3.18
C LEU C 383 11.82 -14.27 2.47
N ARG C 384 11.01 -14.28 1.42
CA ARG C 384 10.81 -15.50 0.64
C ARG C 384 12.12 -15.97 0.02
N THR C 385 12.87 -15.05 -0.58
CA THR C 385 14.13 -15.39 -1.22
C THR C 385 15.09 -16.05 -0.24
N ALA C 386 15.25 -15.45 0.94
CA ALA C 386 16.14 -16.03 1.95
C ALA C 386 15.63 -17.38 2.42
N TYR C 387 14.33 -17.46 2.71
CA TYR C 387 13.74 -18.70 3.22
C TYR C 387 13.93 -19.84 2.23
N ASN C 388 13.63 -19.59 0.95
CA ASN C 388 13.75 -20.64 -0.06
C ASN C 388 15.19 -21.09 -0.23
N LYS C 389 16.14 -20.17 -0.14
CA LYS C 389 17.55 -20.55 -0.26
C LYS C 389 17.98 -21.44 0.91
N LEU C 390 17.56 -21.09 2.12
CA LEU C 390 17.94 -21.90 3.29
C LEU C 390 17.38 -23.31 3.21
N VAL C 391 16.11 -23.44 2.83
CA VAL C 391 15.50 -24.76 2.72
C VAL C 391 16.12 -25.55 1.59
N ASN C 392 16.32 -24.92 0.43
CA ASN C 392 16.93 -25.61 -0.69
C ASN C 392 18.34 -26.10 -0.35
N ASN C 393 19.10 -25.29 0.39
CA ASN C 393 20.45 -25.71 0.77
C ASN C 393 20.41 -26.89 1.75
N VAL C 394 19.43 -26.89 2.66
CA VAL C 394 19.29 -28.02 3.60
C VAL C 394 19.02 -29.31 2.83
N MET C 395 18.06 -29.26 1.90
CA MET C 395 17.68 -30.49 1.20
C MET C 395 18.74 -30.92 0.19
N ASP C 396 19.35 -29.97 -0.52
CA ASP C 396 20.45 -30.32 -1.42
C ASP C 396 21.63 -30.89 -0.63
N GLY C 397 21.90 -30.36 0.55
CA GLY C 397 23.01 -30.88 1.34
C GLY C 397 22.75 -32.29 1.85
N VAL C 398 21.53 -32.54 2.33
CA VAL C 398 21.18 -33.89 2.75
C VAL C 398 21.19 -34.86 1.58
N ARG C 399 20.76 -34.39 0.40
CA ARG C 399 20.80 -35.24 -0.79
C ARG C 399 22.23 -35.68 -1.09
N GLU C 400 23.18 -34.74 -1.02
CA GLU C 400 24.58 -35.10 -1.26
C GLU C 400 25.06 -36.11 -0.23
N PHE C 401 24.73 -35.89 1.05
CA PHE C 401 25.15 -36.81 2.10
C PHE C 401 24.62 -38.22 1.85
N LEU C 402 23.35 -38.34 1.42
CA LEU C 402 22.77 -39.64 1.15
C LEU C 402 23.39 -40.29 -0.08
N VAL C 403 23.70 -39.49 -1.11
CA VAL C 403 24.38 -40.03 -2.28
C VAL C 403 25.70 -40.66 -1.88
N VAL C 404 26.39 -40.06 -0.91
CA VAL C 404 27.66 -40.59 -0.42
C VAL C 404 27.47 -41.96 0.25
N HIS C 405 26.31 -42.18 0.89
CA HIS C 405 26.05 -43.48 1.51
C HIS C 405 26.13 -44.61 0.51
N TYR C 406 25.55 -44.41 -0.68
CA TYR C 406 25.55 -45.46 -1.69
C TYR C 406 26.83 -45.46 -2.52
N TYR C 407 27.41 -44.29 -2.76
CA TYR C 407 28.64 -44.21 -3.54
C TYR C 407 29.81 -44.81 -2.78
N ALA C 408 29.91 -44.56 -1.48
CA ALA C 408 31.05 -44.99 -0.69
C ALA C 408 30.86 -46.38 -0.06
N ALA C 409 29.66 -46.95 -0.14
CA ALA C 409 29.48 -48.33 0.29
C ALA C 409 30.33 -49.24 -0.58
N LYS C 410 31.20 -50.04 0.05
CA LYS C 410 32.14 -50.83 -0.72
C LYS C 410 31.42 -51.84 -1.62
N ARG C 411 30.27 -52.34 -1.19
CA ARG C 411 29.61 -53.42 -1.90
C ARG C 411 29.19 -52.98 -3.30
N GLN C 412 29.46 -53.85 -4.28
CA GLN C 412 29.00 -53.71 -5.65
C GLN C 412 28.57 -55.06 -6.19
N ASP C 413 27.80 -55.80 -5.37
CA ASP C 413 27.49 -57.20 -5.62
C ASP C 413 26.40 -57.42 -6.65
N ASN C 414 25.67 -56.39 -7.06
CA ASN C 414 24.65 -56.54 -8.09
C ASN C 414 24.55 -55.23 -8.87
N GLN C 415 23.59 -55.17 -9.78
CA GLN C 415 23.41 -53.98 -10.61
C GLN C 415 23.09 -52.76 -9.75
N TYR C 416 22.25 -52.94 -8.73
CA TYR C 416 21.85 -51.83 -7.88
C TYR C 416 23.05 -51.18 -7.23
N TRP C 417 23.90 -51.98 -6.58
CA TRP C 417 25.03 -51.42 -5.84
C TRP C 417 26.18 -51.03 -6.75
N LYS C 418 26.19 -51.49 -8.01
CA LYS C 418 27.12 -50.98 -9.01
C LYS C 418 26.67 -49.63 -9.53
N ASP C 419 25.38 -49.52 -9.90
CA ASP C 419 24.85 -48.28 -10.44
C ASP C 419 24.97 -47.14 -9.44
N ALA C 420 25.04 -47.46 -8.14
CA ALA C 420 25.21 -46.43 -7.11
C ALA C 420 26.50 -45.65 -7.29
N LYS C 421 27.48 -46.20 -8.02
CA LYS C 421 28.76 -45.54 -8.23
C LYS C 421 28.85 -44.84 -9.57
N THR C 422 27.94 -45.12 -10.49
CA THR C 422 27.98 -44.55 -11.84
C THR C 422 26.87 -43.55 -12.10
N ARG C 423 25.99 -43.30 -11.13
CA ARG C 423 24.96 -42.30 -11.31
C ARG C 423 25.56 -40.90 -11.27
N PRO C 424 24.94 -39.92 -11.94
CA PRO C 424 25.50 -38.57 -11.93
C PRO C 424 25.52 -37.99 -10.53
N LEU C 425 26.68 -37.44 -10.15
CA LEU C 425 26.82 -36.86 -8.83
C LEU C 425 26.37 -35.40 -8.83
N PRO C 426 25.77 -34.94 -7.72
CA PRO C 426 25.39 -33.53 -7.64
C PRO C 426 26.60 -32.62 -7.67
N ASP C 427 26.36 -31.35 -8.02
CA ASP C 427 27.45 -30.40 -8.23
C ASP C 427 28.28 -30.23 -6.97
N GLY C 428 29.60 -30.22 -7.14
CA GLY C 428 30.54 -30.06 -6.06
C GLY C 428 30.98 -31.35 -5.40
N LEU C 429 30.17 -32.42 -5.50
CA LEU C 429 30.48 -33.63 -4.76
C LEU C 429 31.72 -34.32 -5.28
N ALA C 430 31.92 -34.35 -6.61
CA ALA C 430 33.10 -34.99 -7.16
C ALA C 430 34.38 -34.39 -6.61
N GLU C 431 34.41 -33.07 -6.46
CA GLU C 431 35.60 -32.41 -5.92
C GLU C 431 35.78 -32.74 -4.44
N ARG C 432 34.68 -32.77 -3.68
CA ARG C 432 34.80 -33.09 -2.26
C ARG C 432 35.23 -34.54 -2.04
N LEU C 433 34.75 -35.46 -2.86
CA LEU C 433 35.22 -36.84 -2.78
C LEU C 433 36.73 -36.92 -3.00
N GLU C 434 37.25 -36.08 -3.90
CA GLU C 434 38.70 -36.01 -4.09
C GLU C 434 39.39 -35.50 -2.83
N ARG C 435 38.84 -34.45 -2.22
CA ARG C 435 39.41 -33.92 -0.99
C ARG C 435 39.46 -34.97 0.12
N TRP C 436 38.37 -35.75 0.26
CA TRP C 436 38.26 -36.71 1.36
C TRP C 436 39.24 -37.87 1.23
N GLN C 437 39.69 -38.20 0.03
CA GLN C 437 40.67 -39.25 -0.13
C GLN C 437 42.10 -38.76 0.09
N THR C 438 42.27 -37.47 0.37
CA THR C 438 43.53 -36.90 0.82
C THR C 438 43.55 -36.70 2.33
N ARG C 439 42.50 -36.11 2.89
CA ARG C 439 42.34 -35.96 4.33
C ARG C 439 40.87 -36.16 4.69
N LEU C 440 40.64 -36.70 5.87
CA LEU C 440 39.28 -37.00 6.32
C LEU C 440 38.43 -35.73 6.32
N PRO C 441 37.12 -35.86 6.10
CA PRO C 441 36.25 -34.68 6.04
C PRO C 441 36.37 -33.80 7.28
N ASP C 442 36.31 -32.49 7.07
CA ASP C 442 36.19 -31.52 8.14
C ASP C 442 35.22 -30.42 7.69
N ASN C 443 35.05 -29.41 8.55
CA ASN C 443 34.04 -28.38 8.28
C ASN C 443 34.23 -27.71 6.93
N GLU C 444 35.48 -27.57 6.47
CA GLU C 444 35.75 -26.85 5.24
C GLU C 444 35.79 -27.75 4.00
N SER C 445 35.58 -29.05 4.14
CA SER C 445 35.57 -29.94 2.98
C SER C 445 34.24 -30.66 2.80
N VAL C 446 33.19 -30.23 3.49
CA VAL C 446 31.84 -30.76 3.28
C VAL C 446 31.00 -29.68 2.62
N PHE C 447 29.81 -30.08 2.15
CA PHE C 447 28.81 -29.18 1.59
C PHE C 447 28.75 -27.91 2.44
N PRO C 448 29.05 -26.75 1.86
CA PRO C 448 29.40 -25.57 2.67
C PRO C 448 28.24 -24.80 3.26
N HIS C 449 27.00 -25.29 3.17
CA HIS C 449 25.85 -24.61 3.74
C HIS C 449 25.22 -25.49 4.81
N TYR C 450 24.45 -24.87 5.70
CA TYR C 450 23.81 -25.65 6.76
C TYR C 450 22.88 -26.69 6.16
N HIS C 451 23.10 -27.96 6.55
CA HIS C 451 22.19 -29.03 6.16
C HIS C 451 22.03 -30.05 7.27
N GLY C 452 22.11 -29.62 8.51
CA GLY C 452 21.95 -30.47 9.67
C GLY C 452 23.17 -31.26 10.09
N PHE C 453 23.79 -31.97 9.15
CA PHE C 453 24.86 -32.89 9.50
C PHE C 453 26.18 -32.17 9.64
N GLU C 454 26.95 -32.59 10.65
CA GLU C 454 28.26 -32.04 10.98
C GLU C 454 29.34 -32.92 10.38
N SER C 455 30.56 -32.39 10.35
CA SER C 455 31.65 -33.09 9.64
C SER C 455 31.94 -34.45 10.26
N TYR C 456 31.72 -34.62 11.57
CA TYR C 456 32.00 -35.91 12.19
C TYR C 456 31.12 -37.01 11.61
N SER C 457 29.93 -36.65 11.13
CA SER C 457 29.06 -37.63 10.51
C SER C 457 29.64 -38.14 9.19
N TYR C 458 30.24 -37.25 8.41
CA TYR C 458 30.90 -37.68 7.18
C TYR C 458 32.09 -38.58 7.46
N VAL C 459 32.89 -38.24 8.47
CA VAL C 459 34.05 -39.06 8.83
C VAL C 459 33.60 -40.47 9.20
N CYS C 460 32.57 -40.57 10.04
N CYS C 460 32.55 -40.57 10.02
CA CYS C 460 32.09 -41.89 10.48
CA CYS C 460 32.10 -41.87 10.48
C CYS C 460 31.58 -42.71 9.31
C CYS C 460 31.55 -42.71 9.33
N MET C 461 30.80 -42.09 8.43
CA MET C 461 30.23 -42.83 7.31
C MET C 461 31.32 -43.31 6.34
N LEU C 462 32.30 -42.47 6.05
CA LEU C 462 33.37 -42.90 5.14
C LEU C 462 34.17 -44.05 5.74
N LEU C 463 34.50 -43.95 7.02
CA LEU C 463 35.28 -45.01 7.66
C LEU C 463 34.50 -46.33 7.70
N GLY C 464 33.20 -46.25 7.96
CA GLY C 464 32.40 -47.47 8.05
C GLY C 464 32.10 -48.08 6.70
N LEU C 465 31.70 -47.25 5.72
CA LEU C 465 31.29 -47.77 4.42
C LEU C 465 32.46 -48.44 3.69
N GLY C 466 33.67 -47.90 3.82
CA GLY C 466 34.88 -48.58 3.41
C GLY C 466 35.14 -48.64 1.93
N GLY C 467 34.36 -47.93 1.10
CA GLY C 467 34.57 -48.01 -0.34
C GLY C 467 35.63 -47.06 -0.86
N LEU C 468 35.84 -45.93 -0.18
CA LEU C 468 36.82 -44.94 -0.62
C LEU C 468 38.19 -45.24 -0.03
N ASP C 469 39.23 -44.79 -0.75
CA ASP C 469 40.60 -44.93 -0.29
C ASP C 469 40.94 -43.72 0.56
N LEU C 470 40.96 -43.92 1.88
CA LEU C 470 41.22 -42.83 2.82
C LEU C 470 42.68 -42.85 3.27
N LYS C 471 43.20 -41.68 3.60
CA LYS C 471 44.59 -41.54 4.00
C LYS C 471 44.69 -40.68 5.26
N SER C 472 45.57 -41.08 6.18
CA SER C 472 45.83 -40.28 7.36
C SER C 472 46.80 -39.15 7.04
N SER C 473 46.88 -38.18 7.94
CA SER C 473 47.72 -37.01 7.73
C SER C 473 49.19 -37.37 7.97
N PRO C 474 50.09 -37.14 7.01
CA PRO C 474 51.51 -37.44 7.25
C PRO C 474 52.11 -36.70 8.42
N ALA C 475 51.54 -35.56 8.82
CA ALA C 475 52.08 -34.80 9.94
C ALA C 475 52.14 -35.62 11.22
N LEU C 476 51.25 -36.62 11.36
CA LEU C 476 51.23 -37.43 12.57
C LEU C 476 52.55 -38.15 12.79
N GLY C 477 53.24 -38.51 11.71
CA GLY C 477 54.54 -39.17 11.83
C GLY C 477 55.64 -38.30 12.40
N LEU C 478 55.40 -36.99 12.54
CA LEU C 478 56.36 -36.07 13.13
C LEU C 478 55.94 -35.60 14.52
N MET C 479 54.94 -36.24 15.13
CA MET C 479 54.41 -35.81 16.41
C MET C 479 54.47 -36.93 17.43
N ASP C 480 54.44 -36.54 18.70
CA ASP C 480 54.43 -37.52 19.77
C ASP C 480 53.17 -38.37 19.72
N ALA C 481 53.36 -39.69 19.72
CA ALA C 481 52.24 -40.62 19.65
C ALA C 481 51.59 -40.89 21.00
N ALA C 482 52.23 -40.48 22.10
CA ALA C 482 51.69 -40.81 23.42
C ALA C 482 50.34 -40.19 23.71
N PRO C 483 50.05 -38.92 23.42
CA PRO C 483 48.71 -38.40 23.72
C PRO C 483 47.59 -39.17 23.04
N ALA C 484 47.81 -39.65 21.82
CA ALA C 484 46.79 -40.45 21.15
C ALA C 484 46.64 -41.81 21.83
N ARG C 485 47.75 -42.45 22.18
CA ARG C 485 47.68 -43.71 22.92
C ARG C 485 46.91 -43.53 24.23
N HIS C 486 47.17 -42.43 24.95
CA HIS C 486 46.44 -42.16 26.18
C HIS C 486 44.94 -42.02 25.92
N GLU C 487 44.57 -41.37 24.81
CA GLU C 487 43.16 -41.14 24.53
C GLU C 487 42.45 -42.43 24.17
N PHE C 488 43.08 -43.28 23.35
CA PHE C 488 42.49 -44.58 23.04
C PHE C 488 42.29 -45.39 24.32
N LYS C 489 43.26 -45.31 25.25
CA LYS C 489 43.11 -45.98 26.54
C LYS C 489 41.95 -45.41 27.33
N LEU C 490 41.81 -44.08 27.34
CA LEU C 490 40.74 -43.45 28.10
C LEU C 490 39.37 -43.86 27.57
N VAL C 491 39.22 -43.95 26.25
CA VAL C 491 37.95 -44.35 25.66
C VAL C 491 37.55 -45.73 26.14
N GLY C 492 38.52 -46.66 26.18
CA GLY C 492 38.21 -48.00 26.66
C GLY C 492 37.87 -48.03 28.14
N GLU C 493 38.53 -47.18 28.93
CA GLU C 493 38.25 -47.15 30.37
C GLU C 493 36.90 -46.50 30.65
N GLN C 494 36.58 -45.42 29.93
CA GLN C 494 35.27 -44.80 30.08
C GLN C 494 34.16 -45.73 29.61
N ALA C 495 34.38 -46.43 28.49
CA ALA C 495 33.41 -47.40 28.03
C ALA C 495 33.16 -48.49 29.06
N ALA C 496 34.22 -48.97 29.71
CA ALA C 496 34.07 -50.03 30.71
C ALA C 496 33.27 -49.53 31.91
N GLU C 497 33.50 -48.29 32.33
CA GLU C 497 32.78 -47.76 33.48
C GLU C 497 31.31 -47.56 33.16
N LEU C 498 31.01 -47.08 31.95
CA LEU C 498 29.61 -46.92 31.55
C LEU C 498 28.92 -48.26 31.42
N ALA C 499 29.61 -49.26 30.88
CA ALA C 499 29.00 -50.58 30.68
C ALA C 499 28.59 -51.22 31.99
N ARG C 500 29.25 -50.87 33.09
CA ARG C 500 28.93 -51.44 34.39
C ARG C 500 27.97 -50.60 35.21
N THR C 501 27.86 -49.30 34.94
CA THR C 501 27.05 -48.42 35.78
C THR C 501 25.71 -48.03 35.16
N LEU C 502 25.66 -47.77 33.87
CA LEU C 502 24.41 -47.33 33.26
C LEU C 502 23.37 -48.44 33.28
N PRO C 503 22.11 -48.12 33.52
CA PRO C 503 21.05 -49.11 33.40
C PRO C 503 20.73 -49.38 31.93
N THR C 504 20.03 -50.47 31.70
CA THR C 504 19.53 -50.72 30.35
C THR C 504 18.40 -49.76 30.04
N GLN C 505 18.19 -49.54 28.74
CA GLN C 505 17.11 -48.63 28.34
C GLN C 505 15.75 -49.17 28.78
N TYR C 506 15.59 -50.50 28.78
CA TYR C 506 14.36 -51.09 29.29
C TYR C 506 14.16 -50.74 30.75
N GLU C 507 15.20 -50.91 31.56
CA GLU C 507 15.10 -50.59 32.98
C GLU C 507 14.79 -49.13 33.20
N TYR C 508 15.38 -48.24 32.41
CA TYR C 508 15.15 -46.81 32.59
C TYR C 508 13.70 -46.45 32.28
N PHE C 509 13.18 -46.89 31.13
CA PHE C 509 11.84 -46.48 30.73
C PHE C 509 10.76 -47.22 31.50
N ALA C 510 11.05 -48.42 31.99
CA ALA C 510 10.07 -49.14 32.79
C ALA C 510 9.78 -48.40 34.10
N GLN C 511 10.80 -47.80 34.70
CA GLN C 511 10.65 -47.08 35.95
C GLN C 511 9.85 -45.79 35.76
N PRO D 1 3.94 29.89 -15.05
CA PRO D 1 3.84 29.85 -13.58
C PRO D 1 3.20 28.57 -13.06
N MET D 2 3.24 27.50 -13.85
CA MET D 2 2.60 26.26 -13.48
C MET D 2 3.37 25.55 -12.38
N LEU D 3 2.63 24.83 -11.54
CA LEU D 3 3.26 23.95 -10.55
C LEU D 3 4.05 22.87 -11.28
N LYS D 4 5.10 22.38 -10.62
CA LYS D 4 6.01 21.41 -11.24
C LYS D 4 5.83 19.99 -10.72
N ASN D 5 5.47 19.81 -9.45
CA ASN D 5 5.47 18.48 -8.86
C ASN D 5 4.33 18.35 -7.84
N VAL D 6 3.64 17.22 -7.89
CA VAL D 6 2.63 16.86 -6.91
C VAL D 6 3.09 15.59 -6.21
N VAL D 7 2.92 15.55 -4.89
CA VAL D 7 3.23 14.37 -4.09
C VAL D 7 1.94 13.89 -3.44
N VAL D 8 1.52 12.68 -3.81
CA VAL D 8 0.36 12.04 -3.18
C VAL D 8 0.88 11.16 -2.05
N VAL D 9 0.40 11.40 -0.84
CA VAL D 9 0.86 10.68 0.34
C VAL D 9 -0.24 9.68 0.74
N GLY D 10 0.00 8.41 0.46
CA GLY D 10 -1.00 7.40 0.74
C GLY D 10 -1.51 6.77 -0.55
N GLY D 11 -1.78 5.47 -0.49
CA GLY D 11 -2.28 4.74 -1.65
C GLY D 11 -3.76 4.42 -1.55
N GLY D 12 -4.13 3.16 -1.80
CA GLY D 12 -5.52 2.78 -1.73
C GLY D 12 -6.32 3.45 -2.84
N THR D 13 -7.64 3.45 -2.65
CA THR D 13 -8.50 4.05 -3.66
C THR D 13 -8.31 5.56 -3.71
N ALA D 14 -8.17 6.22 -2.56
CA ALA D 14 -8.05 7.68 -2.55
C ALA D 14 -6.77 8.12 -3.26
N GLY D 15 -5.64 7.51 -2.92
CA GLY D 15 -4.38 7.93 -3.51
C GLY D 15 -4.29 7.63 -4.99
N TRP D 16 -4.73 6.43 -5.40
CA TRP D 16 -4.56 6.04 -6.79
C TRP D 16 -5.66 6.55 -7.70
N MET D 17 -6.84 6.86 -7.16
CA MET D 17 -7.79 7.65 -7.95
C MET D 17 -7.25 9.04 -8.21
N THR D 18 -6.61 9.64 -7.20
CA THR D 18 -5.99 10.96 -7.37
C THR D 18 -4.90 10.92 -8.43
N ALA D 19 -3.95 9.99 -8.26
CA ALA D 19 -2.81 9.93 -9.17
C ALA D 19 -3.26 9.59 -10.59
N SER D 20 -4.20 8.65 -10.75
CA SER D 20 -4.63 8.28 -12.09
C SER D 20 -5.39 9.42 -12.76
N TYR D 21 -6.24 10.12 -12.02
CA TYR D 21 -7.00 11.23 -12.59
C TYR D 21 -6.07 12.38 -12.99
N LEU D 22 -5.03 12.64 -12.19
CA LEU D 22 -4.09 13.70 -12.54
C LEU D 22 -3.37 13.41 -13.85
N THR D 23 -3.01 12.14 -14.08
CA THR D 23 -2.35 11.80 -15.35
C THR D 23 -3.31 11.90 -16.53
N ALA D 24 -4.59 11.57 -16.32
CA ALA D 24 -5.56 11.73 -17.39
C ALA D 24 -5.79 13.20 -17.71
N ALA D 25 -5.82 14.05 -16.69
CA ALA D 25 -6.06 15.48 -16.90
C ALA D 25 -4.83 16.21 -17.41
N PHE D 26 -3.67 15.95 -16.80
CA PHE D 26 -2.48 16.75 -17.05
C PHE D 26 -1.39 16.02 -17.82
N GLY D 27 -1.53 14.72 -18.07
CA GLY D 27 -0.52 14.01 -18.84
C GLY D 27 0.83 14.05 -18.16
N ASP D 28 1.88 14.26 -18.96
CA ASP D 28 3.23 14.42 -18.44
C ASP D 28 3.63 15.88 -18.29
N ARG D 29 2.65 16.79 -18.28
CA ARG D 29 2.94 18.21 -18.15
C ARG D 29 3.19 18.64 -16.72
N ILE D 30 3.01 17.75 -15.74
CA ILE D 30 3.37 17.99 -14.36
C ILE D 30 3.84 16.65 -13.78
N GLY D 31 4.79 16.73 -12.83
CA GLY D 31 5.28 15.52 -12.19
C GLY D 31 4.36 15.08 -11.06
N VAL D 32 4.14 13.77 -10.98
CA VAL D 32 3.29 13.19 -9.95
C VAL D 32 4.05 12.04 -9.29
N THR D 33 4.22 12.12 -7.98
CA THR D 33 4.83 11.07 -7.19
C THR D 33 3.83 10.60 -6.14
N LEU D 34 3.69 9.28 -5.98
CA LEU D 34 2.84 8.71 -4.95
C LEU D 34 3.72 7.87 -4.04
N VAL D 35 3.69 8.17 -2.75
CA VAL D 35 4.38 7.37 -1.72
C VAL D 35 3.32 6.68 -0.89
N GLU D 36 3.49 5.37 -0.70
CA GLU D 36 2.53 4.59 0.07
C GLU D 36 3.26 3.48 0.78
N SER D 37 2.68 3.03 1.89
CA SER D 37 3.25 1.93 2.65
C SER D 37 3.35 0.68 1.79
N LYS D 38 4.35 -0.15 2.08
CA LYS D 38 4.51 -1.42 1.39
C LYS D 38 3.44 -2.44 1.76
N ARG D 39 2.55 -2.11 2.68
CA ARG D 39 1.56 -3.07 3.14
C ARG D 39 0.67 -3.54 2.00
N VAL D 40 0.48 -4.84 1.89
CA VAL D 40 -0.35 -5.42 0.84
C VAL D 40 -1.81 -5.33 1.25
N GLY D 41 -2.64 -4.82 0.35
CA GLY D 41 -4.04 -4.63 0.68
C GLY D 41 -4.78 -5.95 0.83
N SER D 42 -5.77 -5.95 1.71
CA SER D 42 -6.62 -7.12 1.91
C SER D 42 -7.51 -7.34 0.70
N ILE D 43 -7.71 -8.60 0.34
CA ILE D 43 -8.60 -8.96 -0.76
C ILE D 43 -10.02 -9.11 -0.24
N GLY D 44 -10.99 -8.71 -1.06
CA GLY D 44 -12.38 -8.91 -0.71
C GLY D 44 -13.03 -7.78 0.04
N VAL D 45 -12.41 -6.60 0.09
CA VAL D 45 -13.05 -5.45 0.72
C VAL D 45 -14.06 -4.88 -0.27
N GLY D 46 -15.31 -5.35 -0.19
CA GLY D 46 -16.33 -4.91 -1.13
C GLY D 46 -16.70 -3.47 -0.88
N GLU D 47 -16.71 -2.67 -1.94
CA GLU D 47 -17.02 -1.25 -1.86
C GLU D 47 -18.14 -0.94 -2.83
N ALA D 48 -19.17 -0.24 -2.34
CA ALA D 48 -20.25 0.25 -3.19
C ALA D 48 -20.01 1.72 -3.52
N THR D 49 -20.59 2.15 -4.64
CA THR D 49 -20.31 3.48 -5.18
C THR D 49 -21.61 4.18 -5.55
N PHE D 50 -21.48 5.43 -6.01
CA PHE D 50 -22.60 6.31 -6.34
C PHE D 50 -22.55 6.65 -7.82
N SER D 51 -23.67 7.17 -8.33
CA SER D 51 -23.93 7.46 -9.73
C SER D 51 -22.76 8.06 -10.51
N THR D 52 -22.05 9.02 -9.91
CA THR D 52 -21.02 9.75 -10.64
C THR D 52 -19.79 8.91 -10.99
N VAL D 53 -19.66 7.70 -10.42
CA VAL D 53 -18.45 6.92 -10.62
C VAL D 53 -18.29 6.49 -12.08
N ARG D 54 -19.40 6.36 -12.81
CA ARG D 54 -19.32 6.07 -14.24
C ARG D 54 -18.45 7.10 -14.97
N HIS D 55 -18.54 8.37 -14.56
CA HIS D 55 -17.77 9.43 -15.22
C HIS D 55 -16.30 9.36 -14.88
N PHE D 56 -15.93 8.77 -13.73
CA PHE D 56 -14.52 8.64 -13.39
C PHE D 56 -13.80 7.71 -14.36
N PHE D 57 -14.33 6.51 -14.55
CA PHE D 57 -13.71 5.55 -15.45
C PHE D 57 -13.74 6.05 -16.89
N GLU D 58 -14.81 6.75 -17.26
CA GLU D 58 -14.88 7.34 -18.59
C GLU D 58 -13.79 8.39 -18.79
N TYR D 59 -13.54 9.23 -17.77
CA TYR D 59 -12.51 10.24 -17.88
C TYR D 59 -11.13 9.62 -18.09
N LEU D 60 -10.90 8.45 -17.49
CA LEU D 60 -9.64 7.74 -17.69
C LEU D 60 -9.59 6.98 -19.02
N GLY D 61 -10.70 6.90 -19.74
CA GLY D 61 -10.74 6.13 -20.96
C GLY D 61 -10.84 4.64 -20.75
N LEU D 62 -11.38 4.21 -19.61
CA LEU D 62 -11.46 2.80 -19.27
C LEU D 62 -12.89 2.29 -19.51
N GLU D 63 -12.99 1.20 -20.28
CA GLU D 63 -14.28 0.59 -20.57
C GLU D 63 -14.62 -0.45 -19.50
N GLU D 64 -15.92 -0.63 -19.27
CA GLU D 64 -16.37 -1.61 -18.28
C GLU D 64 -15.82 -2.99 -18.57
N LYS D 65 -15.76 -3.38 -19.84
CA LYS D 65 -15.25 -4.70 -20.20
C LYS D 65 -13.78 -4.87 -19.85
N GLU D 66 -13.04 -3.76 -19.72
CA GLU D 66 -11.63 -3.86 -19.33
C GLU D 66 -11.48 -4.04 -17.83
N TRP D 67 -11.98 -3.08 -17.04
CA TRP D 67 -11.62 -3.00 -15.64
C TRP D 67 -12.50 -3.83 -14.71
N MET D 68 -13.77 -4.06 -15.06
CA MET D 68 -14.66 -4.78 -14.15
C MET D 68 -14.19 -6.21 -13.88
N PRO D 69 -13.79 -7.02 -14.88
CA PRO D 69 -13.26 -8.35 -14.53
C PRO D 69 -12.00 -8.28 -13.67
N ALA D 70 -11.09 -7.34 -13.97
CA ALA D 70 -9.86 -7.22 -13.21
C ALA D 70 -10.09 -6.73 -11.79
N CYS D 71 -11.28 -6.21 -11.47
CA CYS D 71 -11.56 -5.68 -10.15
C CYS D 71 -12.68 -6.42 -9.43
N ASN D 72 -13.08 -7.59 -9.93
CA ASN D 72 -14.11 -8.42 -9.29
C ASN D 72 -15.41 -7.65 -9.14
N ALA D 73 -15.73 -6.82 -10.13
CA ALA D 73 -16.78 -5.83 -10.01
C ALA D 73 -18.11 -6.34 -10.54
N THR D 74 -19.19 -5.81 -9.98
CA THR D 74 -20.56 -6.06 -10.43
C THR D 74 -21.30 -4.74 -10.52
N TYR D 75 -22.50 -4.78 -11.07
CA TYR D 75 -23.33 -3.59 -11.22
C TYR D 75 -24.11 -3.31 -9.95
N LYS D 76 -24.28 -2.02 -9.65
CA LYS D 76 -25.13 -1.57 -8.55
C LYS D 76 -26.22 -0.69 -9.15
N LEU D 77 -27.42 -1.24 -9.26
CA LEU D 77 -28.53 -0.49 -9.82
C LEU D 77 -29.39 0.21 -8.77
N ALA D 78 -29.18 -0.11 -7.49
CA ALA D 78 -30.06 0.40 -6.44
C ALA D 78 -29.45 0.06 -5.08
N ILE D 79 -30.07 0.59 -4.04
CA ILE D 79 -29.91 0.09 -2.67
C ILE D 79 -31.26 -0.51 -2.25
N ARG D 80 -31.22 -1.73 -1.74
CA ARG D 80 -32.40 -2.38 -1.18
C ARG D 80 -32.42 -2.10 0.32
N PHE D 81 -33.42 -1.35 0.78
CA PHE D 81 -33.57 -0.99 2.18
C PHE D 81 -34.53 -1.96 2.86
N GLU D 82 -34.03 -2.68 3.86
CA GLU D 82 -34.81 -3.70 4.56
C GLU D 82 -35.00 -3.30 6.01
N ASN D 83 -36.25 -3.36 6.47
CA ASN D 83 -36.63 -3.21 7.88
C ASN D 83 -36.47 -1.78 8.40
N TRP D 84 -36.47 -0.78 7.53
CA TRP D 84 -36.37 0.60 7.99
C TRP D 84 -37.74 1.15 8.39
N ARG D 85 -38.77 0.87 7.59
CA ARG D 85 -40.11 1.31 7.96
C ARG D 85 -40.67 0.47 9.10
N GLU D 86 -40.50 -0.85 9.02
CA GLU D 86 -41.05 -1.78 9.99
C GLU D 86 -40.42 -3.15 9.74
N PRO D 87 -40.49 -4.06 10.71
CA PRO D 87 -39.94 -5.40 10.48
C PRO D 87 -40.61 -6.08 9.30
N GLY D 88 -39.78 -6.64 8.41
CA GLY D 88 -40.28 -7.37 7.26
C GLY D 88 -40.58 -6.52 6.05
N HIS D 89 -40.44 -5.20 6.14
CA HIS D 89 -40.69 -4.32 5.01
C HIS D 89 -39.40 -4.05 4.26
N HIS D 90 -39.50 -3.96 2.93
CA HIS D 90 -38.34 -3.56 2.15
C HIS D 90 -38.81 -2.77 0.93
N PHE D 91 -37.95 -1.87 0.48
CA PHE D 91 -38.18 -1.10 -0.73
C PHE D 91 -36.84 -0.84 -1.38
N TYR D 92 -36.88 -0.45 -2.65
CA TYR D 92 -35.67 -0.12 -3.39
C TYR D 92 -35.52 1.39 -3.51
N HIS D 93 -34.29 1.86 -3.33
CA HIS D 93 -33.87 3.18 -3.75
C HIS D 93 -33.10 3.03 -5.05
N PRO D 94 -33.76 3.11 -6.20
CA PRO D 94 -33.09 2.86 -7.47
C PRO D 94 -32.38 4.09 -8.01
N PHE D 95 -31.31 3.83 -8.77
CA PHE D 95 -30.71 4.86 -9.61
C PHE D 95 -31.61 4.98 -10.85
N GLU D 96 -32.71 5.70 -10.69
CA GLU D 96 -33.71 5.81 -11.74
C GLU D 96 -34.41 7.15 -11.61
N ARG D 97 -34.25 8.01 -12.60
CA ARG D 97 -34.77 9.37 -12.51
C ARG D 97 -36.28 9.38 -12.77
N GLN D 98 -36.90 10.52 -12.48
CA GLN D 98 -38.35 10.59 -12.36
C GLN D 98 -39.04 10.51 -13.72
N ARG D 99 -40.16 9.80 -13.74
CA ARG D 99 -41.13 9.93 -14.82
C ARG D 99 -42.08 11.06 -14.46
N VAL D 100 -42.30 11.98 -15.40
CA VAL D 100 -43.11 13.17 -15.17
C VAL D 100 -44.29 13.13 -16.12
N VAL D 101 -45.50 13.11 -15.58
CA VAL D 101 -46.73 12.98 -16.36
C VAL D 101 -47.54 14.26 -16.20
N ASP D 102 -47.70 15.00 -17.30
CA ASP D 102 -48.44 16.25 -17.31
C ASP D 102 -47.96 17.21 -16.22
N GLY D 103 -46.64 17.30 -16.06
CA GLY D 103 -46.04 18.24 -15.14
C GLY D 103 -45.80 17.74 -13.73
N PHE D 104 -46.30 16.55 -13.39
CA PHE D 104 -46.12 16.04 -12.03
C PHE D 104 -45.44 14.67 -12.07
N PRO D 105 -44.49 14.44 -11.18
CA PRO D 105 -43.84 13.12 -11.14
C PRO D 105 -44.84 12.01 -10.88
N LEU D 106 -44.55 10.83 -11.45
CA LEU D 106 -45.44 9.68 -11.28
C LEU D 106 -45.65 9.35 -9.82
N THR D 107 -44.61 9.56 -8.98
CA THR D 107 -44.76 9.31 -7.55
C THR D 107 -45.82 10.20 -6.93
N ASP D 108 -46.02 11.41 -7.47
CA ASP D 108 -47.10 12.26 -6.96
C ASP D 108 -48.46 11.72 -7.36
N TRP D 109 -48.62 11.31 -8.62
CA TRP D 109 -49.84 10.65 -9.05
C TRP D 109 -50.08 9.39 -8.21
N TRP D 110 -49.02 8.65 -7.90
CA TRP D 110 -49.14 7.46 -7.09
C TRP D 110 -49.63 7.79 -5.70
N LEU D 111 -49.05 8.82 -5.08
CA LEU D 111 -49.42 9.18 -3.71
C LEU D 111 -50.88 9.61 -3.62
N ARG D 112 -51.42 10.20 -4.69
CA ARG D 112 -52.82 10.60 -4.68
C ARG D 112 -53.73 9.38 -4.60
N GLU D 113 -53.37 8.30 -5.29
CA GLU D 113 -54.20 7.09 -5.34
C GLU D 113 -53.27 5.89 -5.47
N PRO D 114 -52.75 5.40 -4.35
CA PRO D 114 -51.74 4.33 -4.40
C PRO D 114 -52.29 3.10 -5.10
N ARG D 115 -51.52 2.57 -6.05
CA ARG D 115 -51.90 1.38 -6.80
C ARG D 115 -51.59 0.10 -6.04
N SER D 116 -50.80 0.19 -4.98
CA SER D 116 -50.48 -0.93 -4.10
C SER D 116 -49.85 -0.37 -2.84
N ASP D 117 -49.19 -1.21 -2.05
CA ASP D 117 -48.38 -0.75 -0.94
C ASP D 117 -46.89 -0.78 -1.25
N ARG D 118 -46.53 -0.95 -2.52
CA ARG D 118 -45.14 -0.94 -2.99
C ARG D 118 -45.02 0.12 -4.07
N PHE D 119 -44.79 1.38 -3.66
CA PHE D 119 -44.62 2.45 -4.63
C PHE D 119 -43.48 2.16 -5.60
N ASP D 120 -42.42 1.50 -5.13
CA ASP D 120 -41.26 1.26 -5.99
C ASP D 120 -41.56 0.23 -7.07
N LYS D 121 -42.47 -0.71 -6.79
CA LYS D 121 -42.89 -1.67 -7.81
C LYS D 121 -43.78 -1.01 -8.85
N ASP D 122 -44.59 -0.03 -8.45
CA ASP D 122 -45.53 0.58 -9.37
C ASP D 122 -44.89 1.66 -10.22
N CYS D 123 -43.88 2.36 -9.69
CA CYS D 123 -43.34 3.55 -10.35
C CYS D 123 -42.00 3.33 -11.02
N PHE D 124 -41.26 2.27 -10.66
CA PHE D 124 -39.89 2.10 -11.13
C PHE D 124 -39.72 0.76 -11.83
N LEU D 125 -38.68 0.68 -12.66
CA LEU D 125 -38.30 -0.56 -13.33
C LEU D 125 -37.18 -1.30 -12.61
N VAL D 126 -36.27 -0.58 -11.98
CA VAL D 126 -34.99 -1.17 -11.58
C VAL D 126 -35.14 -2.12 -10.39
N GLY D 127 -36.04 -1.82 -9.46
CA GLY D 127 -36.19 -2.69 -8.30
C GLY D 127 -36.53 -4.12 -8.68
N THR D 128 -37.43 -4.30 -9.65
CA THR D 128 -37.77 -5.64 -10.09
C THR D 128 -36.60 -6.29 -10.85
N LEU D 129 -35.83 -5.50 -11.58
CA LEU D 129 -34.60 -6.02 -12.19
C LEU D 129 -33.68 -6.58 -11.13
N CYS D 130 -33.58 -5.90 -9.97
CA CYS D 130 -32.76 -6.42 -8.88
C CYS D 130 -33.34 -7.70 -8.31
N ASP D 131 -34.67 -7.76 -8.16
CA ASP D 131 -35.31 -8.97 -7.64
C ASP D 131 -35.04 -10.18 -8.54
N ASP D 132 -34.99 -9.97 -9.86
CA ASP D 132 -34.77 -11.05 -10.81
C ASP D 132 -33.31 -11.26 -11.15
N LEU D 133 -32.39 -10.61 -10.41
CA LEU D 133 -30.94 -10.84 -10.55
C LEU D 133 -30.45 -10.47 -11.95
N LYS D 134 -31.02 -9.44 -12.54
CA LYS D 134 -30.78 -9.15 -13.94
C LYS D 134 -29.50 -8.36 -14.15
N SER D 135 -28.90 -8.57 -15.32
CA SER D 135 -27.89 -7.67 -15.85
C SER D 135 -28.57 -6.45 -16.45
N PRO D 136 -28.01 -5.25 -16.29
CA PRO D 136 -28.54 -4.08 -16.99
C PRO D 136 -28.20 -4.06 -18.48
N ARG D 137 -27.32 -4.95 -18.92
CA ARG D 137 -26.89 -5.01 -20.31
C ARG D 137 -27.32 -6.31 -20.95
N GLN D 138 -27.82 -6.22 -22.18
CA GLN D 138 -28.11 -7.40 -22.97
C GLN D 138 -26.82 -8.12 -23.33
N LEU D 139 -26.97 -9.32 -23.91
CA LEU D 139 -25.80 -10.11 -24.25
C LEU D 139 -24.97 -9.49 -25.37
N ASN D 140 -25.53 -8.55 -26.13
CA ASN D 140 -24.76 -7.83 -27.14
C ASN D 140 -24.04 -6.62 -26.56
N GLY D 141 -24.07 -6.46 -25.23
CA GLY D 141 -23.38 -5.37 -24.57
C GLY D 141 -24.16 -4.09 -24.41
N GLU D 142 -25.38 -4.03 -24.95
CA GLU D 142 -26.17 -2.81 -24.93
C GLU D 142 -26.98 -2.69 -23.64
N LEU D 143 -26.99 -1.49 -23.07
CA LEU D 143 -27.83 -1.22 -21.91
C LEU D 143 -29.30 -1.37 -22.28
N PHE D 144 -30.10 -1.79 -21.31
CA PHE D 144 -31.52 -2.07 -21.58
C PHE D 144 -32.30 -0.81 -21.94
N GLU D 145 -31.79 0.37 -21.59
CA GLU D 145 -32.53 1.61 -21.84
C GLU D 145 -32.82 1.80 -23.32
N GLY D 146 -31.91 1.39 -24.21
CA GLY D 146 -32.11 1.57 -25.63
C GLY D 146 -33.34 0.89 -26.16
N GLY D 147 -33.69 -0.27 -25.60
CA GLY D 147 -34.86 -1.02 -26.04
C GLY D 147 -36.18 -0.52 -25.51
N LEU D 148 -36.17 0.43 -24.58
CA LEU D 148 -37.40 1.03 -24.09
C LEU D 148 -37.86 2.13 -25.03
N THR D 163 -28.97 9.70 -19.57
CA THR D 163 -29.61 8.45 -19.18
C THR D 163 -30.63 8.68 -18.08
N GLN D 164 -31.65 7.82 -18.01
CA GLN D 164 -32.55 7.82 -16.88
C GLN D 164 -32.08 6.89 -15.77
N PHE D 165 -31.00 6.15 -15.98
CA PHE D 165 -30.52 5.13 -15.03
C PHE D 165 -29.06 5.39 -14.71
N PRO D 166 -28.77 6.36 -13.85
CA PRO D 166 -27.37 6.68 -13.49
C PRO D 166 -26.81 5.70 -12.46
N TYR D 167 -26.47 4.49 -12.93
CA TYR D 167 -26.10 3.40 -12.04
C TYR D 167 -24.66 3.53 -11.57
N ALA D 168 -24.24 2.59 -10.72
CA ALA D 168 -22.89 2.59 -10.17
C ALA D 168 -22.40 1.14 -10.10
N TYR D 169 -21.42 0.88 -9.24
CA TYR D 169 -20.75 -0.42 -9.21
C TYR D 169 -20.51 -0.87 -7.79
N HIS D 170 -20.30 -2.17 -7.63
CA HIS D 170 -19.59 -2.74 -6.50
C HIS D 170 -18.22 -3.20 -7.00
N PHE D 171 -17.17 -2.98 -6.22
CA PHE D 171 -15.88 -3.54 -6.61
C PHE D 171 -15.02 -3.86 -5.40
N ASP D 172 -13.98 -4.63 -5.65
CA ASP D 172 -12.94 -4.90 -4.65
C ASP D 172 -12.02 -3.69 -4.57
N ALA D 173 -12.00 -3.03 -3.41
CA ALA D 173 -11.27 -1.77 -3.28
C ALA D 173 -9.78 -1.95 -3.50
N THR D 174 -9.22 -3.10 -3.07
CA THR D 174 -7.78 -3.31 -3.26
C THR D 174 -7.45 -3.55 -4.72
N LEU D 175 -8.29 -4.32 -5.43
CA LEU D 175 -8.02 -4.58 -6.84
C LEU D 175 -8.17 -3.32 -7.68
N VAL D 176 -9.15 -2.47 -7.35
CA VAL D 176 -9.28 -1.19 -8.05
C VAL D 176 -8.03 -0.34 -7.82
N ALA D 177 -7.54 -0.29 -6.58
CA ALA D 177 -6.33 0.47 -6.29
C ALA D 177 -5.14 -0.06 -7.09
N ASN D 178 -5.02 -1.39 -7.19
CA ASN D 178 -3.93 -1.98 -7.98
C ASN D 178 -4.10 -1.69 -9.46
N TYR D 179 -5.34 -1.74 -9.95
CA TYR D 179 -5.60 -1.46 -11.36
C TYR D 179 -5.25 -0.03 -11.70
N LEU D 180 -5.70 0.93 -10.88
CA LEU D 180 -5.37 2.33 -11.12
C LEU D 180 -3.87 2.58 -10.91
N ARG D 181 -3.23 1.81 -10.03
N ARG D 181 -3.23 1.82 -10.03
CA ARG D 181 -1.79 1.93 -9.84
CA ARG D 181 -1.78 1.94 -9.86
C ARG D 181 -1.03 1.57 -11.12
C ARG D 181 -1.04 1.60 -11.14
N ASP D 182 -1.39 0.45 -11.75
CA ASP D 182 -0.73 0.07 -13.00
C ASP D 182 -1.04 1.06 -14.11
N TYR D 183 -2.27 1.55 -14.17
CA TYR D 183 -2.65 2.58 -15.13
C TYR D 183 -1.78 3.82 -14.97
N ALA D 184 -1.63 4.31 -13.74
CA ALA D 184 -0.93 5.57 -13.52
C ALA D 184 0.57 5.43 -13.70
N VAL D 185 1.15 4.33 -13.23
CA VAL D 185 2.60 4.14 -13.35
C VAL D 185 2.99 3.97 -14.81
N ALA D 186 2.15 3.29 -15.60
CA ALA D 186 2.39 3.17 -17.03
C ALA D 186 2.37 4.53 -17.72
N ARG D 187 1.78 5.54 -17.09
CA ARG D 187 1.65 6.86 -17.69
C ARG D 187 2.50 7.92 -17.00
N GLY D 188 3.48 7.50 -16.19
CA GLY D 188 4.52 8.39 -15.72
C GLY D 188 4.53 8.69 -14.24
N VAL D 189 3.60 8.16 -13.44
CA VAL D 189 3.64 8.44 -12.01
C VAL D 189 4.82 7.73 -11.36
N LYS D 190 5.62 8.49 -10.62
CA LYS D 190 6.70 7.91 -9.84
C LYS D 190 6.13 7.26 -8.59
N HIS D 191 6.45 5.98 -8.38
CA HIS D 191 5.89 5.20 -7.29
C HIS D 191 6.99 4.94 -6.26
N VAL D 192 6.73 5.32 -5.01
CA VAL D 192 7.64 5.08 -3.90
C VAL D 192 6.90 4.21 -2.89
N LEU D 193 7.47 3.05 -2.59
CA LEU D 193 6.89 2.12 -1.62
C LEU D 193 7.69 2.27 -0.32
N ASP D 194 7.13 3.01 0.63
CA ASP D 194 7.84 3.31 1.87
C ASP D 194 6.85 3.92 2.86
N ASP D 195 7.24 3.92 4.13
CA ASP D 195 6.46 4.56 5.18
C ASP D 195 6.89 6.01 5.35
N VAL D 196 5.94 6.85 5.76
CA VAL D 196 6.21 8.26 6.03
C VAL D 196 6.57 8.38 7.51
N GLN D 197 7.81 8.79 7.78
CA GLN D 197 8.27 8.91 9.16
C GLN D 197 7.90 10.25 9.78
N ASP D 198 7.79 11.30 8.99
CA ASP D 198 7.54 12.63 9.52
C ASP D 198 7.12 13.55 8.38
N VAL D 199 6.39 14.60 8.74
CA VAL D 199 6.00 15.66 7.82
C VAL D 199 6.63 16.95 8.32
N ALA D 200 7.51 17.53 7.51
CA ALA D 200 8.23 18.73 7.89
C ALA D 200 7.58 19.96 7.27
N LEU D 201 7.45 21.01 8.07
CA LEU D 201 6.91 22.29 7.61
C LEU D 201 8.04 23.28 7.38
N ASP D 202 7.86 24.16 6.40
CA ASP D 202 8.82 25.23 6.17
C ASP D 202 8.51 26.39 7.11
N ASP D 203 9.24 27.49 6.97
CA ASP D 203 9.08 28.60 7.90
C ASP D 203 7.76 29.33 7.72
N ARG D 204 7.08 29.12 6.60
CA ARG D 204 5.79 29.75 6.34
C ARG D 204 4.61 28.92 6.86
N GLY D 205 4.87 27.76 7.45
CA GLY D 205 3.81 26.87 7.83
C GLY D 205 3.33 25.96 6.73
N TRP D 206 3.96 26.01 5.57
CA TRP D 206 3.63 25.13 4.46
C TRP D 206 4.43 23.83 4.57
N ILE D 207 3.91 22.78 3.94
CA ILE D 207 4.59 21.50 3.97
C ILE D 207 5.84 21.58 3.09
N SER D 208 6.98 21.24 3.69
CA SER D 208 8.25 21.27 2.97
C SER D 208 8.55 19.94 2.28
N HIS D 209 8.43 18.84 3.01
CA HIS D 209 8.73 17.52 2.48
C HIS D 209 8.20 16.48 3.46
N VAL D 210 8.13 15.24 3.00
CA VAL D 210 7.80 14.10 3.86
C VAL D 210 9.05 13.24 3.98
N VAL D 211 9.31 12.78 5.19
CA VAL D 211 10.47 11.94 5.48
C VAL D 211 10.03 10.49 5.40
N THR D 212 10.69 9.72 4.55
CA THR D 212 10.40 8.30 4.40
C THR D 212 11.41 7.45 5.19
N GLY D 213 11.09 6.17 5.30
CA GLY D 213 11.94 5.28 6.10
C GLY D 213 13.27 4.98 5.43
N GLU D 214 13.26 4.76 4.11
CA GLU D 214 14.48 4.37 3.43
C GLU D 214 14.58 4.90 2.00
N SER D 215 13.77 5.89 1.62
CA SER D 215 13.78 6.42 0.28
C SER D 215 14.13 7.89 0.23
N GLY D 216 14.53 8.48 1.34
CA GLY D 216 14.90 9.88 1.38
C GLY D 216 13.71 10.76 1.68
N ASN D 217 13.92 12.05 1.41
CA ASN D 217 12.89 13.07 1.58
C ASN D 217 12.21 13.33 0.25
N LEU D 218 10.88 13.42 0.27
CA LEU D 218 10.08 13.70 -0.91
C LEU D 218 9.55 15.11 -0.83
N THR D 219 9.93 15.94 -1.80
CA THR D 219 9.50 17.32 -1.86
C THR D 219 8.59 17.53 -3.06
N GLY D 220 7.89 18.66 -3.05
CA GLY D 220 6.98 18.98 -4.15
C GLY D 220 6.29 20.30 -3.87
N ASP D 221 5.52 20.73 -4.87
CA ASP D 221 4.76 21.97 -4.73
C ASP D 221 3.44 21.74 -4.02
N LEU D 222 2.73 20.68 -4.38
CA LEU D 222 1.42 20.37 -3.82
C LEU D 222 1.46 18.97 -3.22
N PHE D 223 0.97 18.84 -1.99
CA PHE D 223 0.90 17.57 -1.29
C PHE D 223 -0.56 17.16 -1.13
N ILE D 224 -0.88 15.93 -1.48
CA ILE D 224 -2.22 15.38 -1.34
C ILE D 224 -2.22 14.40 -0.17
N ASP D 225 -3.04 14.70 0.85
CA ASP D 225 -3.12 13.86 2.04
C ASP D 225 -4.15 12.76 1.78
N CYS D 226 -3.67 11.56 1.49
CA CYS D 226 -4.51 10.38 1.35
C CYS D 226 -4.20 9.35 2.43
N THR D 227 -3.87 9.83 3.63
CA THR D 227 -3.45 8.96 4.72
C THR D 227 -4.61 8.43 5.54
N GLY D 228 -5.85 8.74 5.17
CA GLY D 228 -6.99 8.19 5.88
C GLY D 228 -7.34 8.96 7.15
N PHE D 229 -8.00 8.26 8.07
CA PHE D 229 -8.44 8.86 9.32
C PHE D 229 -7.28 9.51 10.09
N ARG D 230 -6.06 8.98 9.94
CA ARG D 230 -4.92 9.54 10.66
C ARG D 230 -4.64 10.99 10.24
N SER D 231 -4.91 11.32 8.98
CA SER D 231 -4.74 12.67 8.43
C SER D 231 -3.40 13.28 8.85
N LEU D 232 -2.33 12.64 8.41
CA LEU D 232 -0.99 12.99 8.88
C LEU D 232 -0.59 14.40 8.46
N LEU D 233 -1.04 14.86 7.30
CA LEU D 233 -0.63 16.17 6.80
C LEU D 233 -1.60 17.26 7.23
N LEU D 234 -2.89 17.10 6.92
CA LEU D 234 -3.87 18.14 7.19
C LEU D 234 -4.21 18.24 8.67
N GLY D 235 -4.59 17.11 9.28
CA GLY D 235 -5.05 17.13 10.65
C GLY D 235 -3.94 17.19 11.68
N LYS D 236 -2.80 16.56 11.40
CA LYS D 236 -1.72 16.52 12.39
C LYS D 236 -0.68 17.59 12.12
N ALA D 237 0.02 17.49 10.99
CA ALA D 237 1.11 18.43 10.70
C ALA D 237 0.61 19.86 10.63
N LEU D 238 -0.52 20.09 9.94
CA LEU D 238 -1.08 21.43 9.82
C LEU D 238 -2.10 21.75 10.90
N ALA D 239 -2.44 20.78 11.76
CA ALA D 239 -3.32 20.99 12.92
C ALA D 239 -4.66 21.59 12.54
N GLU D 240 -5.20 21.24 11.38
CA GLU D 240 -6.48 21.80 10.98
C GLU D 240 -7.60 21.20 11.82
N PRO D 241 -8.47 22.02 12.42
CA PRO D 241 -9.53 21.47 13.27
C PRO D 241 -10.51 20.63 12.47
N PHE D 242 -11.17 19.70 13.17
CA PHE D 242 -12.09 18.75 12.58
C PHE D 242 -13.46 18.93 13.22
N GLN D 243 -14.51 18.98 12.40
CA GLN D 243 -15.87 19.15 12.87
C GLN D 243 -16.58 17.80 12.89
N SER D 244 -16.99 17.36 14.08
CA SER D 244 -17.66 16.08 14.22
C SER D 244 -19.12 16.18 13.83
N TYR D 245 -19.64 15.11 13.23
CA TYR D 245 -21.05 14.97 12.91
C TYR D 245 -21.80 14.10 13.92
N GLN D 246 -21.14 13.74 15.04
CA GLN D 246 -21.67 12.69 15.90
C GLN D 246 -22.97 13.09 16.60
N ASP D 247 -23.18 14.38 16.87
CA ASP D 247 -24.40 14.79 17.55
C ASP D 247 -25.64 14.52 16.70
N SER D 248 -25.49 14.47 15.38
CA SER D 248 -26.61 14.19 14.49
C SER D 248 -26.59 12.77 13.93
N LEU D 249 -25.42 12.14 13.83
CA LEU D 249 -25.29 10.78 13.31
C LEU D 249 -24.43 9.97 14.28
N PRO D 250 -25.04 9.16 15.17
CA PRO D 250 -24.27 8.51 16.23
C PRO D 250 -23.46 7.28 15.80
N ASN D 251 -23.69 6.73 14.61
CA ASN D 251 -22.99 5.52 14.20
C ASN D 251 -21.51 5.83 14.00
N ASP D 252 -20.66 5.26 14.86
CA ASP D 252 -19.23 5.56 14.86
C ASP D 252 -18.36 4.33 14.72
N SER D 253 -18.94 3.15 14.59
CA SER D 253 -18.17 1.91 14.62
C SER D 253 -18.68 0.97 13.55
N ALA D 254 -17.87 -0.04 13.24
CA ALA D 254 -18.27 -1.05 12.27
C ALA D 254 -17.50 -2.34 12.55
N VAL D 255 -18.16 -3.47 12.27
CA VAL D 255 -17.52 -4.77 12.24
C VAL D 255 -17.82 -5.39 10.88
N ALA D 256 -16.78 -5.88 10.21
CA ALA D 256 -16.92 -6.31 8.83
C ALA D 256 -16.43 -7.74 8.67
N LEU D 257 -17.04 -8.43 7.71
CA LEU D 257 -16.65 -9.78 7.33
C LEU D 257 -16.45 -9.83 5.82
N ARG D 258 -15.50 -10.65 5.39
CA ARG D 258 -15.22 -10.87 3.97
C ARG D 258 -15.47 -12.35 3.69
N VAL D 259 -16.55 -12.64 2.98
CA VAL D 259 -17.06 -14.01 2.86
C VAL D 259 -17.01 -14.49 1.42
N PRO D 260 -16.10 -15.39 1.07
CA PRO D 260 -16.13 -15.98 -0.27
C PRO D 260 -17.42 -16.75 -0.51
N GLN D 261 -17.84 -16.78 -1.77
CA GLN D 261 -19.07 -17.45 -2.14
C GLN D 261 -18.84 -18.93 -2.44
N GLY D 267 -26.42 -16.72 -8.23
CA GLY D 267 -27.22 -15.56 -7.88
C GLY D 267 -26.41 -14.33 -7.51
N LEU D 268 -26.35 -13.37 -8.44
CA LEU D 268 -25.68 -12.09 -8.22
C LEU D 268 -26.73 -10.99 -8.31
N ARG D 269 -27.15 -10.48 -7.16
CA ARG D 269 -28.14 -9.41 -7.16
C ARG D 269 -27.46 -8.07 -7.43
N PRO D 270 -27.91 -7.30 -8.43
CA PRO D 270 -27.24 -6.05 -8.80
C PRO D 270 -27.62 -4.86 -7.93
N CYS D 271 -27.46 -5.02 -6.61
CA CYS D 271 -27.75 -3.92 -5.71
C CYS D 271 -27.02 -4.13 -4.39
N THR D 272 -26.82 -3.03 -3.68
CA THR D 272 -26.40 -3.07 -2.29
C THR D 272 -27.63 -3.24 -1.40
N THR D 273 -27.49 -4.02 -0.33
CA THR D 273 -28.55 -4.20 0.63
C THR D 273 -28.18 -3.52 1.95
N ALA D 274 -29.10 -2.76 2.50
CA ALA D 274 -28.93 -2.08 3.79
C ALA D 274 -30.06 -2.56 4.71
N THR D 275 -29.73 -3.47 5.64
CA THR D 275 -30.71 -4.08 6.52
C THR D 275 -30.63 -3.44 7.89
N ALA D 276 -31.66 -2.67 8.25
CA ALA D 276 -31.66 -1.96 9.52
C ALA D 276 -31.63 -2.94 10.69
N GLN D 277 -30.84 -2.61 11.71
CA GLN D 277 -30.68 -3.42 12.91
C GLN D 277 -31.09 -2.60 14.13
N GLU D 278 -30.92 -3.19 15.32
CA GLU D 278 -31.33 -2.52 16.55
C GLU D 278 -30.46 -1.31 16.86
N ALA D 279 -29.22 -1.26 16.37
CA ALA D 279 -28.35 -0.13 16.70
C ALA D 279 -27.59 0.37 15.47
N GLY D 280 -28.17 0.20 14.29
CA GLY D 280 -27.53 0.62 13.06
C GLY D 280 -28.11 -0.18 11.89
N TRP D 281 -27.22 -0.66 11.03
CA TRP D 281 -27.66 -1.37 9.84
C TRP D 281 -26.52 -2.22 9.32
N ILE D 282 -26.88 -3.27 8.60
CA ILE D 282 -25.92 -4.21 8.03
C ILE D 282 -25.89 -4.04 6.52
N TRP D 283 -24.68 -3.95 5.97
CA TRP D 283 -24.51 -3.85 4.53
C TRP D 283 -24.20 -5.22 3.93
N THR D 284 -24.71 -5.45 2.73
CA THR D 284 -24.36 -6.62 1.93
C THR D 284 -23.93 -6.12 0.57
N ILE D 285 -22.67 -6.35 0.21
CA ILE D 285 -22.11 -5.87 -1.05
C ILE D 285 -21.64 -7.06 -1.87
N PRO D 286 -22.29 -7.38 -2.98
CA PRO D 286 -21.91 -8.58 -3.73
C PRO D 286 -20.87 -8.33 -4.80
N LEU D 287 -19.72 -8.97 -4.69
CA LEU D 287 -18.76 -9.02 -5.77
C LEU D 287 -19.04 -10.25 -6.61
N PHE D 288 -18.19 -10.55 -7.60
CA PHE D 288 -18.49 -11.66 -8.50
C PHE D 288 -18.37 -13.00 -7.80
N ASP D 289 -17.38 -13.17 -6.93
CA ASP D 289 -17.16 -14.46 -6.28
C ASP D 289 -17.09 -14.35 -4.76
N ARG D 290 -17.52 -13.23 -4.19
CA ARG D 290 -17.50 -13.09 -2.73
C ARG D 290 -18.44 -11.95 -2.35
N ILE D 291 -18.68 -11.82 -1.05
CA ILE D 291 -19.49 -10.75 -0.51
C ILE D 291 -18.70 -10.02 0.56
N GLY D 292 -18.84 -8.70 0.59
CA GLY D 292 -18.45 -7.91 1.74
C GLY D 292 -19.70 -7.58 2.55
N THR D 293 -19.63 -7.85 3.85
CA THR D 293 -20.78 -7.59 4.71
C THR D 293 -20.28 -7.09 6.06
N GLY D 294 -21.07 -6.19 6.66
CA GLY D 294 -20.66 -5.58 7.91
C GLY D 294 -21.82 -4.89 8.59
N TYR D 295 -21.59 -4.57 9.87
CA TYR D 295 -22.59 -3.93 10.72
C TYR D 295 -22.06 -2.55 11.08
N VAL D 296 -22.74 -1.50 10.60
CA VAL D 296 -22.48 -0.13 11.02
C VAL D 296 -23.35 0.15 12.24
N TYR D 297 -22.75 0.58 13.33
CA TYR D 297 -23.51 0.71 14.57
C TYR D 297 -22.98 1.85 15.42
N ALA D 298 -23.78 2.22 16.42
CA ALA D 298 -23.45 3.29 17.35
C ALA D 298 -22.91 2.65 18.63
N GLY D 299 -21.64 2.91 18.93
CA GLY D 299 -21.00 2.33 20.10
C GLY D 299 -21.62 2.75 21.42
N ASP D 300 -22.35 3.87 21.45
CA ASP D 300 -23.02 4.29 22.67
C ASP D 300 -24.24 3.43 23.00
N TYR D 301 -24.70 2.61 22.07
CA TYR D 301 -25.88 1.78 22.28
C TYR D 301 -25.57 0.30 22.46
N ILE D 302 -24.59 -0.25 21.73
CA ILE D 302 -24.21 -1.65 21.88
C ILE D 302 -22.69 -1.75 21.83
N SER D 303 -22.19 -2.88 22.34
CA SER D 303 -20.76 -3.15 22.42
C SER D 303 -20.26 -3.79 21.12
N PRO D 304 -18.95 -3.72 20.86
CA PRO D 304 -18.42 -4.44 19.69
C PRO D 304 -18.66 -5.94 19.75
N GLU D 305 -18.70 -6.52 20.94
CA GLU D 305 -19.01 -7.94 21.07
C GLU D 305 -20.42 -8.25 20.60
N GLU D 306 -21.40 -7.44 21.02
CA GLU D 306 -22.77 -7.66 20.58
C GLU D 306 -22.94 -7.34 19.11
N ALA D 307 -22.23 -6.35 18.59
CA ALA D 307 -22.31 -6.05 17.15
C ALA D 307 -21.80 -7.22 16.33
N GLU D 308 -20.66 -7.81 16.71
CA GLU D 308 -20.17 -8.98 16.00
C GLU D 308 -21.13 -10.16 16.13
N ARG D 309 -21.72 -10.33 17.31
CA ARG D 309 -22.69 -11.40 17.51
C ARG D 309 -23.91 -11.22 16.60
N THR D 310 -24.39 -9.98 16.49
CA THR D 310 -25.52 -9.70 15.61
C THR D 310 -25.17 -9.98 14.16
N LEU D 311 -23.98 -9.53 13.73
CA LEU D 311 -23.58 -9.70 12.33
C LEU D 311 -23.44 -11.16 11.96
N ARG D 312 -22.77 -11.95 12.82
CA ARG D 312 -22.56 -13.36 12.52
C ARG D 312 -23.88 -14.11 12.47
N ALA D 313 -24.81 -13.80 13.37
CA ALA D 313 -26.12 -14.44 13.33
C ALA D 313 -26.87 -14.10 12.04
N PHE D 314 -26.70 -12.87 11.54
CA PHE D 314 -27.40 -12.47 10.32
C PHE D 314 -26.80 -13.16 9.09
N VAL D 315 -25.47 -13.19 9.00
CA VAL D 315 -24.82 -13.80 7.84
C VAL D 315 -25.01 -15.32 7.86
N GLY D 316 -24.93 -15.93 9.03
CA GLY D 316 -25.16 -17.35 9.15
C GLY D 316 -23.88 -18.16 9.12
N PRO D 317 -24.01 -19.46 8.89
CA PRO D 317 -22.84 -20.36 9.01
C PRO D 317 -21.70 -20.04 8.06
N ALA D 318 -21.95 -19.31 6.97
CA ALA D 318 -20.88 -19.00 6.03
C ALA D 318 -19.81 -18.10 6.65
N ALA D 319 -20.15 -17.33 7.69
CA ALA D 319 -19.21 -16.45 8.37
C ALA D 319 -18.56 -17.10 9.58
N GLU D 320 -18.74 -18.41 9.77
CA GLU D 320 -18.25 -19.06 10.98
C GLU D 320 -16.75 -18.95 11.11
N HIS D 321 -16.02 -19.06 10.00
CA HIS D 321 -14.57 -19.03 10.00
C HIS D 321 -14.00 -17.72 9.45
N ALA D 322 -14.86 -16.73 9.22
CA ALA D 322 -14.40 -15.42 8.76
C ALA D 322 -13.95 -14.59 9.94
N ASP D 323 -12.79 -13.96 9.81
CA ASP D 323 -12.27 -13.09 10.86
C ASP D 323 -12.99 -11.75 10.84
N ALA D 324 -13.40 -11.29 12.02
CA ALA D 324 -14.11 -10.02 12.12
C ALA D 324 -13.12 -8.86 12.17
N ASN D 325 -13.36 -7.85 11.34
CA ASN D 325 -12.56 -6.64 11.32
C ASN D 325 -13.35 -5.54 12.02
N HIS D 326 -12.90 -5.13 13.19
CA HIS D 326 -13.55 -4.07 13.96
C HIS D 326 -12.89 -2.73 13.63
N ILE D 327 -13.70 -1.76 13.23
CA ILE D 327 -13.23 -0.46 12.77
C ILE D 327 -13.87 0.62 13.61
N LYS D 328 -13.09 1.65 13.95
CA LYS D 328 -13.63 2.89 14.50
C LYS D 328 -13.59 3.96 13.42
N MET D 329 -14.73 4.62 13.21
CA MET D 329 -14.87 5.61 12.15
C MET D 329 -14.77 7.02 12.73
N ARG D 330 -14.14 7.92 11.96
CA ARG D 330 -14.09 9.34 12.27
C ARG D 330 -15.17 10.03 11.45
N ILE D 331 -16.28 10.37 12.10
CA ILE D 331 -17.47 10.87 11.41
C ILE D 331 -17.51 12.39 11.54
N GLY D 332 -17.52 13.06 10.39
CA GLY D 332 -17.50 14.51 10.35
C GLY D 332 -16.69 14.98 9.17
N ARG D 333 -16.23 16.23 9.25
CA ARG D 333 -15.45 16.80 8.17
C ARG D 333 -14.45 17.80 8.74
N SER D 334 -13.33 17.94 8.04
CA SER D 334 -12.37 18.98 8.39
C SER D 334 -13.00 20.35 8.18
N ASN D 335 -12.60 21.31 9.02
CA ASN D 335 -13.01 22.69 8.83
C ASN D 335 -12.66 23.16 7.42
N ARG D 336 -11.43 22.89 7.00
CA ARG D 336 -10.96 23.21 5.66
C ARG D 336 -10.25 21.99 5.10
N HIS D 337 -10.35 21.82 3.79
CA HIS D 337 -9.80 20.65 3.11
C HIS D 337 -8.58 20.97 2.27
N TRP D 338 -8.43 22.22 1.86
CA TRP D 338 -7.23 22.72 1.20
C TRP D 338 -6.67 23.81 2.09
N VAL D 339 -5.52 23.55 2.70
CA VAL D 339 -4.83 24.49 3.58
C VAL D 339 -3.40 24.63 3.09
N ASN D 340 -2.98 25.88 2.83
CA ASN D 340 -1.65 26.16 2.29
C ASN D 340 -1.41 25.33 1.04
N ASN D 341 -0.39 24.47 1.02
CA ASN D 341 -0.11 23.63 -0.13
C ASN D 341 -0.52 22.18 0.10
N CYS D 342 -1.57 21.94 0.88
CA CYS D 342 -2.01 20.59 1.19
C CYS D 342 -3.51 20.46 0.94
N VAL D 343 -3.90 19.42 0.20
CA VAL D 343 -5.30 19.08 -0.03
C VAL D 343 -5.52 17.65 0.43
N ALA D 344 -6.52 17.43 1.28
CA ALA D 344 -6.87 16.10 1.74
C ALA D 344 -7.91 15.48 0.83
N VAL D 345 -7.69 14.22 0.48
CA VAL D 345 -8.61 13.45 -0.35
C VAL D 345 -8.90 12.14 0.37
N GLY D 346 -10.17 11.81 0.54
CA GLY D 346 -10.56 10.59 1.22
C GLY D 346 -10.92 10.80 2.68
N LEU D 347 -10.71 9.75 3.49
CA LEU D 347 -11.07 9.82 4.91
C LEU D 347 -10.34 10.93 5.65
N SER D 348 -9.18 11.35 5.16
CA SER D 348 -8.46 12.46 5.78
C SER D 348 -9.26 13.76 5.72
N SER D 349 -10.11 13.91 4.71
CA SER D 349 -10.94 15.10 4.53
C SER D 349 -12.24 15.04 5.33
N GLY D 350 -12.87 13.88 5.35
CA GLY D 350 -14.12 13.73 6.07
C GLY D 350 -14.71 12.37 5.77
N PHE D 351 -15.78 12.04 6.51
CA PHE D 351 -16.41 10.74 6.32
C PHE D 351 -17.77 10.73 7.01
N VAL D 352 -18.70 10.01 6.40
CA VAL D 352 -19.94 9.60 7.03
C VAL D 352 -20.12 8.11 6.78
N GLU D 353 -20.96 7.48 7.59
CA GLU D 353 -21.27 6.06 7.45
C GLU D 353 -21.68 5.76 6.01
N PRO D 354 -21.34 4.59 5.48
CA PRO D 354 -21.59 4.33 4.05
C PRO D 354 -23.03 3.97 3.72
N LEU D 355 -24.00 4.62 4.38
CA LEU D 355 -25.41 4.26 4.19
C LEU D 355 -25.88 4.51 2.76
N GLU D 356 -25.36 5.55 2.12
CA GLU D 356 -25.69 5.81 0.72
C GLU D 356 -24.44 5.76 -0.15
N SER D 357 -23.42 5.03 0.31
CA SER D 357 -22.25 4.66 -0.50
C SER D 357 -21.55 5.89 -1.08
N THR D 358 -21.09 6.76 -0.19
CA THR D 358 -20.56 8.06 -0.62
C THR D 358 -19.04 8.19 -0.53
N GLY D 359 -18.34 7.16 -0.04
CA GLY D 359 -16.89 7.30 0.15
C GLY D 359 -16.15 7.58 -1.15
N ILE D 360 -16.34 6.73 -2.16
CA ILE D 360 -15.70 6.96 -3.46
C ILE D 360 -16.23 8.25 -4.09
N PHE D 361 -17.48 8.60 -3.81
CA PHE D 361 -18.04 9.84 -4.34
C PHE D 361 -17.31 11.06 -3.78
N PHE D 362 -17.05 11.05 -2.47
CA PHE D 362 -16.29 12.15 -1.86
C PHE D 362 -14.91 12.27 -2.47
N ILE D 363 -14.25 11.14 -2.71
CA ILE D 363 -12.91 11.14 -3.31
C ILE D 363 -12.97 11.73 -4.72
N GLN D 364 -13.89 11.23 -5.54
CA GLN D 364 -13.99 11.71 -6.92
C GLN D 364 -14.33 13.20 -6.97
N HIS D 365 -15.27 13.65 -6.12
CA HIS D 365 -15.58 15.07 -6.05
C HIS D 365 -14.35 15.88 -5.68
N ALA D 366 -13.58 15.41 -4.70
CA ALA D 366 -12.40 16.13 -4.26
C ALA D 366 -11.37 16.26 -5.38
N ILE D 367 -11.21 15.20 -6.17
CA ILE D 367 -10.22 15.21 -7.25
C ILE D 367 -10.71 16.06 -8.42
N GLU D 368 -11.97 15.86 -8.83
CA GLU D 368 -12.52 16.65 -9.93
C GLU D 368 -12.44 18.14 -9.62
N GLN D 369 -12.79 18.54 -8.40
CA GLN D 369 -12.75 19.94 -8.03
C GLN D 369 -11.33 20.44 -7.79
N LEU D 370 -10.39 19.56 -7.45
CA LEU D 370 -9.00 19.99 -7.36
C LEU D 370 -8.45 20.32 -8.75
N VAL D 371 -8.77 19.49 -9.75
CA VAL D 371 -8.40 19.81 -11.12
C VAL D 371 -9.03 21.13 -11.55
N LYS D 372 -10.33 21.31 -11.26
CA LYS D 372 -11.00 22.54 -11.66
C LYS D 372 -10.40 23.77 -10.97
N HIS D 373 -10.00 23.62 -9.70
CA HIS D 373 -9.43 24.72 -8.94
C HIS D 373 -7.92 24.63 -8.79
N PHE D 374 -7.26 23.93 -9.71
CA PHE D 374 -5.83 23.68 -9.55
C PHE D 374 -5.08 25.01 -9.55
N PRO D 375 -4.14 25.21 -8.64
CA PRO D 375 -3.43 26.49 -8.56
C PRO D 375 -2.24 26.56 -9.51
N ASP D 376 -1.77 27.78 -9.73
CA ASP D 376 -0.45 28.01 -10.27
C ASP D 376 0.44 28.52 -9.15
N GLU D 377 1.63 28.99 -9.50
CA GLU D 377 2.58 29.45 -8.49
C GLU D 377 2.07 30.63 -7.68
N ARG D 378 0.99 31.29 -8.13
CA ARG D 378 0.43 32.40 -7.37
C ARG D 378 -0.38 31.94 -6.17
N TRP D 379 -0.79 30.67 -6.13
CA TRP D 379 -1.56 30.09 -5.04
C TRP D 379 -2.67 31.02 -4.58
N ASP D 380 -3.52 31.38 -5.53
CA ASP D 380 -4.64 32.29 -5.25
C ASP D 380 -5.48 31.73 -4.10
N ASP D 381 -5.58 32.49 -3.01
CA ASP D 381 -6.34 31.99 -1.87
C ASP D 381 -7.83 31.87 -2.18
N GLY D 382 -8.32 32.59 -3.19
CA GLY D 382 -9.70 32.43 -3.61
C GLY D 382 -10.00 31.02 -4.11
N LEU D 383 -8.99 30.34 -4.65
CA LEU D 383 -9.20 28.95 -5.08
C LEU D 383 -9.44 28.05 -3.87
N ARG D 384 -8.69 28.27 -2.78
CA ARG D 384 -8.92 27.50 -1.56
C ARG D 384 -10.30 27.78 -0.97
N THR D 385 -10.68 29.06 -0.92
CA THR D 385 -11.97 29.45 -0.34
C THR D 385 -13.11 28.77 -1.10
N ALA D 386 -13.08 28.83 -2.44
CA ALA D 386 -14.11 28.19 -3.23
C ALA D 386 -14.09 26.67 -3.06
N TYR D 387 -12.90 26.08 -3.14
CA TYR D 387 -12.77 24.62 -3.03
C TYR D 387 -13.30 24.13 -1.68
N ASN D 388 -12.94 24.82 -0.60
CA ASN D 388 -13.39 24.40 0.72
C ASN D 388 -14.90 24.53 0.87
N LYS D 389 -15.49 25.57 0.28
CA LYS D 389 -16.94 25.72 0.35
C LYS D 389 -17.65 24.61 -0.41
N LEU D 390 -17.13 24.23 -1.57
CA LEU D 390 -17.75 23.17 -2.36
C LEU D 390 -17.72 21.84 -1.62
N VAL D 391 -16.56 21.49 -1.05
CA VAL D 391 -16.47 20.22 -0.33
C VAL D 391 -17.33 20.26 0.93
N ASN D 392 -17.30 21.38 1.66
CA ASN D 392 -18.11 21.48 2.87
C ASN D 392 -19.60 21.36 2.56
N ASN D 393 -20.03 21.93 1.43
CA ASN D 393 -21.44 21.82 1.05
C ASN D 393 -21.80 20.40 0.67
N VAL D 394 -20.91 19.70 -0.03
CA VAL D 394 -21.16 18.30 -0.37
C VAL D 394 -21.33 17.46 0.90
N MET D 395 -20.40 17.61 1.84
CA MET D 395 -20.45 16.76 3.03
CA MET D 395 -20.42 16.81 3.06
C MET D 395 -21.62 17.15 3.93
N ASP D 396 -21.88 18.44 4.12
CA ASP D 396 -23.02 18.86 4.94
C ASP D 396 -24.33 18.41 4.30
N GLY D 397 -24.42 18.44 2.97
CA GLY D 397 -25.65 18.01 2.31
C GLY D 397 -25.90 16.53 2.49
N VAL D 398 -24.84 15.71 2.35
CA VAL D 398 -24.97 14.28 2.57
C VAL D 398 -25.32 13.99 4.03
N ARG D 399 -24.70 14.73 4.96
CA ARG D 399 -25.05 14.58 6.37
C ARG D 399 -26.54 14.78 6.61
N GLU D 400 -27.12 15.82 6.01
CA GLU D 400 -28.54 16.06 6.14
C GLU D 400 -29.36 14.92 5.52
N PHE D 401 -28.96 14.47 4.32
CA PHE D 401 -29.66 13.37 3.68
C PHE D 401 -29.65 12.12 4.55
N LEU D 402 -28.52 11.85 5.21
CA LEU D 402 -28.44 10.66 6.06
C LEU D 402 -29.28 10.82 7.32
N VAL D 403 -29.30 12.02 7.92
CA VAL D 403 -30.16 12.26 9.08
C VAL D 403 -31.60 11.93 8.74
N VAL D 404 -32.04 12.26 7.53
CA VAL D 404 -33.40 11.99 7.09
C VAL D 404 -33.68 10.48 7.08
N HIS D 405 -32.67 9.67 6.76
CA HIS D 405 -32.86 8.22 6.76
C HIS D 405 -33.33 7.72 8.11
N TYR D 406 -32.74 8.23 9.19
CA TYR D 406 -33.12 7.80 10.54
C TYR D 406 -34.31 8.56 11.08
N TYR D 407 -34.46 9.83 10.71
CA TYR D 407 -35.60 10.62 11.19
C TYR D 407 -36.90 10.16 10.54
N ALA D 408 -36.87 9.89 9.24
CA ALA D 408 -38.08 9.54 8.50
C ALA D 408 -38.39 8.04 8.54
N ALA D 409 -37.47 7.21 9.02
CA ALA D 409 -37.76 5.79 9.18
C ALA D 409 -38.88 5.62 10.20
N LYS D 410 -39.96 4.94 9.79
CA LYS D 410 -41.15 4.92 10.63
C LYS D 410 -40.90 4.20 11.95
N ARG D 411 -40.00 3.21 11.96
CA ARG D 411 -39.81 2.40 13.15
C ARG D 411 -39.32 3.24 14.32
N GLN D 412 -39.90 2.98 15.49
CA GLN D 412 -39.45 3.55 16.76
C GLN D 412 -39.53 2.46 17.82
N ASP D 413 -39.03 1.28 17.48
CA ASP D 413 -39.23 0.06 18.25
C ASP D 413 -38.27 -0.08 19.43
N ASN D 414 -37.29 0.81 19.57
CA ASN D 414 -36.39 0.77 20.72
C ASN D 414 -35.85 2.18 20.95
N GLN D 415 -34.90 2.30 21.87
CA GLN D 415 -34.37 3.62 22.21
C GLN D 415 -33.59 4.23 21.06
N TYR D 416 -32.81 3.40 20.35
CA TYR D 416 -32.02 3.89 19.23
C TYR D 416 -32.90 4.55 18.17
N TRP D 417 -33.94 3.85 17.73
CA TRP D 417 -34.78 4.36 16.66
C TRP D 417 -35.74 5.44 17.13
N LYS D 418 -36.00 5.52 18.44
CA LYS D 418 -36.75 6.66 18.96
C LYS D 418 -35.87 7.90 19.06
N ASP D 419 -34.64 7.74 19.55
CA ASP D 419 -33.71 8.86 19.65
C ASP D 419 -33.43 9.49 18.30
N ALA D 420 -33.54 8.72 17.22
CA ALA D 420 -33.29 9.26 15.88
C ALA D 420 -34.23 10.40 15.52
N LYS D 421 -35.38 10.51 16.19
CA LYS D 421 -36.35 11.55 15.89
C LYS D 421 -36.23 12.76 16.79
N THR D 422 -35.54 12.64 17.93
CA THR D 422 -35.41 13.73 18.89
C THR D 422 -34.02 14.35 18.90
N ARG D 423 -33.07 13.82 18.14
CA ARG D 423 -31.75 14.42 18.09
C ARG D 423 -31.82 15.78 17.41
N PRO D 424 -30.90 16.69 17.75
CA PRO D 424 -30.89 18.01 17.10
C PRO D 424 -30.65 17.88 15.61
N LEU D 425 -31.48 18.55 14.82
CA LEU D 425 -31.39 18.48 13.38
C LEU D 425 -30.46 19.55 12.84
N PRO D 426 -29.73 19.25 11.75
CA PRO D 426 -28.86 20.26 11.15
C PRO D 426 -29.67 21.47 10.65
N ASP D 427 -28.98 22.59 10.55
CA ASP D 427 -29.63 23.86 10.22
C ASP D 427 -30.37 23.76 8.89
N GLY D 428 -31.62 24.24 8.89
CA GLY D 428 -32.43 24.26 7.70
C GLY D 428 -33.22 23.00 7.41
N LEU D 429 -32.93 21.90 8.10
CA LEU D 429 -33.64 20.65 7.80
C LEU D 429 -35.07 20.68 8.34
N ALA D 430 -35.28 21.31 9.50
CA ALA D 430 -36.62 21.38 10.07
C ALA D 430 -37.59 22.05 9.10
N GLU D 431 -37.16 23.11 8.43
CA GLU D 431 -38.03 23.80 7.47
C GLU D 431 -38.29 22.93 6.25
N ARG D 432 -37.27 22.24 5.75
CA ARG D 432 -37.46 21.38 4.58
C ARG D 432 -38.38 20.20 4.91
N LEU D 433 -38.25 19.63 6.10
CA LEU D 433 -39.13 18.54 6.50
C LEU D 433 -40.59 18.98 6.49
N GLU D 434 -40.86 20.22 6.92
CA GLU D 434 -42.22 20.75 6.85
C GLU D 434 -42.68 20.88 5.40
N ARG D 435 -41.78 21.33 4.51
CA ARG D 435 -42.15 21.48 3.11
C ARG D 435 -42.42 20.13 2.46
N TRP D 436 -41.68 19.10 2.85
CA TRP D 436 -41.87 17.78 2.26
C TRP D 436 -43.20 17.15 2.65
N GLN D 437 -43.79 17.56 3.77
CA GLN D 437 -45.09 17.05 4.18
C GLN D 437 -46.24 17.85 3.58
N THR D 438 -45.94 18.88 2.80
CA THR D 438 -46.91 19.57 1.96
C THR D 438 -46.86 19.11 0.52
N ARG D 439 -45.66 19.00 -0.06
CA ARG D 439 -45.46 18.42 -1.38
C ARG D 439 -44.15 17.64 -1.38
N LEU D 440 -44.11 16.58 -2.19
CA LEU D 440 -42.94 15.73 -2.25
C LEU D 440 -41.70 16.53 -2.66
N PRO D 441 -40.52 16.11 -2.18
CA PRO D 441 -39.29 16.88 -2.46
C PRO D 441 -39.05 17.13 -3.95
N ASP D 442 -38.54 18.32 -4.26
CA ASP D 442 -38.07 18.62 -5.60
C ASP D 442 -36.80 19.46 -5.48
N ASN D 443 -36.30 19.93 -6.62
CA ASN D 443 -35.01 20.64 -6.66
C ASN D 443 -35.00 21.84 -5.73
N GLU D 444 -36.13 22.54 -5.60
CA GLU D 444 -36.17 23.77 -4.83
C GLU D 444 -36.52 23.56 -3.36
N SER D 445 -36.71 22.32 -2.90
CA SER D 445 -37.03 22.08 -1.49
C SER D 445 -36.07 21.12 -0.82
N VAL D 446 -34.94 20.79 -1.46
CA VAL D 446 -33.88 20.03 -0.82
C VAL D 446 -32.70 20.97 -0.57
N PHE D 447 -31.72 20.47 0.19
CA PHE D 447 -30.47 21.17 0.49
C PHE D 447 -29.96 21.87 -0.76
N PRO D 448 -29.84 23.21 -0.75
CA PRO D 448 -29.75 23.96 -2.02
C PRO D 448 -28.34 24.10 -2.57
N HIS D 449 -27.46 23.17 -2.26
CA HIS D 449 -26.13 23.14 -2.84
C HIS D 449 -25.84 21.73 -3.32
N TYR D 450 -24.93 21.62 -4.30
CA TYR D 450 -24.62 20.31 -4.84
C TYR D 450 -24.09 19.39 -3.74
N HIS D 451 -24.71 18.22 -3.62
CA HIS D 451 -24.22 17.22 -2.69
C HIS D 451 -24.42 15.82 -3.24
N GLY D 452 -24.32 15.68 -4.56
CA GLY D 452 -24.40 14.40 -5.23
C GLY D 452 -25.83 13.97 -5.52
N PHE D 453 -26.63 13.86 -4.46
CA PHE D 453 -27.96 13.25 -4.59
C PHE D 453 -28.95 14.20 -5.23
N GLU D 454 -29.78 13.64 -6.09
CA GLU D 454 -30.81 14.36 -6.84
C GLU D 454 -32.15 14.24 -6.10
N SER D 455 -33.11 15.07 -6.54
N SER D 455 -33.11 15.05 -6.55
CA SER D 455 -34.38 15.15 -5.83
CA SER D 455 -34.38 15.16 -5.84
C SER D 455 -35.13 13.83 -5.83
C SER D 455 -35.17 13.85 -5.87
N TYR D 456 -34.97 13.03 -6.90
CA TYR D 456 -35.68 11.75 -6.97
C TYR D 456 -35.27 10.82 -5.84
N SER D 457 -34.03 10.94 -5.35
CA SER D 457 -33.58 10.11 -4.24
C SER D 457 -34.31 10.46 -2.95
N TYR D 458 -34.57 11.76 -2.73
CA TYR D 458 -35.33 12.17 -1.55
C TYR D 458 -36.76 11.66 -1.62
N VAL D 459 -37.38 11.75 -2.80
CA VAL D 459 -38.74 11.26 -2.97
C VAL D 459 -38.83 9.77 -2.66
N CYS D 460 -37.90 8.99 -3.22
CA CYS D 460 -37.93 7.54 -3.02
CA CYS D 460 -37.94 7.54 -3.01
C CYS D 460 -37.76 7.20 -1.54
N MET D 461 -36.79 7.82 -0.87
CA MET D 461 -36.52 7.48 0.52
C MET D 461 -37.70 7.83 1.40
N LEU D 462 -38.31 9.01 1.22
CA LEU D 462 -39.44 9.39 2.04
C LEU D 462 -40.61 8.43 1.88
N LEU D 463 -40.91 8.05 0.64
CA LEU D 463 -42.02 7.12 0.39
C LEU D 463 -41.74 5.76 1.01
N GLY D 464 -40.48 5.29 0.94
CA GLY D 464 -40.16 3.99 1.48
C GLY D 464 -40.02 3.99 2.99
N LEU D 465 -39.37 5.01 3.56
CA LEU D 465 -39.17 5.05 5.00
C LEU D 465 -40.49 5.19 5.75
N GLY D 466 -41.43 5.97 5.22
CA GLY D 466 -42.82 5.94 5.64
C GLY D 466 -43.14 6.65 6.94
N GLY D 467 -42.19 7.37 7.53
CA GLY D 467 -42.44 7.97 8.84
C GLY D 467 -43.08 9.34 8.81
N LEU D 468 -42.94 10.05 7.69
CA LEU D 468 -43.52 11.38 7.56
C LEU D 468 -44.92 11.30 6.97
N ASP D 469 -45.75 12.29 7.31
CA ASP D 469 -47.10 12.40 6.78
C ASP D 469 -47.04 13.15 5.45
N LEU D 470 -47.00 12.40 4.35
CA LEU D 470 -46.86 12.99 3.02
C LEU D 470 -48.23 13.20 2.39
N LYS D 471 -48.35 14.29 1.63
CA LYS D 471 -49.58 14.62 0.92
C LYS D 471 -49.30 14.73 -0.58
N SER D 472 -50.27 14.31 -1.38
CA SER D 472 -50.18 14.53 -2.82
C SER D 472 -50.68 15.92 -3.17
N SER D 473 -50.34 16.36 -4.37
CA SER D 473 -50.72 17.69 -4.82
C SER D 473 -52.22 17.74 -5.11
N PRO D 474 -52.99 18.62 -4.46
CA PRO D 474 -54.43 18.69 -4.73
C PRO D 474 -54.77 18.99 -6.19
N ALA D 475 -53.87 19.61 -6.93
CA ALA D 475 -54.16 19.95 -8.32
C ALA D 475 -54.49 18.73 -9.15
N LEU D 476 -53.92 17.57 -8.79
CA LEU D 476 -54.18 16.34 -9.53
C LEU D 476 -55.66 15.99 -9.57
N GLY D 477 -56.42 16.39 -8.54
CA GLY D 477 -57.85 16.16 -8.54
C GLY D 477 -58.62 16.98 -9.52
N LEU D 478 -57.97 17.94 -10.19
CA LEU D 478 -58.59 18.76 -11.21
C LEU D 478 -58.07 18.44 -12.61
N MET D 479 -57.36 17.32 -12.77
CA MET D 479 -56.68 17.00 -14.02
C MET D 479 -57.12 15.66 -14.56
N ASP D 480 -56.88 15.46 -15.85
CA ASP D 480 -57.16 14.18 -16.49
C ASP D 480 -56.31 13.09 -15.88
N ALA D 481 -56.95 12.02 -15.41
CA ALA D 481 -56.25 10.90 -14.79
C ALA D 481 -55.77 9.86 -15.78
N ALA D 482 -56.22 9.92 -17.03
CA ALA D 482 -55.84 8.90 -18.01
C ALA D 482 -54.34 8.85 -18.29
N PRO D 483 -53.62 9.96 -18.47
CA PRO D 483 -52.17 9.85 -18.73
C PRO D 483 -51.40 9.16 -17.62
N ALA D 484 -51.78 9.35 -16.36
CA ALA D 484 -51.10 8.66 -15.27
C ALA D 484 -51.44 7.17 -15.29
N ARG D 485 -52.71 6.83 -15.54
CA ARG D 485 -53.10 5.44 -15.68
C ARG D 485 -52.32 4.77 -16.82
N HIS D 486 -52.16 5.48 -17.94
CA HIS D 486 -51.38 4.93 -19.05
C HIS D 486 -49.93 4.71 -18.66
N GLU D 487 -49.36 5.61 -17.86
CA GLU D 487 -47.95 5.48 -17.49
C GLU D 487 -47.72 4.29 -16.56
N PHE D 488 -48.63 4.09 -15.59
CA PHE D 488 -48.49 2.94 -14.70
C PHE D 488 -48.58 1.63 -15.47
N LYS D 489 -49.48 1.58 -16.45
CA LYS D 489 -49.60 0.39 -17.29
C LYS D 489 -48.33 0.18 -18.10
N LEU D 490 -47.73 1.27 -18.59
CA LEU D 490 -46.51 1.17 -19.38
C LEU D 490 -45.34 0.64 -18.55
N VAL D 491 -45.23 1.10 -17.30
CA VAL D 491 -44.19 0.59 -16.41
C VAL D 491 -44.29 -0.93 -16.29
N GLY D 492 -45.51 -1.44 -16.09
CA GLY D 492 -45.68 -2.88 -15.99
C GLY D 492 -45.38 -3.62 -17.28
N GLU D 493 -45.71 -3.02 -18.42
CA GLU D 493 -45.41 -3.65 -19.69
C GLU D 493 -43.91 -3.69 -19.96
N GLN D 494 -43.21 -2.58 -19.67
CA GLN D 494 -41.76 -2.55 -19.84
C GLN D 494 -41.08 -3.49 -18.86
N ALA D 495 -41.60 -3.57 -17.63
CA ALA D 495 -41.06 -4.52 -16.67
C ALA D 495 -41.15 -5.95 -17.19
N ALA D 496 -42.28 -6.31 -17.79
CA ALA D 496 -42.44 -7.66 -18.32
C ALA D 496 -41.49 -7.92 -19.49
N GLU D 497 -41.31 -6.91 -20.34
CA GLU D 497 -40.39 -7.06 -21.47
C GLU D 497 -38.95 -7.27 -21.00
N LEU D 498 -38.52 -6.51 -19.99
CA LEU D 498 -37.16 -6.66 -19.49
C LEU D 498 -36.97 -8.00 -18.77
N ALA D 499 -37.97 -8.44 -18.02
CA ALA D 499 -37.88 -9.73 -17.34
C ALA D 499 -37.71 -10.87 -18.33
N ARG D 500 -38.29 -10.74 -19.53
CA ARG D 500 -38.27 -11.83 -20.50
C ARG D 500 -37.06 -11.78 -21.43
N THR D 501 -36.34 -10.66 -21.51
CA THR D 501 -35.25 -10.53 -22.46
C THR D 501 -33.88 -10.36 -21.82
N LEU D 502 -33.79 -9.74 -20.65
CA LEU D 502 -32.49 -9.49 -20.05
C LEU D 502 -31.89 -10.77 -19.50
N PRO D 503 -30.60 -11.00 -19.66
CA PRO D 503 -29.94 -12.11 -18.98
C PRO D 503 -29.71 -11.79 -17.52
N THR D 504 -29.45 -12.84 -16.74
CA THR D 504 -29.06 -12.62 -15.36
C THR D 504 -27.65 -12.01 -15.33
N GLN D 505 -27.34 -11.33 -14.23
CA GLN D 505 -26.03 -10.68 -14.13
C GLN D 505 -24.91 -11.73 -14.15
N TYR D 506 -25.13 -12.86 -13.48
CA TYR D 506 -24.20 -13.98 -13.60
C TYR D 506 -23.99 -14.37 -15.06
N GLU D 507 -25.08 -14.50 -15.80
CA GLU D 507 -25.01 -14.94 -17.19
C GLU D 507 -24.22 -13.94 -18.03
N TYR D 508 -24.35 -12.65 -17.75
CA TYR D 508 -23.70 -11.64 -18.57
C TYR D 508 -22.18 -11.71 -18.43
N PHE D 509 -21.68 -11.79 -17.20
CA PHE D 509 -20.24 -11.72 -16.94
C PHE D 509 -19.47 -12.91 -17.51
N ALA D 510 -20.18 -13.87 -18.07
CA ALA D 510 -19.52 -14.97 -18.77
C ALA D 510 -19.85 -14.97 -20.27
#